data_1XWW
# 
_entry.id   1XWW 
# 
_audit_conform.dict_name       mmcif_pdbx.dic 
_audit_conform.dict_version    5.376 
_audit_conform.dict_location   http://mmcif.pdb.org/dictionaries/ascii/mmcif_pdbx.dic 
# 
loop_
_database_2.database_id 
_database_2.database_code 
_database_2.pdbx_database_accession 
_database_2.pdbx_DOI 
PDB   1XWW         pdb_00001xww 10.2210/pdb1xww/pdb 
RCSB  RCSB030860   ?            ?                   
WWPDB D_1000030860 ?            ?                   
# 
_pdbx_database_related.db_name        PDB 
_pdbx_database_related.db_id          5PNT 
_pdbx_database_related.details        'Human A-form isoenzyme' 
_pdbx_database_related.content_type   unspecified 
# 
_pdbx_database_status.status_code                     REL 
_pdbx_database_status.entry_id                        1XWW 
_pdbx_database_status.recvd_initial_deposition_date   2004-11-02 
_pdbx_database_status.deposit_site                    RCSB 
_pdbx_database_status.process_site                    RCSB 
_pdbx_database_status.status_code_sf                  REL 
_pdbx_database_status.status_code_mr                  ? 
_pdbx_database_status.SG_entry                        ? 
_pdbx_database_status.pdb_format_compatible           Y 
_pdbx_database_status.status_code_cs                  ? 
_pdbx_database_status.status_code_nmr_data            ? 
_pdbx_database_status.methods_development_category    ? 
# 
loop_
_audit_author.name 
_audit_author.pdbx_ordinal 
'Stauffacher, C.V.' 1 
'Zabell, A.P.R.'    2 
# 
_citation.id                        primary 
_citation.title                     
'Crystal structure of the human B-form low molecular weight phosphotyrosyl phosphatase at 1.6-A resolution.' 
_citation.journal_abbrev            J.Biol.Chem. 
_citation.journal_volume            281 
_citation.page_first                6520 
_citation.page_last                 6527 
_citation.year                      2006 
_citation.journal_id_ASTM           JBCHA3 
_citation.country                   US 
_citation.journal_id_ISSN           0021-9258 
_citation.journal_id_CSD            0071 
_citation.book_publisher            ? 
_citation.pdbx_database_id_PubMed   16253994 
_citation.pdbx_database_id_DOI      10.1074/jbc.M506285200 
# 
loop_
_citation_author.citation_id 
_citation_author.name 
_citation_author.ordinal 
_citation_author.identifier_ORCID 
primary 'Zabell, A.P.'      1 ? 
primary 'Schroff, A.D.'     2 ? 
primary 'Bain, B.E.'        3 ? 
primary 'Van Etten, R.L.'   4 ? 
primary 'Wiest, O.'         5 ? 
primary 'Stauffacher, C.V.' 6 ? 
# 
_cell.entry_id           1XWW 
_cell.length_a           31.258 
_cell.length_b           35.481 
_cell.length_c           60.375 
_cell.angle_alpha        90.00 
_cell.angle_beta         99.97 
_cell.angle_gamma        90.00 
_cell.Z_PDB              2 
_cell.pdbx_unique_axis   ? 
# 
_symmetry.entry_id                         1XWW 
_symmetry.space_group_name_H-M             'P 1 21 1' 
_symmetry.pdbx_full_space_group_name_H-M   ? 
_symmetry.cell_setting                     ? 
_symmetry.Int_Tables_number                4 
_symmetry.space_group_name_Hall            ? 
# 
loop_
_entity.id 
_entity.type 
_entity.src_method 
_entity.pdbx_description 
_entity.formula_weight 
_entity.pdbx_number_of_molecules 
_entity.pdbx_ec 
_entity.pdbx_mutation 
_entity.pdbx_fragment 
_entity.details 
1 polymer     man 'Low molecular weight phosphotyrosine protein phosphatase' 17870.203 1   '3.1.3.48, 3.1.3.2' ? ? ? 
2 non-polymer syn 'SULFATE ION'                                              96.063    1   ?                   ? ? ? 
3 non-polymer syn GLYCEROL                                                   92.094    1   ?                   ? ? ? 
4 water       nat water                                                      18.015    139 ?                   ? ? ? 
# 
_entity_name_com.entity_id   1 
_entity_name_com.name        
'LMW-PTP, Low molecular weight cytosolic acid phosphatase, Red cell acid phosphatase 1, PTPase, Adipocyte acid phosphatase' 
# 
_entity_poly.entity_id                      1 
_entity_poly.type                           'polypeptide(L)' 
_entity_poly.nstd_linkage                   no 
_entity_poly.nstd_monomer                   no 
_entity_poly.pdbx_seq_one_letter_code       
;AEQATKSVLFVCLGNICRSPIAEAVFRKLVTDQNISENWVIDSGAVSDWNVGRSPDPRAVSCLRNHGIHTAHKARQITKE
DFATFDYILCMDESNLRDLNRKSNQVKTCKAKIELLGSYDPQKQLIIEDPYYGNDSDFETVYQQCVRCCRAFLEKAH
;
_entity_poly.pdbx_seq_one_letter_code_can   
;AEQATKSVLFVCLGNICRSPIAEAVFRKLVTDQNISENWVIDSGAVSDWNVGRSPDPRAVSCLRNHGIHTAHKARQITKE
DFATFDYILCMDESNLRDLNRKSNQVKTCKAKIELLGSYDPQKQLIIEDPYYGNDSDFETVYQQCVRCCRAFLEKAH
;
_entity_poly.pdbx_strand_id                 A 
_entity_poly.pdbx_target_identifier         ? 
# 
loop_
_entity_poly_seq.entity_id 
_entity_poly_seq.num 
_entity_poly_seq.mon_id 
_entity_poly_seq.hetero 
1 1   ALA n 
1 2   GLU n 
1 3   GLN n 
1 4   ALA n 
1 5   THR n 
1 6   LYS n 
1 7   SER n 
1 8   VAL n 
1 9   LEU n 
1 10  PHE n 
1 11  VAL n 
1 12  CYS n 
1 13  LEU n 
1 14  GLY n 
1 15  ASN n 
1 16  ILE n 
1 17  CYS n 
1 18  ARG n 
1 19  SER n 
1 20  PRO n 
1 21  ILE n 
1 22  ALA n 
1 23  GLU n 
1 24  ALA n 
1 25  VAL n 
1 26  PHE n 
1 27  ARG n 
1 28  LYS n 
1 29  LEU n 
1 30  VAL n 
1 31  THR n 
1 32  ASP n 
1 33  GLN n 
1 34  ASN n 
1 35  ILE n 
1 36  SER n 
1 37  GLU n 
1 38  ASN n 
1 39  TRP n 
1 40  VAL n 
1 41  ILE n 
1 42  ASP n 
1 43  SER n 
1 44  GLY n 
1 45  ALA n 
1 46  VAL n 
1 47  SER n 
1 48  ASP n 
1 49  TRP n 
1 50  ASN n 
1 51  VAL n 
1 52  GLY n 
1 53  ARG n 
1 54  SER n 
1 55  PRO n 
1 56  ASP n 
1 57  PRO n 
1 58  ARG n 
1 59  ALA n 
1 60  VAL n 
1 61  SER n 
1 62  CYS n 
1 63  LEU n 
1 64  ARG n 
1 65  ASN n 
1 66  HIS n 
1 67  GLY n 
1 68  ILE n 
1 69  HIS n 
1 70  THR n 
1 71  ALA n 
1 72  HIS n 
1 73  LYS n 
1 74  ALA n 
1 75  ARG n 
1 76  GLN n 
1 77  ILE n 
1 78  THR n 
1 79  LYS n 
1 80  GLU n 
1 81  ASP n 
1 82  PHE n 
1 83  ALA n 
1 84  THR n 
1 85  PHE n 
1 86  ASP n 
1 87  TYR n 
1 88  ILE n 
1 89  LEU n 
1 90  CYS n 
1 91  MET n 
1 92  ASP n 
1 93  GLU n 
1 94  SER n 
1 95  ASN n 
1 96  LEU n 
1 97  ARG n 
1 98  ASP n 
1 99  LEU n 
1 100 ASN n 
1 101 ARG n 
1 102 LYS n 
1 103 SER n 
1 104 ASN n 
1 105 GLN n 
1 106 VAL n 
1 107 LYS n 
1 108 THR n 
1 109 CYS n 
1 110 LYS n 
1 111 ALA n 
1 112 LYS n 
1 113 ILE n 
1 114 GLU n 
1 115 LEU n 
1 116 LEU n 
1 117 GLY n 
1 118 SER n 
1 119 TYR n 
1 120 ASP n 
1 121 PRO n 
1 122 GLN n 
1 123 LYS n 
1 124 GLN n 
1 125 LEU n 
1 126 ILE n 
1 127 ILE n 
1 128 GLU n 
1 129 ASP n 
1 130 PRO n 
1 131 TYR n 
1 132 TYR n 
1 133 GLY n 
1 134 ASN n 
1 135 ASP n 
1 136 SER n 
1 137 ASP n 
1 138 PHE n 
1 139 GLU n 
1 140 THR n 
1 141 VAL n 
1 142 TYR n 
1 143 GLN n 
1 144 GLN n 
1 145 CYS n 
1 146 VAL n 
1 147 ARG n 
1 148 CYS n 
1 149 CYS n 
1 150 ARG n 
1 151 ALA n 
1 152 PHE n 
1 153 LEU n 
1 154 GLU n 
1 155 LYS n 
1 156 ALA n 
1 157 HIS n 
# 
_entity_src_gen.entity_id                          1 
_entity_src_gen.pdbx_src_id                        1 
_entity_src_gen.pdbx_alt_source_flag               sample 
_entity_src_gen.pdbx_seq_type                      ? 
_entity_src_gen.pdbx_beg_seq_num                   ? 
_entity_src_gen.pdbx_end_seq_num                   ? 
_entity_src_gen.gene_src_common_name               human 
_entity_src_gen.gene_src_genus                     Homo 
_entity_src_gen.pdbx_gene_src_gene                 ACP1 
_entity_src_gen.gene_src_species                   ? 
_entity_src_gen.gene_src_strain                    ? 
_entity_src_gen.gene_src_tissue                    ? 
_entity_src_gen.gene_src_tissue_fraction           ? 
_entity_src_gen.gene_src_details                   ? 
_entity_src_gen.pdbx_gene_src_fragment             ? 
_entity_src_gen.pdbx_gene_src_scientific_name      'Homo sapiens' 
_entity_src_gen.pdbx_gene_src_ncbi_taxonomy_id     9606 
_entity_src_gen.pdbx_gene_src_variant              ? 
_entity_src_gen.pdbx_gene_src_cell_line            ? 
_entity_src_gen.pdbx_gene_src_atcc                 ? 
_entity_src_gen.pdbx_gene_src_organ                ? 
_entity_src_gen.pdbx_gene_src_organelle            ? 
_entity_src_gen.pdbx_gene_src_cell                 ? 
_entity_src_gen.pdbx_gene_src_cellular_location    ? 
_entity_src_gen.host_org_common_name               ? 
_entity_src_gen.pdbx_host_org_scientific_name      'Escherichia coli BL21(DE3)' 
_entity_src_gen.pdbx_host_org_ncbi_taxonomy_id     469008 
_entity_src_gen.host_org_genus                     Escherichia 
_entity_src_gen.pdbx_host_org_gene                 ? 
_entity_src_gen.pdbx_host_org_organ                ? 
_entity_src_gen.host_org_species                   'Escherichia coli' 
_entity_src_gen.pdbx_host_org_tissue               ? 
_entity_src_gen.pdbx_host_org_tissue_fraction      ? 
_entity_src_gen.pdbx_host_org_strain               BL21-DE3 
_entity_src_gen.pdbx_host_org_variant              ? 
_entity_src_gen.pdbx_host_org_cell_line            ? 
_entity_src_gen.pdbx_host_org_atcc                 ? 
_entity_src_gen.pdbx_host_org_culture_collection   ? 
_entity_src_gen.pdbx_host_org_cell                 ? 
_entity_src_gen.pdbx_host_org_organelle            ? 
_entity_src_gen.pdbx_host_org_cellular_location    ? 
_entity_src_gen.pdbx_host_org_vector_type          Plasmid 
_entity_src_gen.pdbx_host_org_vector               ? 
_entity_src_gen.host_org_details                   ? 
_entity_src_gen.expression_system_id               ? 
_entity_src_gen.plasmid_name                       pET11D 
_entity_src_gen.plasmid_details                    ? 
_entity_src_gen.pdbx_description                   ? 
# 
_struct_ref.id                         1 
_struct_ref.db_name                    UNP 
_struct_ref.db_code                    PPAC_HUMAN 
_struct_ref.pdbx_db_accession          P24666 
_struct_ref.entity_id                  1 
_struct_ref.pdbx_seq_one_letter_code   
;MAEQATKSVLFVCLGNICRSPIAEAVFRKLVTDQNISENWVIDSGAVSDWNVGRSPDPRAVSCLRNHGIHTAHKARQITK
EDFATFDYILCMDESNLRDLNRKSNQVKTCKAKIELLGSYDPQKQLIIEDPYYGNDSDFETVYQQCVRCCRAFLEKAH
;
_struct_ref.pdbx_align_begin           1 
_struct_ref.pdbx_db_isoform            ? 
# 
_struct_ref_seq.align_id                      1 
_struct_ref_seq.ref_id                        1 
_struct_ref_seq.pdbx_PDB_id_code              1XWW 
_struct_ref_seq.pdbx_strand_id                A 
_struct_ref_seq.seq_align_beg                 1 
_struct_ref_seq.pdbx_seq_align_beg_ins_code   ? 
_struct_ref_seq.seq_align_end                 157 
_struct_ref_seq.pdbx_seq_align_end_ins_code   ? 
_struct_ref_seq.pdbx_db_accession             P24666 
_struct_ref_seq.db_align_beg                  2 
_struct_ref_seq.pdbx_db_align_beg_ins_code    ? 
_struct_ref_seq.db_align_end                  158 
_struct_ref_seq.pdbx_db_align_end_ins_code    ? 
_struct_ref_seq.pdbx_auth_seq_align_beg       1 
_struct_ref_seq.pdbx_auth_seq_align_end       157 
# 
loop_
_chem_comp.id 
_chem_comp.type 
_chem_comp.mon_nstd_flag 
_chem_comp.name 
_chem_comp.pdbx_synonyms 
_chem_comp.formula 
_chem_comp.formula_weight 
ALA 'L-peptide linking' y ALANINE         ?                               'C3 H7 N O2'     89.093  
ARG 'L-peptide linking' y ARGININE        ?                               'C6 H15 N4 O2 1' 175.209 
ASN 'L-peptide linking' y ASPARAGINE      ?                               'C4 H8 N2 O3'    132.118 
ASP 'L-peptide linking' y 'ASPARTIC ACID' ?                               'C4 H7 N O4'     133.103 
CYS 'L-peptide linking' y CYSTEINE        ?                               'C3 H7 N O2 S'   121.158 
GLN 'L-peptide linking' y GLUTAMINE       ?                               'C5 H10 N2 O3'   146.144 
GLU 'L-peptide linking' y 'GLUTAMIC ACID' ?                               'C5 H9 N O4'     147.129 
GLY 'peptide linking'   y GLYCINE         ?                               'C2 H5 N O2'     75.067  
GOL non-polymer         . GLYCEROL        'GLYCERIN; PROPANE-1,2,3-TRIOL' 'C3 H8 O3'       92.094  
HIS 'L-peptide linking' y HISTIDINE       ?                               'C6 H10 N3 O2 1' 156.162 
HOH non-polymer         . WATER           ?                               'H2 O'           18.015  
ILE 'L-peptide linking' y ISOLEUCINE      ?                               'C6 H13 N O2'    131.173 
LEU 'L-peptide linking' y LEUCINE         ?                               'C6 H13 N O2'    131.173 
LYS 'L-peptide linking' y LYSINE          ?                               'C6 H15 N2 O2 1' 147.195 
MET 'L-peptide linking' y METHIONINE      ?                               'C5 H11 N O2 S'  149.211 
PHE 'L-peptide linking' y PHENYLALANINE   ?                               'C9 H11 N O2'    165.189 
PRO 'L-peptide linking' y PROLINE         ?                               'C5 H9 N O2'     115.130 
SER 'L-peptide linking' y SERINE          ?                               'C3 H7 N O3'     105.093 
SO4 non-polymer         . 'SULFATE ION'   ?                               'O4 S -2'        96.063  
THR 'L-peptide linking' y THREONINE       ?                               'C4 H9 N O3'     119.119 
TRP 'L-peptide linking' y TRYPTOPHAN      ?                               'C11 H12 N2 O2'  204.225 
TYR 'L-peptide linking' y TYROSINE        ?                               'C9 H11 N O3'    181.189 
VAL 'L-peptide linking' y VALINE          ?                               'C5 H11 N O2'    117.146 
# 
_exptl.entry_id          1XWW 
_exptl.method            'X-RAY DIFFRACTION' 
_exptl.crystals_number   1 
# 
_exptl_crystal.id                    1 
_exptl_crystal.density_meas          ? 
_exptl_crystal.density_Matthews      1.63 
_exptl_crystal.density_percent_sol   24.0 
_exptl_crystal.description           ? 
_exptl_crystal.F_000                 ? 
_exptl_crystal.preparation           ? 
# 
_exptl_crystal_grow.crystal_id      1 
_exptl_crystal_grow.method          'VAPOR DIFFUSION, HANGING DROP' 
_exptl_crystal_grow.temp            293 
_exptl_crystal_grow.temp_details    ? 
_exptl_crystal_grow.pH              6.5 
_exptl_crystal_grow.pdbx_details    'PEGmme 5000, ammonium sulfate, MES, pH 6.5, VAPOR DIFFUSION, HANGING DROP, temperature 293K' 
_exptl_crystal_grow.pdbx_pH_range   . 
# 
_diffrn.id                     1 
_diffrn.ambient_temp           100 
_diffrn.ambient_temp_details   ? 
_diffrn.crystal_id             1 
# 
_diffrn_detector.diffrn_id              1 
_diffrn_detector.detector               CCD 
_diffrn_detector.type                   CUSTOM-MADE 
_diffrn_detector.pdbx_collection_date   2003-07-18 
_diffrn_detector.details                ? 
# 
_diffrn_radiation.diffrn_id                        1 
_diffrn_radiation.wavelength_id                    1 
_diffrn_radiation.pdbx_monochromatic_or_laue_m_l   M 
_diffrn_radiation.monochromator                    'Si(111) monochromator crystals' 
_diffrn_radiation.pdbx_diffrn_protocol             'SINGLE WAVELENGTH' 
_diffrn_radiation.pdbx_scattering_type             x-ray 
# 
_diffrn_radiation_wavelength.id           1 
_diffrn_radiation_wavelength.wavelength   1.0332 
_diffrn_radiation_wavelength.wt           1.0 
# 
_diffrn_source.diffrn_id                   1 
_diffrn_source.source                      SYNCHROTRON 
_diffrn_source.type                        'APS BEAMLINE 19-ID' 
_diffrn_source.pdbx_synchrotron_site       APS 
_diffrn_source.pdbx_synchrotron_beamline   19-ID 
_diffrn_source.pdbx_wavelength             ? 
_diffrn_source.pdbx_wavelength_list        1.0332 
# 
_reflns.entry_id                     1XWW 
_reflns.observed_criterion_sigma_F   1.0 
_reflns.observed_criterion_sigma_I   2.0 
_reflns.d_resolution_high            1.63 
_reflns.d_resolution_low             59.8 
_reflns.number_all                   15826 
_reflns.number_obs                   15805 
_reflns.percent_possible_obs         95.9 
_reflns.pdbx_Rmerge_I_obs            ? 
_reflns.pdbx_Rsym_value              ? 
_reflns.pdbx_netI_over_sigmaI        ? 
_reflns.B_iso_Wilson_estimate        ? 
_reflns.pdbx_redundancy              ? 
_reflns.R_free_details               ? 
_reflns.limit_h_max                  ? 
_reflns.limit_h_min                  ? 
_reflns.limit_k_max                  ? 
_reflns.limit_k_min                  ? 
_reflns.limit_l_max                  ? 
_reflns.limit_l_min                  ? 
_reflns.observed_criterion_F_max     ? 
_reflns.observed_criterion_F_min     ? 
_reflns.pdbx_chi_squared             ? 
_reflns.pdbx_scaling_rejects         ? 
_reflns.pdbx_ordinal                 1 
_reflns.pdbx_diffrn_id               1 
# 
_reflns_shell.d_res_high             1.63 
_reflns_shell.d_res_low              1.68 
_reflns_shell.percent_possible_all   88.4 
_reflns_shell.Rmerge_I_obs           ? 
_reflns_shell.pdbx_Rsym_value        ? 
_reflns_shell.meanI_over_sigI_obs    ? 
_reflns_shell.pdbx_redundancy        ? 
_reflns_shell.percent_possible_obs   ? 
_reflns_shell.number_unique_all      ? 
_reflns_shell.number_measured_all    ? 
_reflns_shell.number_measured_obs    ? 
_reflns_shell.number_unique_obs      ? 
_reflns_shell.pdbx_chi_squared       ? 
_reflns_shell.pdbx_ordinal           1 
_reflns_shell.pdbx_diffrn_id         1 
# 
_refine.entry_id                                 1XWW 
_refine.ls_number_reflns_obs                     14246 
_refine.ls_number_reflns_all                     15805 
_refine.pdbx_ls_sigma_I                          ? 
_refine.pdbx_ls_sigma_F                          1.0 
_refine.pdbx_data_cutoff_high_absF               ? 
_refine.pdbx_data_cutoff_low_absF                ? 
_refine.pdbx_data_cutoff_high_rms_absF           ? 
_refine.ls_d_res_low                             59.76 
_refine.ls_d_res_high                            1.63 
_refine.ls_percent_reflns_obs                    95.49 
_refine.ls_R_factor_obs                          0.16371 
_refine.ls_R_factor_all                          0.185 
_refine.ls_R_factor_R_work                       0.15797 
_refine.ls_R_factor_R_free                       0.21566 
_refine.ls_R_factor_R_free_error                 ? 
_refine.ls_R_factor_R_free_error_details         ? 
_refine.ls_percent_reflns_R_free                 10.0 
_refine.ls_number_reflns_R_free                  1580 
_refine.ls_number_parameters                     ? 
_refine.ls_number_restraints                     ? 
_refine.occupancy_min                            ? 
_refine.occupancy_max                            ? 
_refine.correlation_coeff_Fo_to_Fc               0.969 
_refine.correlation_coeff_Fo_to_Fc_free          0.947 
_refine.B_iso_mean                               17.883 
_refine.aniso_B[1][1]                            -0.27 
_refine.aniso_B[2][2]                            0.50 
_refine.aniso_B[3][3]                            -0.12 
_refine.aniso_B[1][2]                            0.00 
_refine.aniso_B[1][3]                            0.33 
_refine.aniso_B[2][3]                            0.00 
_refine.solvent_model_details                    'BABINET MODEL WITH MASK' 
_refine.solvent_model_param_ksol                 ? 
_refine.solvent_model_param_bsol                 ? 
_refine.pdbx_solvent_vdw_probe_radii             1.40 
_refine.pdbx_solvent_ion_probe_radii             0.80 
_refine.pdbx_solvent_shrinkage_radii             0.80 
_refine.pdbx_ls_cross_valid_method               THROUGHOUT 
_refine.details                                  'HYDROGENS HAVE BEEN ADDED IN THE RIDING POSITIONS' 
_refine.pdbx_starting_model                      'pdb entry 5pnt' 
_refine.pdbx_method_to_determine_struct          'MOLECULAR REPLACEMENT' 
_refine.pdbx_isotropic_thermal_model             ? 
_refine.pdbx_stereochemistry_target_values       'MAXIMUM LIKELIHOOD' 
_refine.pdbx_stereochem_target_val_spec_case     ? 
_refine.pdbx_R_Free_selection_details            RANDOM 
_refine.pdbx_overall_ESU_R                       0.112 
_refine.pdbx_overall_ESU_R_Free                  0.118 
_refine.overall_SU_ML                            0.079 
_refine.overall_SU_B                             2.357 
_refine.ls_redundancy_reflns_obs                 ? 
_refine.B_iso_min                                ? 
_refine.B_iso_max                                ? 
_refine.overall_SU_R_Cruickshank_DPI             ? 
_refine.overall_SU_R_free                        ? 
_refine.ls_wR_factor_R_free                      ? 
_refine.ls_wR_factor_R_work                      ? 
_refine.overall_FOM_free_R_set                   ? 
_refine.overall_FOM_work_R_set                   ? 
_refine.pdbx_refine_id                           'X-RAY DIFFRACTION' 
_refine.pdbx_diffrn_id                           1 
_refine.pdbx_TLS_residual_ADP_flag               ? 
_refine.pdbx_overall_phase_error                 ? 
_refine.pdbx_overall_SU_R_free_Cruickshank_DPI   ? 
_refine.pdbx_overall_SU_R_Blow_DPI               ? 
_refine.pdbx_overall_SU_R_free_Blow_DPI          ? 
# 
_refine_hist.pdbx_refine_id                   'X-RAY DIFFRACTION' 
_refine_hist.cycle_id                         LAST 
_refine_hist.pdbx_number_atoms_protein        1251 
_refine_hist.pdbx_number_atoms_nucleic_acid   0 
_refine_hist.pdbx_number_atoms_ligand         11 
_refine_hist.number_atoms_solvent             139 
_refine_hist.number_atoms_total               1401 
_refine_hist.d_res_high                       1.63 
_refine_hist.d_res_low                        59.76 
# 
loop_
_refine_ls_restr.type 
_refine_ls_restr.dev_ideal 
_refine_ls_restr.dev_ideal_target 
_refine_ls_restr.weight 
_refine_ls_restr.number 
_refine_ls_restr.pdbx_refine_id 
_refine_ls_restr.pdbx_restraint_function 
r_bond_refined_d         0.020 0.021 ? 1333 'X-RAY DIFFRACTION' ? 
r_bond_other_d           0.003 0.020 ? 1192 'X-RAY DIFFRACTION' ? 
r_angle_refined_deg      1.762 1.942 ? 1803 'X-RAY DIFFRACTION' ? 
r_angle_other_deg        0.982 3.000 ? 2791 'X-RAY DIFFRACTION' ? 
r_dihedral_angle_1_deg   7.281 5.000 ? 156  'X-RAY DIFFRACTION' ? 
r_chiral_restr           0.124 0.200 ? 203  'X-RAY DIFFRACTION' ? 
r_gen_planes_refined     0.009 0.020 ? 1456 'X-RAY DIFFRACTION' ? 
r_gen_planes_other       0.004 0.020 ? 265  'X-RAY DIFFRACTION' ? 
r_nbd_refined            0.222 0.200 ? 263  'X-RAY DIFFRACTION' ? 
r_nbd_other              0.254 0.200 ? 1407 'X-RAY DIFFRACTION' ? 
r_nbtor_other            0.089 0.200 ? 749  'X-RAY DIFFRACTION' ? 
r_xyhbond_nbd_refined    0.162 0.200 ? 99   'X-RAY DIFFRACTION' ? 
r_symmetry_vdw_refined   0.183 0.200 ? 11   'X-RAY DIFFRACTION' ? 
r_symmetry_vdw_other     0.302 0.200 ? 63   'X-RAY DIFFRACTION' ? 
r_symmetry_hbond_refined 0.164 0.200 ? 22   'X-RAY DIFFRACTION' ? 
r_mcbond_it              1.106 1.500 ? 794  'X-RAY DIFFRACTION' ? 
r_mcangle_it             1.912 2.000 ? 1298 'X-RAY DIFFRACTION' ? 
r_scbond_it              2.812 3.000 ? 539  'X-RAY DIFFRACTION' ? 
r_scangle_it             4.332 4.500 ? 505  'X-RAY DIFFRACTION' ? 
# 
_refine_ls_shell.pdbx_total_number_of_bins_used   20 
_refine_ls_shell.d_res_high                       1.63 
_refine_ls_shell.d_res_low                        1.669 
_refine_ls_shell.number_reflns_R_work             863 
_refine_ls_shell.R_factor_R_work                  0.28 
_refine_ls_shell.percent_reflns_obs               88.4 
_refine_ls_shell.R_factor_R_free                  0.324 
_refine_ls_shell.R_factor_R_free_error            ? 
_refine_ls_shell.percent_reflns_R_free            ? 
_refine_ls_shell.number_reflns_R_free             102 
_refine_ls_shell.number_reflns_obs                1461 
_refine_ls_shell.redundancy_reflns_obs            ? 
_refine_ls_shell.number_reflns_all                ? 
_refine_ls_shell.pdbx_refine_id                   'X-RAY DIFFRACTION' 
_refine_ls_shell.R_factor_all                     ? 
# 
_struct.entry_id                  1XWW 
_struct.title                     
'Crystal Structure of Human B-form Low Molecular Weight Phosphotyrosyl Phosphatase at 1.6 Angstrom Resolution' 
_struct.pdbx_model_details        ? 
_struct.pdbx_CASP_flag            ? 
_struct.pdbx_model_type_details   ? 
# 
_struct_keywords.entry_id        1XWW 
_struct_keywords.pdbx_keywords   HYDROLASE 
_struct_keywords.text            HYDROLASE 
# 
loop_
_struct_asym.id 
_struct_asym.pdbx_blank_PDB_chainid_flag 
_struct_asym.pdbx_modified 
_struct_asym.entity_id 
_struct_asym.details 
A N N 1 ? 
B N N 2 ? 
C N N 3 ? 
D N N 4 ? 
# 
_struct_biol.id                    1 
_struct_biol.details               'Relevant biological unit is a monomer' 
_struct_biol.pdbx_parent_biol_id   ? 
# 
loop_
_struct_conf.conf_type_id 
_struct_conf.id 
_struct_conf.pdbx_PDB_helix_id 
_struct_conf.beg_label_comp_id 
_struct_conf.beg_label_asym_id 
_struct_conf.beg_label_seq_id 
_struct_conf.pdbx_beg_PDB_ins_code 
_struct_conf.end_label_comp_id 
_struct_conf.end_label_asym_id 
_struct_conf.end_label_seq_id 
_struct_conf.pdbx_end_PDB_ins_code 
_struct_conf.beg_auth_comp_id 
_struct_conf.beg_auth_asym_id 
_struct_conf.beg_auth_seq_id 
_struct_conf.end_auth_comp_id 
_struct_conf.end_auth_asym_id 
_struct_conf.end_auth_seq_id 
_struct_conf.pdbx_PDB_helix_class 
_struct_conf.details 
_struct_conf.pdbx_PDB_helix_length 
HELX_P HELX_P1 1 CYS A 17  ? GLN A 33  ? CYS A 17  GLN A 33  1 ? 17 
HELX_P HELX_P2 2 ILE A 35  ? GLU A 37  ? ILE A 35  GLU A 37  5 ? 3  
HELX_P HELX_P3 3 ASP A 56  ? HIS A 66  ? ASP A 56  HIS A 66  1 ? 11 
HELX_P HELX_P4 4 THR A 78  ? PHE A 85  ? THR A 78  PHE A 85  1 ? 8  
HELX_P HELX_P5 5 ASP A 92  ? GLN A 105 ? ASP A 92  GLN A 105 1 ? 14 
HELX_P HELX_P6 6 GLY A 117 ? ASP A 120 ? GLY A 117 ASP A 120 5 ? 4  
HELX_P HELX_P7 7 ASN A 134 ? ALA A 156 ? ASN A 134 ALA A 156 1 ? 23 
# 
_struct_conf_type.id          HELX_P 
_struct_conf_type.criteria    ? 
_struct_conf_type.reference   ? 
# 
_struct_sheet.id               A 
_struct_sheet.type             ? 
_struct_sheet.number_strands   4 
_struct_sheet.details          ? 
# 
loop_
_struct_sheet_order.sheet_id 
_struct_sheet_order.range_id_1 
_struct_sheet_order.range_id_2 
_struct_sheet_order.offset 
_struct_sheet_order.sense 
A 1 2 ? parallel 
A 2 3 ? parallel 
A 3 4 ? parallel 
# 
loop_
_struct_sheet_range.sheet_id 
_struct_sheet_range.id 
_struct_sheet_range.beg_label_comp_id 
_struct_sheet_range.beg_label_asym_id 
_struct_sheet_range.beg_label_seq_id 
_struct_sheet_range.pdbx_beg_PDB_ins_code 
_struct_sheet_range.end_label_comp_id 
_struct_sheet_range.end_label_asym_id 
_struct_sheet_range.end_label_seq_id 
_struct_sheet_range.pdbx_end_PDB_ins_code 
_struct_sheet_range.beg_auth_comp_id 
_struct_sheet_range.beg_auth_asym_id 
_struct_sheet_range.beg_auth_seq_id 
_struct_sheet_range.end_auth_comp_id 
_struct_sheet_range.end_auth_asym_id 
_struct_sheet_range.end_auth_seq_id 
A 1 TRP A 39  ? ALA A 45  ? TRP A 39  ALA A 45  
A 2 LYS A 6   ? CYS A 12  ? LYS A 6   CYS A 12  
A 3 TYR A 87  ? CYS A 90  ? TYR A 87  CYS A 90  
A 4 LYS A 112 ? LEU A 115 ? LYS A 112 LEU A 115 
# 
loop_
_pdbx_struct_sheet_hbond.sheet_id 
_pdbx_struct_sheet_hbond.range_id_1 
_pdbx_struct_sheet_hbond.range_id_2 
_pdbx_struct_sheet_hbond.range_1_label_atom_id 
_pdbx_struct_sheet_hbond.range_1_label_comp_id 
_pdbx_struct_sheet_hbond.range_1_label_asym_id 
_pdbx_struct_sheet_hbond.range_1_label_seq_id 
_pdbx_struct_sheet_hbond.range_1_PDB_ins_code 
_pdbx_struct_sheet_hbond.range_1_auth_atom_id 
_pdbx_struct_sheet_hbond.range_1_auth_comp_id 
_pdbx_struct_sheet_hbond.range_1_auth_asym_id 
_pdbx_struct_sheet_hbond.range_1_auth_seq_id 
_pdbx_struct_sheet_hbond.range_2_label_atom_id 
_pdbx_struct_sheet_hbond.range_2_label_comp_id 
_pdbx_struct_sheet_hbond.range_2_label_asym_id 
_pdbx_struct_sheet_hbond.range_2_label_seq_id 
_pdbx_struct_sheet_hbond.range_2_PDB_ins_code 
_pdbx_struct_sheet_hbond.range_2_auth_atom_id 
_pdbx_struct_sheet_hbond.range_2_auth_comp_id 
_pdbx_struct_sheet_hbond.range_2_auth_asym_id 
_pdbx_struct_sheet_hbond.range_2_auth_seq_id 
A 1 2 O VAL A 40 ? O VAL A 40 N VAL A 8   ? N VAL A 8   
A 2 3 N VAL A 11 ? N VAL A 11 O LEU A 89  ? O LEU A 89  
A 3 4 N CYS A 90 ? N CYS A 90 O GLU A 114 ? O GLU A 114 
# 
loop_
_struct_site.id 
_struct_site.pdbx_evidence_code 
_struct_site.pdbx_auth_asym_id 
_struct_site.pdbx_auth_comp_id 
_struct_site.pdbx_auth_seq_id 
_struct_site.pdbx_auth_ins_code 
_struct_site.pdbx_num_residues 
_struct_site.details 
AC1 Software A SO4 201 ? 8 'BINDING SITE FOR RESIDUE SO4 A 201' 
AC2 Software A GOL 202 ? 6 'BINDING SITE FOR RESIDUE GOL A 202' 
# 
loop_
_struct_site_gen.id 
_struct_site_gen.site_id 
_struct_site_gen.pdbx_num_res 
_struct_site_gen.label_comp_id 
_struct_site_gen.label_asym_id 
_struct_site_gen.label_seq_id 
_struct_site_gen.pdbx_auth_ins_code 
_struct_site_gen.auth_comp_id 
_struct_site_gen.auth_asym_id 
_struct_site_gen.auth_seq_id 
_struct_site_gen.label_atom_id 
_struct_site_gen.label_alt_id 
_struct_site_gen.symmetry 
_struct_site_gen.details 
1  AC1 8 CYS A 12  ? CYS A 12  . ? 1_555 ? 
2  AC1 8 LEU A 13  ? LEU A 13  . ? 1_555 ? 
3  AC1 8 GLY A 14  ? GLY A 14  . ? 1_555 ? 
4  AC1 8 ASN A 15  ? ASN A 15  . ? 1_555 ? 
5  AC1 8 ILE A 16  ? ILE A 16  . ? 1_555 ? 
6  AC1 8 CYS A 17  ? CYS A 17  . ? 1_555 ? 
7  AC1 8 ARG A 18  ? ARG A 18  . ? 1_555 ? 
8  AC1 8 ASP A 129 ? ASP A 129 . ? 1_555 ? 
9  AC2 6 LEU A 29  ? LEU A 29  . ? 1_555 ? 
10 AC2 6 TYR A 142 ? TYR A 142 . ? 1_555 ? 
11 AC2 6 ARG A 150 ? ARG A 150 . ? 1_555 ? 
12 AC2 6 HOH D .   ? HOH A 221 . ? 1_555 ? 
13 AC2 6 HOH D .   ? HOH A 319 . ? 1_555 ? 
14 AC2 6 HOH D .   ? HOH A 322 . ? 1_555 ? 
# 
_atom_sites.entry_id                    1XWW 
_atom_sites.fract_transf_matrix[1][1]   0.02977056 
_atom_sites.fract_transf_matrix[1][2]   -0.00866112 
_atom_sites.fract_transf_matrix[1][3]   0.00968587 
_atom_sites.fract_transf_matrix[2][1]   -0.00375200 
_atom_sites.fract_transf_matrix[2][2]   -0.02554210 
_atom_sites.fract_transf_matrix[2][3]   -0.01130759 
_atom_sites.fract_transf_matrix[3][1]   0.00891636 
_atom_sites.fract_transf_matrix[3][2]   0.00465652 
_atom_sites.fract_transf_matrix[3][3]   -0.01347690 
_atom_sites.fract_transf_vector[1]      0.624303 
_atom_sites.fract_transf_vector[2]      0.011112 
_atom_sites.fract_transf_vector[3]      0.267425 
# 
loop_
_atom_type.symbol 
C 
N 
O 
S 
# 
loop_
_atom_site.group_PDB 
_atom_site.id 
_atom_site.type_symbol 
_atom_site.label_atom_id 
_atom_site.label_alt_id 
_atom_site.label_comp_id 
_atom_site.label_asym_id 
_atom_site.label_entity_id 
_atom_site.label_seq_id 
_atom_site.pdbx_PDB_ins_code 
_atom_site.Cartn_x 
_atom_site.Cartn_y 
_atom_site.Cartn_z 
_atom_site.occupancy 
_atom_site.B_iso_or_equiv 
_atom_site.pdbx_formal_charge 
_atom_site.auth_seq_id 
_atom_site.auth_comp_id 
_atom_site.auth_asym_id 
_atom_site.auth_atom_id 
_atom_site.pdbx_PDB_model_num 
ATOM   1    N N   . ALA A 1 1   ? 19.955  15.045  -11.247 1.00 46.05 ? 1   ALA A N   1 
ATOM   2    C CA  . ALA A 1 1   ? 19.506  16.316  -10.556 1.00 45.83 ? 1   ALA A CA  1 
ATOM   3    C C   . ALA A 1 1   ? 18.455  15.846  -9.571  1.00 44.88 ? 1   ALA A C   1 
ATOM   4    O O   . ALA A 1 1   ? 17.230  15.837  -9.851  1.00 46.08 ? 1   ALA A O   1 
ATOM   5    C CB  . ALA A 1 1   ? 18.910  17.349  -11.560 1.00 45.70 ? 1   ALA A CB  1 
ATOM   6    N N   . GLU A 1 2   ? 18.937  15.451  -8.411  1.00 42.19 ? 2   GLU A N   1 
ATOM   7    C CA  . GLU A 1 2   ? 18.306  14.344  -7.714  1.00 40.54 ? 2   GLU A CA  1 
ATOM   8    C C   . GLU A 1 2   ? 16.964  14.708  -7.064  1.00 39.77 ? 2   GLU A C   1 
ATOM   9    O O   . GLU A 1 2   ? 16.767  15.843  -6.648  1.00 38.59 ? 2   GLU A O   1 
ATOM   10   C CB  . GLU A 1 2   ? 19.283  13.754  -6.697  1.00 39.91 ? 2   GLU A CB  1 
ATOM   11   C CG  . GLU A 1 2   ? 20.688  13.508  -7.245  1.00 38.08 ? 2   GLU A CG  1 
ATOM   12   C CD  . GLU A 1 2   ? 20.803  12.386  -8.279  1.00 37.28 ? 2   GLU A CD  1 
ATOM   13   O OE1 . GLU A 1 2   ? 19.885  11.539  -8.327  1.00 38.49 ? 2   GLU A OE1 1 
ATOM   14   O OE2 . GLU A 1 2   ? 21.846  12.358  -9.020  1.00 28.39 ? 2   GLU A OE2 1 
ATOM   15   N N   . GLN A 1 3   ? 16.040  13.742  -7.030  1.00 38.89 ? 3   GLN A N   1 
ATOM   16   C CA  . GLN A 1 3   ? 14.830  13.862  -6.227  1.00 38.50 ? 3   GLN A CA  1 
ATOM   17   C C   . GLN A 1 3   ? 15.185  13.342  -4.846  1.00 37.91 ? 3   GLN A C   1 
ATOM   18   O O   . GLN A 1 3   ? 15.901  12.355  -4.737  1.00 38.39 ? 3   GLN A O   1 
ATOM   19   C CB  . GLN A 1 3   ? 13.707  13.012  -6.804  1.00 38.52 ? 3   GLN A CB  1 
ATOM   20   C CG  . GLN A 1 3   ? 13.287  13.385  -8.213  1.00 40.38 ? 3   GLN A CG  1 
ATOM   21   C CD  . GLN A 1 3   ? 11.889  12.894  -8.573  1.00 42.66 ? 3   GLN A CD  1 
ATOM   22   O OE1 . GLN A 1 3   ? 11.657  12.380  -9.673  1.00 42.40 ? 3   GLN A OE1 1 
ATOM   23   N NE2 . GLN A 1 3   ? 10.952  13.060  -7.644  1.00 45.26 ? 3   GLN A NE2 1 
ATOM   24   N N   . ALA A 1 4   ? 14.698  14.001  -3.791  1.00 37.06 ? 4   ALA A N   1 
ATOM   25   C CA  . ALA A 1 4   ? 14.988  13.582  -2.397  1.00 36.51 ? 4   ALA A CA  1 
ATOM   26   C C   . ALA A 1 4   ? 14.433  12.163  -2.129  1.00 35.30 ? 4   ALA A C   1 
ATOM   27   O O   . ALA A 1 4   ? 13.467  11.738  -2.791  1.00 36.30 ? 4   ALA A O   1 
ATOM   28   C CB  . ALA A 1 4   ? 14.387  14.602  -1.398  1.00 36.32 ? 4   ALA A CB  1 
ATOM   29   N N   . THR A 1 5   ? 15.002  11.439  -1.170  1.00 34.47 ? 5   THR A N   1 
ATOM   30   C CA  . THR A 1 5   ? 14.493  10.091  -0.889  1.00 33.07 ? 5   THR A CA  1 
ATOM   31   C C   . THR A 1 5   ? 13.212  10.173  -0.033  1.00 30.09 ? 5   THR A C   1 
ATOM   32   O O   . THR A 1 5   ? 13.107  10.992  0.896   1.00 30.69 ? 5   THR A O   1 
ATOM   33   C CB  . THR A 1 5   ? 15.577  9.126   -0.311  1.00 34.19 ? 5   THR A CB  1 
ATOM   34   O OG1 . THR A 1 5   ? 15.019  7.795   -0.150  1.00 36.24 ? 5   THR A OG1 1 
ATOM   35   C CG2 . THR A 1 5   ? 16.041  9.542   1.090   1.00 37.01 ? 5   THR A CG2 1 
ATOM   36   N N   . LYS A 1 6   ? 12.207  9.406   -0.440  1.00 26.10 ? 6   LYS A N   1 
ATOM   37   C CA  . LYS A 1 6   ? 10.897  9.436   0.211   1.00 22.84 ? 6   LYS A CA  1 
ATOM   38   C C   . LYS A 1 6   ? 10.516  7.992   0.586   1.00 20.43 ? 6   LYS A C   1 
ATOM   39   O O   . LYS A 1 6   ? 11.001  7.057   -0.005  1.00 20.08 ? 6   LYS A O   1 
ATOM   40   C CB  . LYS A 1 6   ? 9.881   10.019  -0.754  1.00 22.94 ? 6   LYS A CB  1 
ATOM   41   C CG  . LYS A 1 6   ? 10.182  11.467  -1.200  1.00 26.57 ? 6   LYS A CG  1 
ATOM   42   C CD  . LYS A 1 6   ? 9.289   11.959  -2.354  1.00 32.16 ? 6   LYS A CD  1 
ATOM   43   C CE  . LYS A 1 6   ? 10.031  12.673  -3.520  1.00 36.87 ? 6   LYS A CE  1 
ATOM   44   N NZ  . LYS A 1 6   ? 9.040   13.163  -4.578  1.00 39.83 ? 6   LYS A NZ  1 
ATOM   45   N N   . SER A 1 7   ? 9.630   7.823   1.551   1.00 18.57 ? 7   SER A N   1 
ATOM   46   C CA  . SER A 1 7   ? 9.185   6.469   1.931   1.00 17.26 ? 7   SER A CA  1 
ATOM   47   C C   . SER A 1 7   ? 7.679   6.352   2.078   1.00 15.26 ? 7   SER A C   1 
ATOM   48   O O   . SER A 1 7   ? 7.041   7.246   2.541   1.00 16.71 ? 7   SER A O   1 
ATOM   49   C CB  . SER A 1 7   ? 9.866   5.935   3.201   1.00 17.33 ? 7   SER A CB  1 
ATOM   50   O OG  . SER A 1 7   ? 9.685   6.809   4.256   1.00 19.74 ? 7   SER A OG  1 
ATOM   51   N N   . VAL A 1 8   ? 7.165   5.197   1.680   1.00 13.76 ? 8   VAL A N   1 
ATOM   52   C CA  . VAL A 1 8   ? 5.711   4.918   1.779   1.00 13.65 ? 8   VAL A CA  1 
ATOM   53   C C   . VAL A 1 8   ? 5.449   3.468   2.236   1.00 12.70 ? 8   VAL A C   1 
ATOM   54   O O   . VAL A 1 8   ? 6.105   2.507   1.757   1.00 13.56 ? 8   VAL A O   1 
ATOM   55   C CB  . VAL A 1 8   ? 5.040   5.206   0.412   1.00 12.82 ? 8   VAL A CB  1 
ATOM   56   C CG1 . VAL A 1 8   ? 5.608   4.419   -0.695  1.00 15.33 ? 8   VAL A CG1 1 
ATOM   57   C CG2 . VAL A 1 8   ? 3.531   5.031   0.522   1.00 11.14 ? 8   VAL A CG2 1 
ATOM   58   N N   . LEU A 1 9   ? 4.477   3.326   3.154   1.00 12.28 ? 9   LEU A N   1 
ATOM   59   C CA  . LEU A 1 9   ? 4.053   2.053   3.673   1.00 11.71 ? 9   LEU A CA  1 
ATOM   60   C C   . LEU A 1 9   ? 2.593   1.926   3.300   1.00 11.77 ? 9   LEU A C   1 
ATOM   61   O O   . LEU A 1 9   ? 1.809   2.769   3.661   1.00 12.45 ? 9   LEU A O   1 
ATOM   62   C CB  . LEU A 1 9   ? 4.175   2.052   5.204   1.00 10.60 ? 9   LEU A CB  1 
ATOM   63   C CG  . LEU A 1 9   ? 3.765   0.755   5.932   1.00 12.53 ? 9   LEU A CG  1 
ATOM   64   C CD1 . LEU A 1 9   ? 4.570   -0.437  5.522   1.00 9.69  ? 9   LEU A CD1 1 
ATOM   65   C CD2 . LEU A 1 9   ? 3.731   0.922   7.424   1.00 12.97 ? 9   LEU A CD2 1 
ATOM   66   N N   . PHE A 1 10  ? 2.237   0.887   2.516   1.00 10.87 ? 10  PHE A N   1 
ATOM   67   C CA  . PHE A 1 10  ? 0.832   0.647   2.185   1.00 10.28 ? 10  PHE A CA  1 
ATOM   68   C C   . PHE A 1 10  ? 0.268   -0.256  3.234   1.00 9.16  ? 10  PHE A C   1 
ATOM   69   O O   . PHE A 1 10  ? 0.868   -1.278  3.526   1.00 11.40 ? 10  PHE A O   1 
ATOM   70   C CB  . PHE A 1 10  ? 0.781   -0.003  0.760   1.00 9.75  ? 10  PHE A CB  1 
ATOM   71   C CG  . PHE A 1 10  ? 1.239   0.953   -0.347  1.00 13.05 ? 10  PHE A CG  1 
ATOM   72   C CD1 . PHE A 1 10  ? 0.349   1.885   -0.882  1.00 11.71 ? 10  PHE A CD1 1 
ATOM   73   C CD2 . PHE A 1 10  ? 2.569   0.946   -0.856  1.00 10.92 ? 10  PHE A CD2 1 
ATOM   74   C CE1 . PHE A 1 10  ? 0.764   2.762   -1.910  1.00 12.00 ? 10  PHE A CE1 1 
ATOM   75   C CE2 . PHE A 1 10  ? 2.947   1.799   -1.866  1.00 11.68 ? 10  PHE A CE2 1 
ATOM   76   C CZ  . PHE A 1 10  ? 2.051   2.703   -2.397  1.00 10.40 ? 10  PHE A CZ  1 
ATOM   77   N N   . VAL A 1 11  ? -0.928  0.025   3.727   1.00 10.04 ? 11  VAL A N   1 
ATOM   78   C CA  . VAL A 1 11  ? -1.507  -0.744  4.808   1.00 11.35 ? 11  VAL A CA  1 
ATOM   79   C C   . VAL A 1 11  ? -2.895  -1.196  4.470   1.00 13.42 ? 11  VAL A C   1 
ATOM   80   O O   . VAL A 1 11  ? -3.758  -0.408  3.977   1.00 12.83 ? 11  VAL A O   1 
ATOM   81   C CB  . VAL A 1 11  ? -1.431  0.024   6.156   1.00 12.23 ? 11  VAL A CB  1 
ATOM   82   C CG1 . VAL A 1 11  ? -2.098  -0.771  7.271   1.00 12.85 ? 11  VAL A CG1 1 
ATOM   83   C CG2 . VAL A 1 11  ? 0.055   0.305   6.559   1.00 11.40 ? 11  VAL A CG2 1 
ATOM   84   N N   . CYS A 1 12  ? -3.139  -2.484  4.754   1.00 14.14 ? 12  CYS A N   1 
ATOM   85   C CA  . CYS A 1 12  ? -4.503  -3.009  4.696   1.00 15.99 ? 12  CYS A CA  1 
ATOM   86   C C   . CYS A 1 12  ? -4.795  -3.829  5.952   1.00 17.07 ? 12  CYS A C   1 
ATOM   87   O O   . CYS A 1 12  ? -3.999  -3.864  6.922   1.00 15.83 ? 12  CYS A O   1 
ATOM   88   C CB  . CYS A 1 12  ? -4.744  -3.778  3.351   1.00 14.20 ? 12  CYS A CB  1 
ATOM   89   S SG  . CYS A 1 12  ? -3.699  -5.226  3.080   1.00 15.85 ? 12  CYS A SG  1 
ATOM   90   N N   . LEU A 1 13  ? -5.922  -4.538  5.961   1.00 16.72 ? 13  LEU A N   1 
ATOM   91   C CA  . LEU A 1 13  ? -6.260  -5.357  7.102   1.00 17.45 ? 13  LEU A CA  1 
ATOM   92   C C   . LEU A 1 13  ? -5.327  -6.539  7.335   1.00 16.04 ? 13  LEU A C   1 
ATOM   93   O O   . LEU A 1 13  ? -4.827  -6.705  8.473   1.00 16.53 ? 13  LEU A O   1 
ATOM   94   C CB  . LEU A 1 13  ? -7.723  -5.828  6.986   1.00 17.72 ? 13  LEU A CB  1 
ATOM   95   C CG  . LEU A 1 13  ? -8.249  -6.710  8.108   1.00 18.48 ? 13  LEU A CG  1 
ATOM   96   C CD1 . LEU A 1 13  ? -8.083  -5.948  9.412   1.00 20.44 ? 13  LEU A CD1 1 
ATOM   97   C CD2 . LEU A 1 13  ? -9.727  -7.042  7.841   1.00 21.34 ? 13  LEU A CD2 1 
ATOM   98   N N   . GLY A 1 14  ? -5.146  -7.395  6.307   1.00 15.61 ? 14  GLY A N   1 
ATOM   99   C CA  . GLY A 1 14  ? -4.399  -8.644  6.404   1.00 16.15 ? 14  GLY A CA  1 
ATOM   100  C C   . GLY A 1 14  ? -2.976  -8.628  5.881   1.00 16.15 ? 14  GLY A C   1 
ATOM   101  O O   . GLY A 1 14  ? -2.175  -9.559  6.170   1.00 17.76 ? 14  GLY A O   1 
ATOM   102  N N   . ASN A 1 15  ? -2.668  -7.624  5.054   1.00 16.73 ? 15  ASN A N   1 
ATOM   103  C CA  . ASN A 1 15  ? -1.473  -7.570  4.250   1.00 13.80 ? 15  ASN A CA  1 
ATOM   104  C C   . ASN A 1 15  ? -1.281  -8.834  3.388   1.00 14.08 ? 15  ASN A C   1 
ATOM   105  O O   . ASN A 1 15  ? -0.171  -9.277  3.269   1.00 12.84 ? 15  ASN A O   1 
ATOM   106  C CB  . ASN A 1 15  ? -0.250  -7.264  5.161   1.00 14.11 ? 15  ASN A CB  1 
ATOM   107  C CG  . ASN A 1 15  ? 1.052   -6.956  4.424   1.00 12.76 ? 15  ASN A CG  1 
ATOM   108  O OD1 . ASN A 1 15  ? 2.153   -7.337  4.912   1.00 13.75 ? 15  ASN A OD1 1 
ATOM   109  N ND2 . ASN A 1 15  ? 0.995   -6.197  3.313   1.00 13.90 ? 15  ASN A ND2 1 
ATOM   110  N N   . ILE A 1 16  ? -2.349  -9.343  2.789   1.00 13.99 ? 16  ILE A N   1 
ATOM   111  C CA  . ILE A 1 16  ? -2.208  -10.451 1.845   1.00 13.09 ? 16  ILE A CA  1 
ATOM   112  C C   . ILE A 1 16  ? -2.834  -10.124 0.458   1.00 12.44 ? 16  ILE A C   1 
ATOM   113  O O   . ILE A 1 16  ? -2.476  -10.800 -0.513  1.00 13.11 ? 16  ILE A O   1 
ATOM   114  C CB  . ILE A 1 16  ? -2.700  -11.806 2.393   1.00 13.98 ? 16  ILE A CB  1 
ATOM   115  C CG1 . ILE A 1 16  ? -4.121  -11.700 2.924   1.00 15.86 ? 16  ILE A CG1 1 
ATOM   116  C CG2 . ILE A 1 16  ? -1.753  -12.349 3.458   1.00 15.39 ? 16  ILE A CG2 1 
ATOM   117  C CD1 . ILE A 1 16  ? -4.899  -13.052 3.098   1.00 19.17 ? 16  ILE A CD1 1 
ATOM   118  N N   . CYS A 1 17  ? -3.790  -9.196  0.403   1.00 13.05 ? 17  CYS A N   1 
ATOM   119  C CA  . CYS A 1 17  ? -4.518  -8.888  -0.848  1.00 12.49 ? 17  CYS A CA  1 
ATOM   120  C C   . CYS A 1 17  ? -4.170  -7.509  -1.339  1.00 13.87 ? 17  CYS A C   1 
ATOM   121  O O   . CYS A 1 17  ? -3.353  -7.367  -2.241  1.00 13.75 ? 17  CYS A O   1 
ATOM   122  C CB  . CYS A 1 17  ? -6.006  -8.999  -0.717  1.00 12.40 ? 17  CYS A CB  1 
ATOM   123  S SG  . CYS A 1 17  ? -6.510  -10.733 -0.297  1.00 16.28 ? 17  CYS A SG  1 
ATOM   124  N N   . ARG A 1 18  ? -4.755  -6.506  -0.716  1.00 12.39 ? 18  ARG A N   1 
ATOM   125  C CA  . ARG A 1 18  ? -4.657  -5.114  -1.227  1.00 12.54 ? 18  ARG A CA  1 
ATOM   126  C C   . ARG A 1 18  ? -3.288  -4.403  -1.101  1.00 12.68 ? 18  ARG A C   1 
ATOM   127  O O   . ARG A 1 18  ? -2.756  -3.888  -2.085  1.00 12.24 ? 18  ARG A O   1 
ATOM   128  C CB  . ARG A 1 18  ? -5.714  -4.234  -0.572  1.00 12.71 ? 18  ARG A CB  1 
ATOM   129  C CG  . ARG A 1 18  ? -7.178  -4.569  -0.959  1.00 13.35 ? 18  ARG A CG  1 
ATOM   130  C CD  . ARG A 1 18  ? -8.182  -3.923  -0.071  1.00 10.59 ? 18  ARG A CD  1 
ATOM   131  N NE  . ARG A 1 18  ? -8.114  -4.555  1.280   1.00 10.89 ? 18  ARG A NE  1 
ATOM   132  C CZ  . ARG A 1 18  ? -8.794  -4.114  2.310   1.00 12.22 ? 18  ARG A CZ  1 
ATOM   133  N NH1 . ARG A 1 18  ? -9.609  -3.065  2.156   1.00 16.36 ? 18  ARG A NH1 1 
ATOM   134  N NH2 . ARG A 1 18  ? -8.721  -4.720  3.492   1.00 15.12 ? 18  ARG A NH2 1 
ATOM   135  N N   . SER A 1 19  ? -2.717  -4.360  0.100   1.00 12.05 ? 19  SER A N   1 
ATOM   136  C CA  . SER A 1 19  ? -1.496  -3.609  0.262   1.00 13.70 ? 19  SER A CA  1 
ATOM   137  C C   . SER A 1 19  ? -0.309  -4.313  -0.417  1.00 13.96 ? 19  SER A C   1 
ATOM   138  O O   . SER A 1 19  ? 0.511   -3.623  -0.938  1.00 12.72 ? 19  SER A O   1 
ATOM   139  C CB  . SER A 1 19  ? -1.181  -3.209  1.713   1.00 13.28 ? 19  SER A CB  1 
ATOM   140  O OG  . SER A 1 19  ? -0.993  -4.305  2.570   1.00 15.78 ? 19  SER A OG  1 
ATOM   141  N N   . PRO A 1 20  ? -0.206  -5.652  -0.524  1.00 13.40 ? 20  PRO A N   1 
ATOM   142  C CA  . PRO A 1 20  ? 0.855   -6.139  -1.394  1.00 13.41 ? 20  PRO A CA  1 
ATOM   143  C C   . PRO A 1 20  ? 0.682   -5.765  -2.878  1.00 12.82 ? 20  PRO A C   1 
ATOM   144  O O   . PRO A 1 20  ? 1.682   -5.565  -3.559  1.00 13.91 ? 20  PRO A O   1 
ATOM   145  C CB  . PRO A 1 20  ? 0.774   -7.670  -1.258  1.00 14.36 ? 20  PRO A CB  1 
ATOM   146  C CG  . PRO A 1 20  ? 0.070   -7.888  0.075   1.00 14.95 ? 20  PRO A CG  1 
ATOM   147  C CD  . PRO A 1 20  ? -0.957  -6.746  0.123   1.00 14.13 ? 20  PRO A CD  1 
ATOM   148  N N   . ILE A 1 21  ? -0.544  -5.666  -3.362  1.00 12.44 ? 21  ILE A N   1 
ATOM   149  C CA  . ILE A 1 21  ? -0.775  -5.237  -4.742  1.00 12.24 ? 21  ILE A CA  1 
ATOM   150  C C   . ILE A 1 21  ? -0.387  -3.755  -4.889  1.00 12.61 ? 21  ILE A C   1 
ATOM   151  O O   . ILE A 1 21  ? 0.337   -3.406  -5.805  1.00 13.92 ? 21  ILE A O   1 
ATOM   152  C CB  . ILE A 1 21  ? -2.278  -5.465  -5.157  1.00 12.02 ? 21  ILE A CB  1 
ATOM   153  C CG1 . ILE A 1 21  ? -2.611  -6.969  -5.285  1.00 13.38 ? 21  ILE A CG1 1 
ATOM   154  C CG2 . ILE A 1 21  ? -2.585  -4.693  -6.455  1.00 13.09 ? 21  ILE A CG2 1 
ATOM   155  C CD1 . ILE A 1 21  ? -4.067  -7.251  -5.577  1.00 13.89 ? 21  ILE A CD1 1 
ATOM   156  N N   . ALA A 1 22  ? -0.829  -2.923  -3.951  1.00 12.84 ? 22  ALA A N   1 
ATOM   157  C CA  . ALA A 1 22  ? -0.469  -1.468  -3.976  1.00 12.61 ? 22  ALA A CA  1 
ATOM   158  C C   . ALA A 1 22  ? 1.061   -1.288  -3.980  1.00 12.21 ? 22  ALA A C   1 
ATOM   159  O O   . ALA A 1 22  ? 1.610   -0.487  -4.727  1.00 11.76 ? 22  ALA A O   1 
ATOM   160  C CB  . ALA A 1 22  ? -1.116  -0.685  -2.806  1.00 13.02 ? 22  ALA A CB  1 
ATOM   161  N N   . GLU A 1 23  ? 1.767   -2.017  -3.104  1.00 11.43 ? 23  GLU A N   1 
ATOM   162  C CA  . GLU A 1 23  ? 3.209   -1.920  -3.004  1.00 13.45 ? 23  GLU A CA  1 
ATOM   163  C C   . GLU A 1 23  ? 3.887   -2.304  -4.318  1.00 14.11 ? 23  GLU A C   1 
ATOM   164  O O   . GLU A 1 23  ? 4.828   -1.627  -4.794  1.00 15.70 ? 23  GLU A O   1 
ATOM   165  C CB  . GLU A 1 23  ? 3.722   -2.864  -1.885  1.00 13.30 ? 23  GLU A CB  1 
ATOM   166  C CG  . GLU A 1 23  ? 5.227   -2.983  -1.799  1.00 13.98 ? 23  GLU A CG  1 
ATOM   167  C CD  . GLU A 1 23  ? 5.712   -4.089  -0.895  1.00 15.51 ? 23  GLU A CD  1 
ATOM   168  O OE1 . GLU A 1 23  ? 4.876   -4.923  -0.425  1.00 15.04 ? 23  GLU A OE1 1 
ATOM   169  O OE2 . GLU A 1 23  ? 6.943   -4.124  -0.656  1.00 17.00 ? 23  GLU A OE2 1 
ATOM   170  N N   . ALA A 1 24  ? 3.471   -3.425  -4.877  1.00 13.71 ? 24  ALA A N   1 
ATOM   171  C CA  . ALA A 1 24  ? 4.079   -3.902  -6.081  1.00 13.90 ? 24  ALA A CA  1 
ATOM   172  C C   . ALA A 1 24  ? 3.817   -3.002  -7.254  1.00 13.34 ? 24  ALA A C   1 
ATOM   173  O O   . ALA A 1 24  ? 4.681   -2.825  -8.126  1.00 14.29 ? 24  ALA A O   1 
ATOM   174  C CB  . ALA A 1 24  ? 3.603   -5.284  -6.358  1.00 14.92 ? 24  ALA A CB  1 
ATOM   175  N N   . VAL A 1 25  ? 2.605   -2.470  -7.321  1.00 13.11 ? 25  VAL A N   1 
ATOM   176  C CA  . VAL A 1 25  ? 2.250   -1.535  -8.363  1.00 13.73 ? 25  VAL A CA  1 
ATOM   177  C C   . VAL A 1 25  ? 3.089   -0.267  -8.267  1.00 14.18 ? 25  VAL A C   1 
ATOM   178  O O   . VAL A 1 25  ? 3.666   0.202   -9.271  1.00 14.92 ? 25  VAL A O   1 
ATOM   179  C CB  . VAL A 1 25  ? 0.737   -1.179  -8.301  1.00 14.01 ? 25  VAL A CB  1 
ATOM   180  C CG1 . VAL A 1 25  ? 0.394   -0.019  -9.095  1.00 15.21 ? 25  VAL A CG1 1 
ATOM   181  C CG2 . VAL A 1 25  ? -0.080  -2.355  -8.789  1.00 15.81 ? 25  VAL A CG2 1 
ATOM   182  N N   . PHE A 1 26  ? 3.243   0.248   -7.059  1.00 13.70 ? 26  PHE A N   1 
ATOM   183  C CA  . PHE A 1 26  ? 4.015   1.478   -6.853  1.00 14.32 ? 26  PHE A CA  1 
ATOM   184  C C   . PHE A 1 26  ? 5.512   1.225   -7.227  1.00 15.20 ? 26  PHE A C   1 
ATOM   185  O O   . PHE A 1 26  ? 6.132   2.029   -7.866  1.00 16.13 ? 26  PHE A O   1 
ATOM   186  C CB  . PHE A 1 26  ? 3.898   1.985   -5.407  1.00 14.22 ? 26  PHE A CB  1 
ATOM   187  C CG  . PHE A 1 26  ? 4.497   3.366   -5.181  1.00 14.39 ? 26  PHE A CG  1 
ATOM   188  C CD1 . PHE A 1 26  ? 3.936   4.503   -5.703  1.00 16.18 ? 26  PHE A CD1 1 
ATOM   189  C CD2 . PHE A 1 26  ? 5.730   3.486   -4.588  1.00 14.83 ? 26  PHE A CD2 1 
ATOM   190  C CE1 . PHE A 1 26  ? 4.473   5.730   -5.511  1.00 15.36 ? 26  PHE A CE1 1 
ATOM   191  C CE2 . PHE A 1 26  ? 6.313   4.724   -4.378  1.00 16.19 ? 26  PHE A CE2 1 
ATOM   192  C CZ  . PHE A 1 26  ? 5.710   5.857   -4.891  1.00 15.26 ? 26  PHE A CZ  1 
ATOM   193  N N   . ARG A 1 27  ? 6.033   0.085   -6.790  1.00 16.31 ? 27  ARG A N   1 
ATOM   194  C CA  . ARG A 1 27  ? 7.399   -0.314  -7.086  1.00 17.11 ? 27  ARG A CA  1 
ATOM   195  C C   . ARG A 1 27  ? 7.624   -0.409  -8.629  1.00 17.49 ? 27  ARG A C   1 
ATOM   196  O O   . ARG A 1 27  ? 8.668   0.059   -9.120  1.00 18.42 ? 27  ARG A O   1 
ATOM   197  C CB  . ARG A 1 27  ? 7.701   -1.657  -6.421  1.00 17.45 ? 27  ARG A CB  1 
ATOM   198  C CG  . ARG A 1 27  ? 9.120   -2.000  -6.369  1.00 22.55 ? 27  ARG A CG  1 
ATOM   199  C CD  . ARG A 1 27  ? 9.377   -3.300  -5.621  1.00 22.05 ? 27  ARG A CD  1 
ATOM   200  N NE  . ARG A 1 27  ? 8.849   -3.321  -4.245  1.00 22.27 ? 27  ARG A NE  1 
ATOM   201  C CZ  . ARG A 1 27  ? 9.462   -2.759  -3.225  1.00 22.84 ? 27  ARG A CZ  1 
ATOM   202  N NH1 . ARG A 1 27  ? 10.579  -2.064  -3.386  1.00 22.71 ? 27  ARG A NH1 1 
ATOM   203  N NH2 . ARG A 1 27  ? 8.952   -2.842  -2.051  1.00 24.34 ? 27  ARG A NH2 1 
ATOM   204  N N   . LYS A 1 28  ? 6.666   -0.969  -9.356  1.00 19.51 ? 28  LYS A N   1 
ATOM   205  C CA  . LYS A 1 28  ? 6.761   -1.084  -10.812 1.00 18.99 ? 28  LYS A CA  1 
ATOM   206  C C   . LYS A 1 28  ? 6.725   0.302   -11.489 1.00 20.19 ? 28  LYS A C   1 
ATOM   207  O O   . LYS A 1 28  ? 7.511   0.550   -12.394 1.00 19.00 ? 28  LYS A O   1 
ATOM   208  C CB  . LYS A 1 28  ? 5.686   -2.032  -11.373 1.00 20.08 ? 28  LYS A CB  1 
ATOM   209  C CG  . LYS A 1 28  ? 5.769   -2.275  -12.907 1.00 22.73 ? 28  LYS A CG  1 
ATOM   210  C CD  . LYS A 1 28  ? 6.945   -3.232  -13.213 1.00 28.30 ? 28  LYS A CD  1 
ATOM   211  C CE  . LYS A 1 28  ? 7.236   -3.350  -14.696 1.00 30.40 ? 28  LYS A CE  1 
ATOM   212  N NZ  . LYS A 1 28  ? 6.569   -4.501  -15.283 1.00 34.17 ? 28  LYS A NZ  1 
ATOM   213  N N   . LEU A 1 29  ? 5.880   1.212   -10.985 1.00 18.33 ? 29  LEU A N   1 
ATOM   214  C CA  . LEU A 1 29  ? 5.760   2.593   -11.452 1.00 18.70 ? 29  LEU A CA  1 
ATOM   215  C C   . LEU A 1 29  ? 7.099   3.306   -11.300 1.00 19.57 ? 29  LEU A C   1 
ATOM   216  O O   . LEU A 1 29  ? 7.624   3.871   -12.270 1.00 20.91 ? 29  LEU A O   1 
ATOM   217  C CB  A LEU A 1 29  ? 4.636   3.282   -10.687 0.50 17.20 ? 29  LEU A CB  1 
ATOM   218  C CB  B LEU A 1 29  ? 4.758   3.343   -10.523 0.50 18.47 ? 29  LEU A CB  1 
ATOM   219  C CG  A LEU A 1 29  ? 4.460   4.764   -10.837 0.50 14.87 ? 29  LEU A CG  1 
ATOM   220  C CG  B LEU A 1 29  ? 3.439   4.056   -10.812 0.50 20.78 ? 29  LEU A CG  1 
ATOM   221  C CD1 A LEU A 1 29  ? 4.066   5.149   -12.271 0.50 12.93 ? 29  LEU A CD1 1 
ATOM   222  C CD1 B LEU A 1 29  ? 2.205   3.258   -10.423 0.50 19.35 ? 29  LEU A CD1 1 
ATOM   223  C CD2 A LEU A 1 29  ? 3.368   5.216   -9.832  0.50 16.37 ? 29  LEU A CD2 1 
ATOM   224  C CD2 B LEU A 1 29  ? 3.388   5.352   -10.025 0.50 21.38 ? 29  LEU A CD2 1 
ATOM   225  N N   . VAL A 1 30  ? 7.692   3.271   -10.101 1.00 18.90 ? 30  VAL A N   1 
ATOM   226  C CA  . VAL A 1 30  ? 8.939   4.005   -9.890  1.00 20.33 ? 30  VAL A CA  1 
ATOM   227  C C   . VAL A 1 30  ? 10.091  3.377   -10.677 1.00 21.65 ? 30  VAL A C   1 
ATOM   228  O O   . VAL A 1 30  ? 10.984  4.096   -11.087 1.00 20.25 ? 30  VAL A O   1 
ATOM   229  C CB  . VAL A 1 30  ? 9.349   4.241   -8.393  1.00 20.13 ? 30  VAL A CB  1 
ATOM   230  C CG1 . VAL A 1 30  ? 8.343   5.141   -7.708  1.00 21.37 ? 30  VAL A CG1 1 
ATOM   231  C CG2 . VAL A 1 30  ? 9.590   2.935   -7.627  1.00 21.44 ? 30  VAL A CG2 1 
ATOM   232  N N   . THR A 1 31  ? 10.054  2.059   -10.890 1.00 21.96 ? 31  THR A N   1 
ATOM   233  C CA  . THR A 1 31  ? 11.050  1.392   -11.726 1.00 24.32 ? 31  THR A CA  1 
ATOM   234  C C   . THR A 1 31  ? 10.834  1.775   -13.190 1.00 25.24 ? 31  THR A C   1 
ATOM   235  O O   . THR A 1 31  ? 11.805  2.055   -13.889 1.00 27.12 ? 31  THR A O   1 
ATOM   236  C CB  . THR A 1 31  ? 11.049  -0.121  -11.563 1.00 23.99 ? 31  THR A CB  1 
ATOM   237  O OG1 . THR A 1 31  ? 11.187  -0.487  -10.179 1.00 25.06 ? 31  THR A OG1 1 
ATOM   238  C CG2 . THR A 1 31  ? 12.286  -0.663  -12.176 1.00 26.07 ? 31  THR A CG2 1 
ATOM   239  N N   . ASP A 1 32  ? 9.596   1.810   -13.666 1.00 24.97 ? 32  ASP A N   1 
ATOM   240  C CA  . ASP A 1 32  ? 9.323   2.326   -15.029 1.00 26.00 ? 32  ASP A CA  1 
ATOM   241  C C   . ASP A 1 32  ? 9.813   3.773   -15.235 1.00 25.61 ? 32  ASP A C   1 
ATOM   242  O O   . ASP A 1 32  ? 10.240  4.146   -16.340 1.00 25.33 ? 32  ASP A O   1 
ATOM   243  C CB  . ASP A 1 32  ? 7.827   2.277   -15.376 1.00 25.64 ? 32  ASP A CB  1 
ATOM   244  C CG  . ASP A 1 32  ? 7.293   0.872   -15.572 1.00 27.45 ? 32  ASP A CG  1 
ATOM   245  O OD1 . ASP A 1 32  ? 8.094   -0.097  -15.760 1.00 31.48 ? 32  ASP A OD1 1 
ATOM   246  O OD2 . ASP A 1 32  ? 6.048   0.647   -15.561 1.00 30.35 ? 32  ASP A OD2 1 
ATOM   247  N N   . GLN A 1 33  ? 9.772   4.584   -14.184 1.00 25.34 ? 33  GLN A N   1 
ATOM   248  C CA  . GLN A 1 33  ? 10.155  6.007   -14.275 1.00 25.83 ? 33  GLN A CA  1 
ATOM   249  C C   . GLN A 1 33  ? 11.655  6.222   -13.958 1.00 26.20 ? 33  GLN A C   1 
ATOM   250  O O   . GLN A 1 33  ? 12.101  7.355   -13.830 1.00 27.53 ? 33  GLN A O   1 
ATOM   251  C CB  . GLN A 1 33  ? 9.281   6.859   -13.356 1.00 26.25 ? 33  GLN A CB  1 
ATOM   252  C CG  . GLN A 1 33  ? 7.842   7.144   -13.929 1.00 25.55 ? 33  GLN A CG  1 
ATOM   253  C CD  . GLN A 1 33  ? 7.117   8.331   -13.352 1.00 27.55 ? 33  GLN A CD  1 
ATOM   254  O OE1 . GLN A 1 33  ? 5.870   8.471   -13.553 1.00 26.49 ? 33  GLN A OE1 1 
ATOM   255  N NE2 . GLN A 1 33  ? 7.847   9.216   -12.673 1.00 25.85 ? 33  GLN A NE2 1 
ATOM   256  N N   . ASN A 1 34  ? 12.411  5.135   -13.803 1.00 25.92 ? 34  ASN A N   1 
ATOM   257  C CA  . ASN A 1 34  ? 13.825  5.179   -13.397 1.00 26.64 ? 34  ASN A CA  1 
ATOM   258  C C   . ASN A 1 34  ? 14.128  6.005   -12.171 1.00 26.23 ? 34  ASN A C   1 
ATOM   259  O O   . ASN A 1 34  ? 15.167  6.681   -12.098 1.00 26.29 ? 34  ASN A O   1 
ATOM   260  C CB  A ASN A 1 34  ? 14.690  5.662   -14.571 0.50 26.90 ? 34  ASN A CB  1 
ATOM   261  C CB  B ASN A 1 34  ? 14.729  5.609   -14.567 0.50 26.80 ? 34  ASN A CB  1 
ATOM   262  C CG  A ASN A 1 34  ? 14.632  4.723   -15.739 0.50 28.02 ? 34  ASN A CG  1 
ATOM   263  C CG  B ASN A 1 34  ? 16.158  5.084   -14.434 0.50 27.54 ? 34  ASN A CG  1 
ATOM   264  O OD1 A ASN A 1 34  ? 14.888  3.546   -15.586 0.50 31.85 ? 34  ASN A OD1 1 
ATOM   265  O OD1 B ASN A 1 34  ? 16.513  4.384   -13.468 0.50 29.90 ? 34  ASN A OD1 1 
ATOM   266  N ND2 A ASN A 1 34  ? 14.273  5.233   -16.911 0.50 30.01 ? 34  ASN A ND2 1 
ATOM   267  N ND2 B ASN A 1 34  ? 17.005  5.431   -15.421 0.50 30.33 ? 34  ASN A ND2 1 
ATOM   268  N N   . ILE A 1 35  ? 13.256  5.931   -11.154 1.00 25.12 ? 35  ILE A N   1 
ATOM   269  C CA  . ILE A 1 35  ? 13.513  6.609   -9.882  1.00 24.36 ? 35  ILE A CA  1 
ATOM   270  C C   . ILE A 1 35  ? 13.277  5.690   -8.665  1.00 23.06 ? 35  ILE A C   1 
ATOM   271  O O   . ILE A 1 35  ? 13.053  6.138   -7.572  1.00 22.27 ? 35  ILE A O   1 
ATOM   272  C CB  . ILE A 1 35  ? 12.653  7.883   -9.756  1.00 24.72 ? 35  ILE A CB  1 
ATOM   273  C CG1 . ILE A 1 35  ? 11.182  7.573   -10.036 1.00 25.55 ? 35  ILE A CG1 1 
ATOM   274  C CG2 . ILE A 1 35  ? 13.109  8.966   -10.728 1.00 26.09 ? 35  ILE A CG2 1 
ATOM   275  C CD1 . ILE A 1 35  ? 10.327  8.569   -9.401  1.00 27.74 ? 35  ILE A CD1 1 
ATOM   276  N N   . SER A 1 36  ? 13.393  4.401   -8.874  1.00 23.38 ? 36  SER A N   1 
ATOM   277  C CA  . SER A 1 36  ? 13.227  3.439   -7.775  1.00 24.15 ? 36  SER A CA  1 
ATOM   278  C C   . SER A 1 36  ? 14.176  3.698   -6.635  1.00 24.42 ? 36  SER A C   1 
ATOM   279  O O   . SER A 1 36  ? 13.825  3.504   -5.457  1.00 23.58 ? 36  SER A O   1 
ATOM   280  C CB  . SER A 1 36  ? 13.374  2.025   -8.294  1.00 24.57 ? 36  SER A CB  1 
ATOM   281  O OG  . SER A 1 36  ? 14.699  1.691   -8.607  1.00 27.63 ? 36  SER A OG  1 
ATOM   282  N N   . GLU A 1 37  ? 15.376  4.188   -6.959  1.00 25.43 ? 37  GLU A N   1 
ATOM   283  C CA  . GLU A 1 37  ? 16.390  4.413   -5.921  1.00 25.76 ? 37  GLU A CA  1 
ATOM   284  C C   . GLU A 1 37  ? 16.063  5.564   -4.970  1.00 24.68 ? 37  GLU A C   1 
ATOM   285  O O   . GLU A 1 37  ? 16.650  5.691   -3.923  1.00 23.79 ? 37  GLU A O   1 
ATOM   286  C CB  A GLU A 1 37  ? 17.766  4.641   -6.602  0.50 26.38 ? 37  GLU A CB  1 
ATOM   287  C CB  B GLU A 1 37  ? 17.808  4.547   -6.509  0.50 26.72 ? 37  GLU A CB  1 
ATOM   288  C CG  A GLU A 1 37  ? 18.034  3.709   -7.793  0.50 27.08 ? 37  GLU A CG  1 
ATOM   289  C CG  B GLU A 1 37  ? 18.351  3.222   -7.031  0.50 28.86 ? 37  GLU A CG  1 
ATOM   290  C CD  A GLU A 1 37  ? 17.851  4.368   -9.155  0.50 27.73 ? 37  GLU A CD  1 
ATOM   291  C CD  B GLU A 1 37  ? 18.523  2.146   -5.958  0.50 31.05 ? 37  GLU A CD  1 
ATOM   292  O OE1 A GLU A 1 37  ? 16.762  4.955   -9.431  0.50 23.42 ? 37  GLU A OE1 1 
ATOM   293  O OE1 B GLU A 1 37  ? 18.803  2.483   -4.773  0.50 30.79 ? 37  GLU A OE1 1 
ATOM   294  O OE2 A GLU A 1 37  ? 18.819  4.320   -9.965  0.50 30.38 ? 37  GLU A OE2 1 
ATOM   295  O OE2 B GLU A 1 37  ? 18.395  0.952   -6.313  0.50 33.13 ? 37  GLU A OE2 1 
ATOM   296  N N   . ASN A 1 38  ? 15.104  6.380   -5.372  1.00 25.23 ? 38  ASN A N   1 
ATOM   297  C CA  . ASN A 1 38  ? 14.615  7.507   -4.599  1.00 25.46 ? 38  ASN A CA  1 
ATOM   298  C C   . ASN A 1 38  ? 13.414  7.187   -3.664  1.00 24.77 ? 38  ASN A C   1 
ATOM   299  O O   . ASN A 1 38  ? 12.927  8.092   -2.971  1.00 25.68 ? 38  ASN A O   1 
ATOM   300  C CB  . ASN A 1 38  ? 14.189  8.625   -5.557  1.00 26.28 ? 38  ASN A CB  1 
ATOM   301  C CG  . ASN A 1 38  ? 15.331  9.118   -6.436  1.00 30.09 ? 38  ASN A CG  1 
ATOM   302  O OD1 . ASN A 1 38  ? 15.133  9.391   -7.632  1.00 37.36 ? 38  ASN A OD1 1 
ATOM   303  N ND2 . ASN A 1 38  ? 16.523  9.214   -5.860  1.00 32.83 ? 38  ASN A ND2 1 
ATOM   304  N N   . TRP A 1 39  ? 12.956  5.947   -3.675  1.00 22.19 ? 39  TRP A N   1 
ATOM   305  C CA  . TRP A 1 39  ? 11.822  5.520   -2.818  1.00 20.75 ? 39  TRP A CA  1 
ATOM   306  C C   . TRP A 1 39  ? 12.183  4.313   -1.961  1.00 20.77 ? 39  TRP A C   1 
ATOM   307  O O   . TRP A 1 39  ? 12.894  3.412   -2.446  1.00 21.53 ? 39  TRP A O   1 
ATOM   308  C CB  . TRP A 1 39  ? 10.648  5.179   -3.691  1.00 20.53 ? 39  TRP A CB  1 
ATOM   309  C CG  . TRP A 1 39  ? 10.008  6.431   -4.177  1.00 20.46 ? 39  TRP A CG  1 
ATOM   310  C CD1 . TRP A 1 39  ? 10.287  7.125   -5.338  1.00 21.85 ? 39  TRP A CD1 1 
ATOM   311  C CD2 . TRP A 1 39  ? 8.986   7.154   -3.510  1.00 17.60 ? 39  TRP A CD2 1 
ATOM   312  N NE1 . TRP A 1 39  ? 9.508   8.259   -5.390  1.00 17.65 ? 39  TRP A NE1 1 
ATOM   313  C CE2 . TRP A 1 39  ? 8.686   8.289   -4.294  1.00 20.20 ? 39  TRP A CE2 1 
ATOM   314  C CE3 . TRP A 1 39  ? 8.273   6.960   -2.314  1.00 19.58 ? 39  TRP A CE3 1 
ATOM   315  C CZ2 . TRP A 1 39  ? 7.715   9.203   -3.928  1.00 16.33 ? 39  TRP A CZ2 1 
ATOM   316  C CZ3 . TRP A 1 39  ? 7.294   7.875   -1.944  1.00 19.06 ? 39  TRP A CZ3 1 
ATOM   317  C CH2 . TRP A 1 39  ? 7.022   8.979   -2.742  1.00 19.57 ? 39  TRP A CH2 1 
ATOM   318  N N   . VAL A 1 40  ? 11.704  4.330   -0.716  1.00 18.65 ? 40  VAL A N   1 
ATOM   319  C CA  . VAL A 1 40  ? 11.652  3.134   0.124   1.00 17.91 ? 40  VAL A CA  1 
ATOM   320  C C   . VAL A 1 40  ? 10.182  2.759   0.244   1.00 15.54 ? 40  VAL A C   1 
ATOM   321  O O   . VAL A 1 40  ? 9.368   3.588   0.642   1.00 18.06 ? 40  VAL A O   1 
ATOM   322  C CB  . VAL A 1 40  ? 12.221  3.373   1.476   1.00 18.94 ? 40  VAL A CB  1 
ATOM   323  C CG1 . VAL A 1 40  ? 12.073  2.092   2.363   1.00 19.71 ? 40  VAL A CG1 1 
ATOM   324  C CG2 . VAL A 1 40  ? 13.703  3.754   1.374   1.00 21.61 ? 40  VAL A CG2 1 
ATOM   325  N N   . ILE A 1 41  ? 9.870   1.516   -0.101  1.00 14.80 ? 41  ILE A N   1 
ATOM   326  C CA  . ILE A 1 41  ? 8.496   1.042   -0.278  1.00 15.11 ? 41  ILE A CA  1 
ATOM   327  C C   . ILE A 1 41  ? 8.294   -0.253  0.524   1.00 15.21 ? 41  ILE A C   1 
ATOM   328  O O   . ILE A 1 41  ? 9.135   -1.157  0.481   1.00 16.43 ? 41  ILE A O   1 
ATOM   329  C CB  . ILE A 1 41  ? 8.206   0.796   -1.776  1.00 15.00 ? 41  ILE A CB  1 
ATOM   330  C CG1 . ILE A 1 41  ? 8.555   2.060   -2.606  1.00 14.09 ? 41  ILE A CG1 1 
ATOM   331  C CG2 . ILE A 1 41  ? 6.737   0.502   -1.961  1.00 16.82 ? 41  ILE A CG2 1 
ATOM   332  C CD1 . ILE A 1 41  ? 8.746   1.806   -3.995  1.00 14.87 ? 41  ILE A CD1 1 
ATOM   333  N N   . ASP A 1 42  ? 7.196   -0.346  1.267   1.00 13.91 ? 42  ASP A N   1 
ATOM   334  C CA  . ASP A 1 42  ? 6.866   -1.533  2.007   1.00 13.64 ? 42  ASP A CA  1 
ATOM   335  C C   . ASP A 1 42  ? 5.331   -1.630  2.102   1.00 13.42 ? 42  ASP A C   1 
ATOM   336  O O   . ASP A 1 42  ? 4.617   -0.696  1.704   1.00 13.11 ? 42  ASP A O   1 
ATOM   337  C CB  . ASP A 1 42  ? 7.499   -1.441  3.399   1.00 12.24 ? 42  ASP A CB  1 
ATOM   338  C CG  . ASP A 1 42  ? 7.626   -2.767  4.124   1.00 15.36 ? 42  ASP A CG  1 
ATOM   339  O OD1 . ASP A 1 42  ? 7.419   -3.874  3.549   1.00 15.67 ? 42  ASP A OD1 1 
ATOM   340  O OD2 . ASP A 1 42  ? 8.022   -2.752  5.288   1.00 17.08 ? 42  ASP A OD2 1 
ATOM   341  N N   . SER A 1 43  ? 4.870   -2.780  2.562   1.00 11.39 ? 43  SER A N   1 
ATOM   342  C CA  . SER A 1 43  ? 3.480   -2.923  3.017   1.00 11.32 ? 43  SER A CA  1 
ATOM   343  C C   . SER A 1 43  ? 3.371   -3.625  4.377   1.00 11.66 ? 43  SER A C   1 
ATOM   344  O O   . SER A 1 43  ? 4.278   -4.304  4.867   1.00 12.10 ? 43  SER A O   1 
ATOM   345  C CB  . SER A 1 43  ? 2.631   -3.637  1.998   1.00 12.34 ? 43  SER A CB  1 
ATOM   346  O OG  . SER A 1 43  ? 3.077   -4.930  1.650   1.00 13.78 ? 43  SER A OG  1 
ATOM   347  N N   . GLY A 1 44  ? 2.211   -3.469  4.986   1.00 10.74 ? 44  GLY A N   1 
ATOM   348  C CA  . GLY A 1 44  ? 2.001   -4.026  6.306   1.00 11.08 ? 44  GLY A CA  1 
ATOM   349  C C   . GLY A 1 44  ? 0.539   -4.066  6.674   1.00 12.25 ? 44  GLY A C   1 
ATOM   350  O O   . GLY A 1 44  ? -0.319  -3.540  5.968   1.00 13.34 ? 44  GLY A O   1 
ATOM   351  N N   . ALA A 1 45  ? 0.242   -4.783  7.735   1.00 11.51 ? 45  ALA A N   1 
ATOM   352  C CA  . ALA A 1 45  ? -1.143  -5.047  8.134   1.00 12.35 ? 45  ALA A CA  1 
ATOM   353  C C   . ALA A 1 45  ? -1.506  -4.362  9.438   1.00 13.60 ? 45  ALA A C   1 
ATOM   354  O O   . ALA A 1 45  ? -0.678  -4.278  10.356  1.00 14.44 ? 45  ALA A O   1 
ATOM   355  C CB  . ALA A 1 45  ? -1.322  -6.567  8.346   1.00 11.86 ? 45  ALA A CB  1 
ATOM   356  N N   . VAL A 1 46  ? -2.781  -4.010  9.587   1.00 14.98 ? 46  VAL A N   1 
ATOM   357  C CA  . VAL A 1 46  ? -3.320  -3.667  10.868  1.00 17.16 ? 46  VAL A CA  1 
ATOM   358  C C   . VAL A 1 46  ? -3.289  -4.894  11.842  1.00 17.88 ? 46  VAL A C   1 
ATOM   359  O O   . VAL A 1 46  ? -2.863  -4.780  12.987  1.00 20.18 ? 46  VAL A O   1 
ATOM   360  C CB  . VAL A 1 46  ? -4.752  -3.154  10.707  1.00 16.99 ? 46  VAL A CB  1 
ATOM   361  C CG1 . VAL A 1 46  ? -5.368  -3.006  12.067  1.00 20.54 ? 46  VAL A CG1 1 
ATOM   362  C CG2 . VAL A 1 46  ? -4.726  -1.805  9.929   1.00 20.05 ? 46  VAL A CG2 1 
ATOM   363  N N   . SER A 1 47  ? -3.656  -6.045  11.340  1.00 17.72 ? 47  SER A N   1 
ATOM   364  C CA  . SER A 1 47  ? -3.754  -7.241  12.147  1.00 18.19 ? 47  SER A CA  1 
ATOM   365  C C   . SER A 1 47  ? -2.479  -8.071  12.145  1.00 18.97 ? 47  SER A C   1 
ATOM   366  O O   . SER A 1 47  ? -1.585  -7.857  11.295  1.00 19.96 ? 47  SER A O   1 
ATOM   367  C CB  . SER A 1 47  ? -4.919  -8.087  11.642  1.00 17.08 ? 47  SER A CB  1 
ATOM   368  O OG  . SER A 1 47  ? -4.549  -8.741  10.423  1.00 17.54 ? 47  SER A OG  1 
ATOM   369  N N   . ASP A 1 48  ? -2.428  -9.070  13.019  1.00 20.83 ? 48  ASP A N   1 
ATOM   370  C CA  . ASP A 1 48  ? -1.290  -9.996  13.068  1.00 21.05 ? 48  ASP A CA  1 
ATOM   371  C C   . ASP A 1 48  ? -1.711  -11.361 12.487  1.00 21.16 ? 48  ASP A C   1 
ATOM   372  O O   . ASP A 1 48  ? -0.951  -12.319 12.501  1.00 20.54 ? 48  ASP A O   1 
ATOM   373  C CB  . ASP A 1 48  ? -0.799  -10.151 14.504  1.00 22.33 ? 48  ASP A CB  1 
ATOM   374  C CG  . ASP A 1 48  ? -1.847  -10.830 15.412  1.00 24.05 ? 48  ASP A CG  1 
ATOM   375  O OD1 . ASP A 1 48  ? -1.642  -10.946 16.653  1.00 33.89 ? 48  ASP A OD1 1 
ATOM   376  O OD2 . ASP A 1 48  ? -2.889  -11.288 14.957  1.00 28.16 ? 48  ASP A OD2 1 
ATOM   377  N N   . TRP A 1 49  ? -2.885  -11.396 11.862  1.00 21.15 ? 49  TRP A N   1 
ATOM   378  C CA  . TRP A 1 49  ? -3.448  -12.662 11.367  1.00 22.38 ? 49  TRP A CA  1 
ATOM   379  C C   . TRP A 1 49  ? -2.571  -13.498 10.451  1.00 23.03 ? 49  TRP A C   1 
ATOM   380  O O   . TRP A 1 49  ? -2.609  -14.726 10.517  1.00 24.69 ? 49  TRP A O   1 
ATOM   381  C CB  . TRP A 1 49  ? -4.780  -12.427 10.667  1.00 22.81 ? 49  TRP A CB  1 
ATOM   382  C CG  . TRP A 1 49  ? -5.766  -11.716 11.475  1.00 23.64 ? 49  TRP A CG  1 
ATOM   383  C CD1 . TRP A 1 49  ? -5.784  -11.585 12.827  1.00 22.72 ? 49  TRP A CD1 1 
ATOM   384  C CD2 . TRP A 1 49  ? -6.912  -11.032 10.987  1.00 25.50 ? 49  TRP A CD2 1 
ATOM   385  N NE1 . TRP A 1 49  ? -6.853  -10.829 13.211  1.00 27.13 ? 49  TRP A NE1 1 
ATOM   386  C CE2 . TRP A 1 49  ? -7.575  -10.493 12.090  1.00 23.92 ? 49  TRP A CE2 1 
ATOM   387  C CE3 . TRP A 1 49  ? -7.438  -10.804 9.714   1.00 26.03 ? 49  TRP A CE3 1 
ATOM   388  C CZ2 . TRP A 1 49  ? -8.715  -9.718  11.970  1.00 24.58 ? 49  TRP A CZ2 1 
ATOM   389  C CZ3 . TRP A 1 49  ? -8.595  -10.063 9.605   1.00 26.07 ? 49  TRP A CZ3 1 
ATOM   390  C CH2 . TRP A 1 49  ? -9.210  -9.520  10.723  1.00 23.06 ? 49  TRP A CH2 1 
ATOM   391  N N   . ASN A 1 50  ? -1.871  -12.853 9.524   1.00 20.86 ? 50  ASN A N   1 
ATOM   392  C CA  . ASN A 1 50  ? -1.233  -13.526 8.417   1.00 20.22 ? 50  ASN A CA  1 
ATOM   393  C C   . ASN A 1 50  ? 0.279   -13.377 8.424   1.00 19.17 ? 50  ASN A C   1 
ATOM   394  O O   . ASN A 1 50  ? 0.909   -13.613 7.411   1.00 19.82 ? 50  ASN A O   1 
ATOM   395  C CB  . ASN A 1 50  ? -1.752  -12.954 7.078   1.00 20.44 ? 50  ASN A CB  1 
ATOM   396  C CG  . ASN A 1 50  ? -3.210  -13.195 6.896   1.00 21.59 ? 50  ASN A CG  1 
ATOM   397  O OD1 . ASN A 1 50  ? -4.005  -12.258 6.771   1.00 24.80 ? 50  ASN A OD1 1 
ATOM   398  N ND2 . ASN A 1 50  ? -3.590  -14.471 6.906   1.00 22.41 ? 50  ASN A ND2 1 
ATOM   399  N N   . VAL A 1 51  ? 0.857   -12.994 9.556   1.00 18.27 ? 51  VAL A N   1 
ATOM   400  C CA  . VAL A 1 51  ? 2.283   -12.678 9.596   1.00 18.62 ? 51  VAL A CA  1 
ATOM   401  C C   . VAL A 1 51  ? 3.124   -13.819 9.038   1.00 18.75 ? 51  VAL A C   1 
ATOM   402  O O   . VAL A 1 51  ? 2.928   -14.985 9.372   1.00 18.50 ? 51  VAL A O   1 
ATOM   403  C CB  . VAL A 1 51  ? 2.732   -12.313 11.011  1.00 18.70 ? 51  VAL A CB  1 
ATOM   404  C CG1 . VAL A 1 51  ? 4.238   -12.217 11.102  1.00 19.22 ? 51  VAL A CG1 1 
ATOM   405  C CG2 . VAL A 1 51  ? 2.115   -10.975 11.427  1.00 20.12 ? 51  VAL A CG2 1 
ATOM   406  N N   . GLY A 1 52  ? 4.037   -13.480 8.149   1.00 18.35 ? 52  GLY A N   1 
ATOM   407  C CA  . GLY A 1 52  ? 4.906   -14.448 7.516   1.00 18.82 ? 52  GLY A CA  1 
ATOM   408  C C   . GLY A 1 52  ? 4.437   -15.018 6.202   1.00 19.48 ? 52  GLY A C   1 
ATOM   409  O O   . GLY A 1 52  ? 5.233   -15.639 5.513   1.00 21.74 ? 52  GLY A O   1 
ATOM   410  N N   . ARG A 1 53  ? 3.184   -14.819 5.826   1.00 20.34 ? 53  ARG A N   1 
ATOM   411  C CA  . ARG A 1 53  ? 2.597   -15.466 4.629   1.00 20.53 ? 53  ARG A CA  1 
ATOM   412  C C   . ARG A 1 53  ? 2.936   -14.649 3.422   1.00 19.28 ? 53  ARG A C   1 
ATOM   413  O O   . ARG A 1 53  ? 2.887   -13.443 3.494   1.00 17.56 ? 53  ARG A O   1 
ATOM   414  C CB  A ARG A 1 53  ? 1.093   -15.567 4.760   0.50 21.61 ? 53  ARG A CB  1 
ATOM   415  C CB  B ARG A 1 53  ? 1.060   -15.471 4.688   0.50 21.71 ? 53  ARG A CB  1 
ATOM   416  C CG  A ARG A 1 53  ? 0.665   -16.401 5.931   0.50 23.48 ? 53  ARG A CG  1 
ATOM   417  C CG  B ARG A 1 53  ? 0.349   -16.509 5.562   0.50 23.87 ? 53  ARG A CG  1 
ATOM   418  C CD  A ARG A 1 53  ? -0.815  -16.569 6.062   0.50 27.26 ? 53  ARG A CD  1 
ATOM   419  C CD  B ARG A 1 53  ? -1.121  -16.742 5.130   0.50 27.88 ? 53  ARG A CD  1 
ATOM   420  N NE  A ARG A 1 53  ? -1.062  -17.843 6.730   0.50 28.12 ? 53  ARG A NE  1 
ATOM   421  N NE  B ARG A 1 53  ? -1.272  -17.900 4.244   0.50 31.97 ? 53  ARG A NE  1 
ATOM   422  C CZ  A ARG A 1 53  ? -1.902  -18.054 7.741   0.50 30.25 ? 53  ARG A CZ  1 
ATOM   423  C CZ  B ARG A 1 53  ? -1.635  -19.144 4.630   0.50 33.73 ? 53  ARG A CZ  1 
ATOM   424  N NH1 A ARG A 1 53  ? -2.675  -17.097 8.240   0.50 28.97 ? 53  ARG A NH1 1 
ATOM   425  N NH1 B ARG A 1 53  ? -1.731  -20.103 3.719   0.50 33.99 ? 53  ARG A NH1 1 
ATOM   426  N NH2 A ARG A 1 53  ? -1.977  -19.270 8.246   0.50 29.42 ? 53  ARG A NH2 1 
ATOM   427  N NH2 B ARG A 1 53  ? -1.889  -19.443 5.908   0.50 34.13 ? 53  ARG A NH2 1 
ATOM   428  N N   . SER A 1 54  ? 3.153   -15.300 2.302   1.00 16.99 ? 54  SER A N   1 
ATOM   429  C CA  . SER A 1 54  ? 3.233   -14.622 1.032   1.00 17.60 ? 54  SER A CA  1 
ATOM   430  C C   . SER A 1 54  ? 1.797   -14.145 0.669   1.00 16.36 ? 54  SER A C   1 
ATOM   431  O O   . SER A 1 54  ? 0.795   -14.574 1.270   1.00 15.57 ? 54  SER A O   1 
ATOM   432  C CB  . SER A 1 54  ? 3.815   -15.590 -0.029  1.00 18.68 ? 54  SER A CB  1 
ATOM   433  O OG  . SER A 1 54  ? 5.239   -15.736 0.120   1.00 21.40 ? 54  SER A OG  1 
ATOM   434  N N   . PRO A 1 55  ? 1.682   -13.205 -0.270  1.00 15.02 ? 55  PRO A N   1 
ATOM   435  C CA  . PRO A 1 55  ? 0.351   -12.699 -0.617  1.00 16.34 ? 55  PRO A CA  1 
ATOM   436  C C   . PRO A 1 55  ? -0.591  -13.790 -1.128  1.00 16.16 ? 55  PRO A C   1 
ATOM   437  O O   . PRO A 1 55  ? -0.151  -14.901 -1.552  1.00 18.26 ? 55  PRO A O   1 
ATOM   438  C CB  . PRO A 1 55  ? 0.638   -11.619 -1.669  1.00 15.83 ? 55  PRO A CB  1 
ATOM   439  C CG  . PRO A 1 55  ? 2.087   -11.227 -1.451  1.00 17.16 ? 55  PRO A CG  1 
ATOM   440  C CD  . PRO A 1 55  ? 2.731   -12.593 -1.052  1.00 15.54 ? 55  PRO A CD  1 
ATOM   441  N N   . ASP A 1 56  ? -1.877  -13.529 -0.966  1.00 16.45 ? 56  ASP A N   1 
ATOM   442  C CA  . ASP A 1 56  ? -2.911  -14.431 -1.420  1.00 16.50 ? 56  ASP A CA  1 
ATOM   443  C C   . ASP A 1 56  ? -2.590  -14.803 -2.865  1.00 16.09 ? 56  ASP A C   1 
ATOM   444  O O   . ASP A 1 56  ? -2.289  -13.943 -3.705  1.00 14.33 ? 56  ASP A O   1 
ATOM   445  C CB  . ASP A 1 56  ? -4.263  -13.743 -1.352  1.00 17.13 ? 56  ASP A CB  1 
ATOM   446  C CG  . ASP A 1 56  ? -5.415  -14.681 -1.573  1.00 19.45 ? 56  ASP A CG  1 
ATOM   447  O OD1 . ASP A 1 56  ? -5.691  -15.002 -2.764  1.00 17.76 ? 56  ASP A OD1 1 
ATOM   448  O OD2 . ASP A 1 56  ? -6.186  -15.042 -0.628  1.00 19.20 ? 56  ASP A OD2 1 
ATOM   449  N N   . PRO A 1 57  ? -2.685  -16.080 -3.204  1.00 15.70 ? 57  PRO A N   1 
ATOM   450  C CA  . PRO A 1 57  ? -2.414  -16.476 -4.592  1.00 15.92 ? 57  PRO A CA  1 
ATOM   451  C C   . PRO A 1 57  ? -3.194  -15.769 -5.708  1.00 15.35 ? 57  PRO A C   1 
ATOM   452  O O   . PRO A 1 57  ? -2.691  -15.621 -6.821  1.00 17.27 ? 57  PRO A O   1 
ATOM   453  C CB  . PRO A 1 57  ? -2.724  -17.979 -4.580  1.00 15.08 ? 57  PRO A CB  1 
ATOM   454  C CG  . PRO A 1 57  ? -2.462  -18.377 -3.193  1.00 17.35 ? 57  PRO A CG  1 
ATOM   455  C CD  . PRO A 1 57  ? -2.928  -17.254 -2.335  1.00 16.72 ? 57  PRO A CD  1 
ATOM   456  N N   . ARG A 1 58  ? -4.393  -15.346 -5.416  1.00 16.02 ? 58  ARG A N   1 
ATOM   457  C CA  . ARG A 1 58  ? -5.152  -14.512 -6.327  1.00 16.40 ? 58  ARG A CA  1 
ATOM   458  C C   . ARG A 1 58  ? -4.503  -13.189 -6.582  1.00 16.92 ? 58  ARG A C   1 
ATOM   459  O O   . ARG A 1 58  ? -4.541  -12.651 -7.703  1.00 18.67 ? 58  ARG A O   1 
ATOM   460  C CB  . ARG A 1 58  ? -6.555  -14.320 -5.793  1.00 15.78 ? 58  ARG A CB  1 
ATOM   461  C CG  . ARG A 1 58  ? -7.382  -15.686 -5.772  1.00 19.97 ? 58  ARG A CG  1 
ATOM   462  C CD  . ARG A 1 58  ? -8.665  -15.660 -4.964  1.00 20.96 ? 58  ARG A CD  1 
ATOM   463  N NE  . ARG A 1 58  ? -8.415  -15.322 -3.534  1.00 22.04 ? 58  ARG A NE  1 
ATOM   464  C CZ  . ARG A 1 58  ? -9.341  -14.930 -2.676  1.00 18.25 ? 58  ARG A CZ  1 
ATOM   465  N NH1 . ARG A 1 58  ? -10.621 -14.792 -3.043  1.00 21.44 ? 58  ARG A NH1 1 
ATOM   466  N NH2 . ARG A 1 58  ? -8.997  -14.592 -1.437  1.00 20.89 ? 58  ARG A NH2 1 
ATOM   467  N N   . ALA A 1 59  ? -3.947  -12.609 -5.519  1.00 17.67 ? 59  ALA A N   1 
ATOM   468  C CA  . ALA A 1 59  ? -3.194  -11.361 -5.662  1.00 17.08 ? 59  ALA A CA  1 
ATOM   469  C C   . ALA A 1 59  ? -1.900  -11.505 -6.450  1.00 16.46 ? 59  ALA A C   1 
ATOM   470  O O   . ALA A 1 59  ? -1.590  -10.702 -7.358  1.00 16.58 ? 59  ALA A O   1 
ATOM   471  C CB  . ALA A 1 59  ? -2.944  -10.752 -4.257  1.00 16.80 ? 59  ALA A CB  1 
ATOM   472  N N   . VAL A 1 60  ? -1.128  -12.551 -6.173  1.00 15.98 ? 60  VAL A N   1 
ATOM   473  C CA  . VAL A 1 60  ? 0.079   -12.885 -6.945  1.00 15.70 ? 60  VAL A CA  1 
ATOM   474  C C   . VAL A 1 60  ? -0.267  -13.097 -8.441  1.00 16.76 ? 60  VAL A C   1 
ATOM   475  O O   . VAL A 1 60  ? 0.442   -12.591 -9.313  1.00 18.08 ? 60  VAL A O   1 
ATOM   476  C CB  . VAL A 1 60  ? 0.742   -14.152 -6.383  1.00 16.17 ? 60  VAL A CB  1 
ATOM   477  C CG1 . VAL A 1 60  ? 1.922   -14.642 -7.189  1.00 18.96 ? 60  VAL A CG1 1 
ATOM   478  C CG2 . VAL A 1 60  ? 1.157   -13.945 -4.956  1.00 15.52 ? 60  VAL A CG2 1 
ATOM   479  N N   . SER A 1 61  ? -1.338  -13.829 -8.702  1.00 18.02 ? 61  SER A N   1 
ATOM   480  C CA  . SER A 1 61  ? -1.768  -14.085 -10.056 1.00 19.10 ? 61  SER A CA  1 
ATOM   481  C C   . SER A 1 61  ? -2.248  -12.812 -10.751 1.00 17.95 ? 61  SER A C   1 
ATOM   482  O O   . SER A 1 61  ? -1.913  -12.586 -11.924 1.00 19.79 ? 61  SER A O   1 
ATOM   483  C CB  . SER A 1 61  ? -2.867  -15.149 -10.078 1.00 20.77 ? 61  SER A CB  1 
ATOM   484  O OG  . SER A 1 61  ? -3.359  -15.338 -11.394 1.00 25.73 ? 61  SER A OG  1 
ATOM   485  N N   . CYS A 1 62  ? -3.105  -12.045 -10.084 1.00 17.29 ? 62  CYS A N   1 
ATOM   486  C CA  . CYS A 1 62  ? -3.455  -10.694 -10.593 1.00 16.49 ? 62  CYS A CA  1 
ATOM   487  C C   . CYS A 1 62  ? -2.226  -9.914  -11.030 1.00 16.73 ? 62  CYS A C   1 
ATOM   488  O O   . CYS A 1 62  ? -2.214  -9.405  -12.179 1.00 17.14 ? 62  CYS A O   1 
ATOM   489  C CB  . CYS A 1 62  ? -4.282  -9.969  -9.588  1.00 19.08 ? 62  CYS A CB  1 
ATOM   490  S SG  . CYS A 1 62  ? -4.706  -8.295  -10.143 1.00 19.66 ? 62  CYS A SG  1 
ATOM   491  N N   . LEU A 1 63  ? -1.223  -9.825  -10.162 1.00 15.36 ? 63  LEU A N   1 
ATOM   492  C CA  . LEU A 1 63  ? 0.028   -9.092  -10.441 1.00 16.11 ? 63  LEU A CA  1 
ATOM   493  C C   . LEU A 1 63  ? 0.797   -9.714  -11.640 1.00 17.84 ? 63  LEU A C   1 
ATOM   494  O O   . LEU A 1 63  ? 1.299   -9.002  -12.523 1.00 16.18 ? 63  LEU A O   1 
ATOM   495  C CB  . LEU A 1 63  ? 0.902   -9.041  -9.183  1.00 15.41 ? 63  LEU A CB  1 
ATOM   496  C CG  . LEU A 1 63  ? 0.375   -8.155  -8.070  1.00 15.35 ? 63  LEU A CG  1 
ATOM   497  C CD1 . LEU A 1 63  ? 1.140   -8.326  -6.789  1.00 15.14 ? 63  LEU A CD1 1 
ATOM   498  C CD2 . LEU A 1 63  ? 0.388   -6.661  -8.389  1.00 14.27 ? 63  LEU A CD2 1 
ATOM   499  N N   . ARG A 1 64  ? 0.856   -11.047 -11.685 1.00 18.61 ? 64  ARG A N   1 
ATOM   500  C CA  . ARG A 1 64  ? 1.510   -11.709 -12.810 1.00 20.11 ? 64  ARG A CA  1 
ATOM   501  C C   . ARG A 1 64  ? 0.819   -11.443 -14.156 1.00 19.81 ? 64  ARG A C   1 
ATOM   502  O O   . ARG A 1 64  ? 1.490   -11.272 -15.213 1.00 20.25 ? 64  ARG A O   1 
ATOM   503  C CB  . ARG A 1 64  ? 1.613   -13.190 -12.502 1.00 21.18 ? 64  ARG A CB  1 
ATOM   504  C CG  . ARG A 1 64  ? 2.681   -13.463 -11.467 1.00 25.93 ? 64  ARG A CG  1 
ATOM   505  C CD  . ARG A 1 64  ? 3.583   -14.652 -11.807 1.00 33.84 ? 64  ARG A CD  1 
ATOM   506  N NE  . ARG A 1 64  ? 4.414   -15.006 -10.661 1.00 37.64 ? 64  ARG A NE  1 
ATOM   507  C CZ  . ARG A 1 64  ? 4.195   -16.050 -9.860  1.00 40.95 ? 64  ARG A CZ  1 
ATOM   508  N NH1 . ARG A 1 64  ? 3.157   -16.865 -10.064 1.00 39.36 ? 64  ARG A NH1 1 
ATOM   509  N NH2 . ARG A 1 64  ? 5.030   -16.281 -8.850  1.00 43.65 ? 64  ARG A NH2 1 
ATOM   510  N N   . ASN A 1 65  ? -0.492  -11.330 -14.130 1.00 20.03 ? 65  ASN A N   1 
ATOM   511  C CA  . ASN A 1 65  ? -1.231  -10.978 -15.338 1.00 21.19 ? 65  ASN A CA  1 
ATOM   512  C C   . ASN A 1 65  ? -0.798  -9.623  -15.887 1.00 21.00 ? 65  ASN A C   1 
ATOM   513  O O   . ASN A 1 65  ? -1.001  -9.347  -17.087 1.00 23.02 ? 65  ASN A O   1 
ATOM   514  C CB  . ASN A 1 65  ? -2.746  -10.893 -15.078 1.00 21.36 ? 65  ASN A CB  1 
ATOM   515  C CG  . ASN A 1 65  ? -3.384  -12.253 -14.763 1.00 25.26 ? 65  ASN A CG  1 
ATOM   516  O OD1 . ASN A 1 65  ? -4.403  -12.318 -14.082 1.00 28.90 ? 65  ASN A OD1 1 
ATOM   517  N ND2 . ASN A 1 65  ? -2.780  -13.341 -15.254 1.00 24.91 ? 65  ASN A ND2 1 
ATOM   518  N N   . HIS A 1 66  ? -0.297  -8.760  -15.015 1.00 19.22 ? 66  HIS A N   1 
ATOM   519  C CA  . HIS A 1 66  ? 0.171   -7.439  -15.389 1.00 19.57 ? 66  HIS A CA  1 
ATOM   520  C C   . HIS A 1 66  ? 1.709   -7.260  -15.410 1.00 18.68 ? 66  HIS A C   1 
ATOM   521  O O   . HIS A 1 66  ? 2.226   -6.136  -15.361 1.00 18.75 ? 66  HIS A O   1 
ATOM   522  C CB  . HIS A 1 66  ? -0.497  -6.414  -14.483 1.00 18.42 ? 66  HIS A CB  1 
ATOM   523  C CG  . HIS A 1 66  ? -1.997  -6.396  -14.572 1.00 17.17 ? 66  HIS A CG  1 
ATOM   524  N ND1 . HIS A 1 66  ? -2.682  -5.809  -15.622 1.00 19.00 ? 66  HIS A ND1 1 
ATOM   525  C CD2 . HIS A 1 66  ? -2.937  -6.919  -13.759 1.00 18.56 ? 66  HIS A CD2 1 
ATOM   526  C CE1 . HIS A 1 66  ? -3.980  -5.938  -15.420 1.00 17.83 ? 66  HIS A CE1 1 
ATOM   527  N NE2 . HIS A 1 66  ? -4.161  -6.623  -14.297 1.00 19.65 ? 66  HIS A NE2 1 
ATOM   528  N N   . GLY A 1 67  ? 2.431   -8.375  -15.448 1.00 18.84 ? 67  GLY A N   1 
ATOM   529  C CA  . GLY A 1 67  ? 3.894   -8.424  -15.558 1.00 18.29 ? 67  GLY A CA  1 
ATOM   530  C C   . GLY A 1 67  ? 4.705   -8.082  -14.311 1.00 18.74 ? 67  GLY A C   1 
ATOM   531  O O   . GLY A 1 67  ? 5.890   -7.739  -14.392 1.00 19.60 ? 67  GLY A O   1 
ATOM   532  N N   . ILE A 1 68  ? 4.042   -8.192  -13.159 1.00 17.95 ? 68  ILE A N   1 
ATOM   533  C CA  . ILE A 1 68  ? 4.564   -7.797  -11.843 1.00 17.77 ? 68  ILE A CA  1 
ATOM   534  C C   . ILE A 1 68  ? 4.721   -9.003  -10.918 1.00 17.65 ? 68  ILE A C   1 
ATOM   535  O O   . ILE A 1 68  ? 3.856   -9.858  -10.818 1.00 16.71 ? 68  ILE A O   1 
ATOM   536  C CB  . ILE A 1 68  ? 3.636   -6.767  -11.166 1.00 17.56 ? 68  ILE A CB  1 
ATOM   537  C CG1 . ILE A 1 68  ? 3.569   -5.503  -12.012 1.00 18.11 ? 68  ILE A CG1 1 
ATOM   538  C CG2 . ILE A 1 68  ? 4.146   -6.424  -9.739  1.00 17.07 ? 68  ILE A CG2 1 
ATOM   539  C CD1 . ILE A 1 68  ? 2.482   -4.505  -11.564 1.00 19.54 ? 68  ILE A CD1 1 
ATOM   540  N N   . HIS A 1 69  ? 5.854   -9.023  -10.220 1.00 19.60 ? 69  HIS A N   1 
ATOM   541  C CA  . HIS A 1 69  ? 6.172   -10.080 -9.243  1.00 20.66 ? 69  HIS A CA  1 
ATOM   542  C C   . HIS A 1 69  ? 6.385   -9.447  -7.873  1.00 20.32 ? 69  HIS A C   1 
ATOM   543  O O   . HIS A 1 69  ? 6.750   -8.266  -7.764  1.00 22.30 ? 69  HIS A O   1 
ATOM   544  C CB  A HIS A 1 69  ? 7.503   -10.764 -9.615  0.50 21.17 ? 69  HIS A CB  1 
ATOM   545  C CB  B HIS A 1 69  ? 7.299   -10.966 -9.826  0.50 21.69 ? 69  HIS A CB  1 
ATOM   546  C CG  A HIS A 1 69  ? 8.666   -9.809  -9.700  0.50 23.74 ? 69  HIS A CG  1 
ATOM   547  C CG  B HIS A 1 69  ? 7.103   -11.237 -11.296 0.50 25.12 ? 69  HIS A CG  1 
ATOM   548  N ND1 A HIS A 1 69  ? 9.357   -9.578  -10.869 0.50 27.36 ? 69  HIS A ND1 1 
ATOM   549  N ND1 B HIS A 1 69  ? 8.001   -10.842 -12.266 0.50 30.18 ? 69  HIS A ND1 1 
ATOM   550  C CD2 A HIS A 1 69  ? 9.228   -8.992  -8.770  0.50 25.20 ? 69  HIS A CD2 1 
ATOM   551  C CD2 B HIS A 1 69  ? 6.047   -11.767 -11.967 0.50 31.41 ? 69  HIS A CD2 1 
ATOM   552  C CE1 A HIS A 1 69  ? 10.295  -8.671  -10.655 0.50 27.49 ? 69  HIS A CE1 1 
ATOM   553  C CE1 B HIS A 1 69  ? 7.532   -11.156 -13.461 0.50 31.29 ? 69  HIS A CE1 1 
ATOM   554  N NE2 A HIS A 1 69  ? 10.226  -8.291  -9.393  0.50 24.33 ? 69  HIS A NE2 1 
ATOM   555  N NE2 B HIS A 1 69  ? 6.348   -11.724 -13.309 0.50 31.08 ? 69  HIS A NE2 1 
ATOM   556  N N   . THR A 1 70  ? 6.091   -10.177 -6.823  1.00 20.35 ? 70  THR A N   1 
ATOM   557  C CA  . THR A 1 70  ? 6.407   -9.702  -5.491  1.00 19.07 ? 70  THR A CA  1 
ATOM   558  C C   . THR A 1 70  ? 6.989   -10.815 -4.608  1.00 19.33 ? 70  THR A C   1 
ATOM   559  O O   . THR A 1 70  ? 6.561   -11.983 -4.679  1.00 18.48 ? 70  THR A O   1 
ATOM   560  C CB  . THR A 1 70  ? 5.151   -9.078  -4.811  1.00 20.44 ? 70  THR A CB  1 
ATOM   561  O OG1 . THR A 1 70  ? 5.438   -8.781  -3.437  1.00 21.51 ? 70  THR A OG1 1 
ATOM   562  C CG2 . THR A 1 70  ? 4.002   -10.042 -4.757  1.00 21.36 ? 70  THR A CG2 1 
ATOM   563  N N   . ALA A 1 71  ? 7.980   -10.423 -3.827  1.00 16.63 ? 71  ALA A N   1 
ATOM   564  C CA  . ALA A 1 71  ? 8.594   -11.274 -2.801  1.00 18.76 ? 71  ALA A CA  1 
ATOM   565  C C   . ALA A 1 71  ? 8.230   -10.884 -1.363  1.00 18.56 ? 71  ALA A C   1 
ATOM   566  O O   . ALA A 1 71  ? 8.832   -11.358 -0.428  1.00 19.46 ? 71  ALA A O   1 
ATOM   567  C CB  . ALA A 1 71  ? 10.097  -11.280 -3.004  1.00 19.92 ? 71  ALA A CB  1 
ATOM   568  N N   . HIS A 1 72  ? 7.141   -10.146 -1.190  1.00 16.65 ? 72  HIS A N   1 
ATOM   569  C CA  . HIS A 1 72  ? 6.723   -9.681  0.119   1.00 16.46 ? 72  HIS A CA  1 
ATOM   570  C C   . HIS A 1 72  ? 6.244   -10.822 1.006   1.00 16.26 ? 72  HIS A C   1 
ATOM   571  O O   . HIS A 1 72  ? 5.633   -11.751 0.513   1.00 17.27 ? 72  HIS A O   1 
ATOM   572  C CB  . HIS A 1 72  ? 5.546   -8.664  -0.019  1.00 15.83 ? 72  HIS A CB  1 
ATOM   573  C CG  . HIS A 1 72  ? 5.159   -8.017  1.263   1.00 13.05 ? 72  HIS A CG  1 
ATOM   574  N ND1 . HIS A 1 72  ? 5.950   -7.068  1.884   1.00 13.23 ? 72  HIS A ND1 1 
ATOM   575  C CD2 . HIS A 1 72  ? 4.042   -8.134  2.023   1.00 13.12 ? 72  HIS A CD2 1 
ATOM   576  C CE1 . HIS A 1 72  ? 5.360   -6.680  3.001   1.00 13.37 ? 72  HIS A CE1 1 
ATOM   577  N NE2 . HIS A 1 72  ? 4.199   -7.293  3.102   1.00 13.10 ? 72  HIS A NE2 1 
ATOM   578  N N   . LYS A 1 73  ? 6.499   -10.724 2.320   1.00 16.63 ? 73  LYS A N   1 
ATOM   579  C CA  . LYS A 1 73  ? 5.888   -11.579 3.320   1.00 16.88 ? 73  LYS A CA  1 
ATOM   580  C C   . LYS A 1 73  ? 5.152   -10.724 4.338   1.00 15.75 ? 73  LYS A C   1 
ATOM   581  O O   . LYS A 1 73  ? 5.659   -9.650  4.736   1.00 15.41 ? 73  LYS A O   1 
ATOM   582  C CB  . LYS A 1 73  ? 6.906   -12.409 4.079   1.00 16.54 ? 73  LYS A CB  1 
ATOM   583  C CG  . LYS A 1 73  ? 7.784   -13.269 3.216   1.00 21.91 ? 73  LYS A CG  1 
ATOM   584  C CD  . LYS A 1 73  ? 7.055   -14.380 2.588   1.00 28.46 ? 73  LYS A CD  1 
ATOM   585  C CE  . LYS A 1 73  ? 7.997   -15.572 2.319   1.00 33.24 ? 73  LYS A CE  1 
ATOM   586  N NZ  . LYS A 1 73  ? 8.699   -15.431 1.022   1.00 37.38 ? 73  LYS A NZ  1 
ATOM   587  N N   . ALA A 1 74  ? 3.940   -11.155 4.727   1.00 14.82 ? 74  ALA A N   1 
ATOM   588  C CA  . ALA A 1 74  ? 3.086   -10.309 5.555   1.00 14.05 ? 74  ALA A CA  1 
ATOM   589  C C   . ALA A 1 74  ? 3.743   -9.960  6.857   1.00 13.48 ? 74  ALA A C   1 
ATOM   590  O O   . ALA A 1 74  ? 4.380   -10.795 7.506   1.00 16.12 ? 74  ALA A O   1 
ATOM   591  C CB  . ALA A 1 74  ? 1.772   -10.896 5.802   1.00 13.52 ? 74  ALA A CB  1 
ATOM   592  N N   . ARG A 1 75  ? 3.566   -8.701  7.263   1.00 14.68 ? 75  ARG A N   1 
ATOM   593  C CA  . ARG A 1 75  ? 3.988   -8.276  8.603   1.00 16.14 ? 75  ARG A CA  1 
ATOM   594  C C   . ARG A 1 75  ? 2.990   -7.286  9.165   1.00 16.08 ? 75  ARG A C   1 
ATOM   595  O O   . ARG A 1 75  ? 2.272   -6.648  8.408   1.00 15.35 ? 75  ARG A O   1 
ATOM   596  C CB  . ARG A 1 75  ? 5.406   -7.702  8.501   1.00 17.27 ? 75  ARG A CB  1 
ATOM   597  C CG  . ARG A 1 75  ? 5.555   -6.342  7.767   1.00 17.32 ? 75  ARG A CG  1 
ATOM   598  C CD  . ARG A 1 75  ? 6.925   -5.730  7.954   1.00 19.33 ? 75  ARG A CD  1 
ATOM   599  N NE  . ARG A 1 75  ? 7.026   -4.325  7.591   1.00 20.27 ? 75  ARG A NE  1 
ATOM   600  C CZ  . ARG A 1 75  ? 6.738   -3.273  8.382   1.00 20.46 ? 75  ARG A CZ  1 
ATOM   601  N NH1 . ARG A 1 75  ? 6.314   -3.413  9.627   1.00 20.21 ? 75  ARG A NH1 1 
ATOM   602  N NH2 . ARG A 1 75  ? 6.884   -2.040  7.895   1.00 20.17 ? 75  ARG A NH2 1 
ATOM   603  N N   . GLN A 1 76  ? 2.940   -7.165  10.494  1.00 15.12 ? 76  GLN A N   1 
ATOM   604  C CA  . GLN A 1 76  ? 2.128   -6.181  11.178  1.00 15.82 ? 76  GLN A CA  1 
ATOM   605  C C   . GLN A 1 76  ? 2.847   -4.830  11.344  1.00 16.28 ? 76  GLN A C   1 
ATOM   606  O O   . GLN A 1 76  ? 4.026   -4.773  11.600  1.00 15.76 ? 76  GLN A O   1 
ATOM   607  C CB  . GLN A 1 76  ? 1.676   -6.746  12.552  1.00 15.72 ? 76  GLN A CB  1 
ATOM   608  C CG  . GLN A 1 76  ? 0.606   -5.888  13.212  1.00 16.37 ? 76  GLN A CG  1 
ATOM   609  C CD  . GLN A 1 76  ? 0.129   -6.448  14.540  1.00 18.08 ? 76  GLN A CD  1 
ATOM   610  O OE1 . GLN A 1 76  ? 0.923   -7.040  15.248  1.00 22.19 ? 76  GLN A OE1 1 
ATOM   611  N NE2 . GLN A 1 76  ? -1.152  -6.198  14.898  1.00 17.91 ? 76  GLN A NE2 1 
ATOM   612  N N   . ILE A 1 77  ? 2.102   -3.757  11.174  1.00 15.60 ? 77  ILE A N   1 
ATOM   613  C CA  . ILE A 1 77  ? 2.598   -2.424  11.463  1.00 16.09 ? 77  ILE A CA  1 
ATOM   614  C C   . ILE A 1 77  ? 3.077   -2.316  12.894  1.00 16.65 ? 77  ILE A C   1 
ATOM   615  O O   . ILE A 1 77  ? 2.507   -2.947  13.783  1.00 17.54 ? 77  ILE A O   1 
ATOM   616  C CB  A ILE A 1 77  ? 1.532   -1.385  11.140  0.50 16.67 ? 77  ILE A CB  1 
ATOM   617  C CB  B ILE A 1 77  ? 1.574   -1.331  11.116  0.50 16.16 ? 77  ILE A CB  1 
ATOM   618  C CG1 A ILE A 1 77  ? 0.233   -1.615  11.906  0.50 17.52 ? 77  ILE A CG1 1 
ATOM   619  C CG1 B ILE A 1 77  ? 2.310   0.026   10.975  0.50 14.17 ? 77  ILE A CG1 1 
ATOM   620  C CG2 A ILE A 1 77  ? 1.274   -1.392  9.654   0.50 16.41 ? 77  ILE A CG2 1 
ATOM   621  C CG2 B ILE A 1 77  ? 0.488   -1.250  12.144  0.50 15.67 ? 77  ILE A CG2 1 
ATOM   622  C CD1 A ILE A 1 77  ? -0.502  -0.366  12.147  0.50 20.48 ? 77  ILE A CD1 1 
ATOM   623  C CD1 B ILE A 1 77  ? 1.511   1.096   10.399  0.50 13.86 ? 77  ILE A CD1 1 
ATOM   624  N N   . THR A 1 78  ? 4.139   -1.574  13.089  1.00 17.19 ? 78  THR A N   1 
ATOM   625  C CA  . THR A 1 78  ? 4.760   -1.404  14.401  1.00 18.05 ? 78  THR A CA  1 
ATOM   626  C C   . THR A 1 78  ? 4.781   0.039   14.756  1.00 18.19 ? 78  THR A C   1 
ATOM   627  O O   . THR A 1 78  ? 4.624   0.893   13.907  1.00 17.40 ? 78  THR A O   1 
ATOM   628  C CB  . THR A 1 78  ? 6.227   -1.831  14.386  1.00 18.61 ? 78  THR A CB  1 
ATOM   629  O OG1 . THR A 1 78  ? 6.995   -1.005  13.489  1.00 21.05 ? 78  THR A OG1 1 
ATOM   630  C CG2 . THR A 1 78  ? 6.355   -3.238  13.878  1.00 18.90 ? 78  THR A CG2 1 
ATOM   631  N N   . LYS A 1 79  ? 5.100   0.300   16.016  1.00 18.21 ? 79  LYS A N   1 
ATOM   632  C CA  . LYS A 1 79  ? 5.192   1.674   16.498  1.00 19.60 ? 79  LYS A CA  1 
ATOM   633  C C   . LYS A 1 79  ? 6.240   2.487   15.746  1.00 19.39 ? 79  LYS A C   1 
ATOM   634  O O   . LYS A 1 79  ? 6.052   3.683   15.448  1.00 18.02 ? 79  LYS A O   1 
ATOM   635  C CB  . LYS A 1 79  ? 5.458   1.634   18.016  1.00 21.35 ? 79  LYS A CB  1 
ATOM   636  C CG  . LYS A 1 79  ? 4.219   1.222   18.810  1.00 25.43 ? 79  LYS A CG  1 
ATOM   637  C CD  . LYS A 1 79  ? 4.262   1.496   20.337  1.00 29.77 ? 79  LYS A CD  1 
ATOM   638  C CE  . LYS A 1 79  ? 4.039   0.194   21.161  1.00 34.47 ? 79  LYS A CE  1 
ATOM   639  N NZ  . LYS A 1 79  ? 3.709   0.425   22.624  1.00 38.69 ? 79  LYS A NZ  1 
ATOM   640  N N   . GLU A 1 80  ? 7.348   1.829   15.448  1.00 18.65 ? 80  GLU A N   1 
ATOM   641  C CA  . GLU A 1 80  ? 8.459   2.389   14.730  1.00 19.90 ? 80  GLU A CA  1 
ATOM   642  C C   . GLU A 1 80  ? 8.111   2.788   13.296  1.00 19.01 ? 80  GLU A C   1 
ATOM   643  O O   . GLU A 1 80  ? 8.664   3.743   12.781  1.00 18.67 ? 80  GLU A O   1 
ATOM   644  C CB  . GLU A 1 80  ? 9.592   1.394   14.743  1.00 21.93 ? 80  GLU A CB  1 
ATOM   645  C CG  . GLU A 1 80  ? 10.184  1.108   16.147  1.00 27.40 ? 80  GLU A CG  1 
ATOM   646  C CD  . GLU A 1 80  ? 9.372   0.223   17.090  1.00 33.12 ? 80  GLU A CD  1 
ATOM   647  O OE1 . GLU A 1 80  ? 8.528   -0.619  16.690  1.00 31.09 ? 80  GLU A OE1 1 
ATOM   648  O OE2 . GLU A 1 80  ? 9.618   0.366   18.309  1.00 41.15 ? 80  GLU A OE2 1 
ATOM   649  N N   . ASP A 1 81  ? 7.208   2.035   12.636  1.00 16.98 ? 81  ASP A N   1 
ATOM   650  C CA  . ASP A 1 81  ? 6.716   2.467   11.316  1.00 16.10 ? 81  ASP A CA  1 
ATOM   651  C C   . ASP A 1 81  ? 6.193   3.894   11.279  1.00 15.56 ? 81  ASP A C   1 
ATOM   652  O O   . ASP A 1 81  ? 6.318   4.573   10.266  1.00 15.16 ? 81  ASP A O   1 
ATOM   653  C CB  . ASP A 1 81  ? 5.636   1.525   10.804  1.00 16.91 ? 81  ASP A CB  1 
ATOM   654  C CG  . ASP A 1 81  ? 6.180   0.175   10.409  1.00 18.33 ? 81  ASP A CG  1 
ATOM   655  O OD1 . ASP A 1 81  ? 7.323   0.021   9.900   1.00 19.08 ? 81  ASP A OD1 1 
ATOM   656  O OD2 . ASP A 1 81  ? 5.518   -0.859  10.627  1.00 19.44 ? 81  ASP A OD2 1 
ATOM   657  N N   . PHE A 1 82  ? 5.501   4.317   12.339  1.00 16.30 ? 82  PHE A N   1 
ATOM   658  C CA  . PHE A 1 82  ? 4.923   5.667   12.391  1.00 16.61 ? 82  PHE A CA  1 
ATOM   659  C C   . PHE A 1 82  ? 5.978   6.740   12.453  1.00 16.57 ? 82  PHE A C   1 
ATOM   660  O O   . PHE A 1 82  ? 5.767   7.849   11.978  1.00 16.22 ? 82  PHE A O   1 
ATOM   661  C CB  . PHE A 1 82  ? 3.961   5.808   13.567  1.00 16.04 ? 82  PHE A CB  1 
ATOM   662  C CG  . PHE A 1 82  ? 2.759   5.002   13.428  1.00 15.64 ? 82  PHE A CG  1 
ATOM   663  C CD1 . PHE A 1 82  ? 1.698   5.436   12.645  1.00 15.01 ? 82  PHE A CD1 1 
ATOM   664  C CD2 . PHE A 1 82  ? 2.714   3.735   13.979  1.00 15.01 ? 82  PHE A CD2 1 
ATOM   665  C CE1 . PHE A 1 82  ? 0.560   4.680   12.540  1.00 17.99 ? 82  PHE A CE1 1 
ATOM   666  C CE2 . PHE A 1 82  ? 1.600   2.933   13.831  1.00 20.14 ? 82  PHE A CE2 1 
ATOM   667  C CZ  . PHE A 1 82  ? 0.507   3.414   13.081  1.00 15.44 ? 82  PHE A CZ  1 
ATOM   668  N N   . ALA A 1 83  ? 7.140   6.385   12.997  1.00 17.48 ? 83  ALA A N   1 
ATOM   669  C CA  . ALA A 1 83  ? 8.271   7.276   13.068  1.00 19.05 ? 83  ALA A CA  1 
ATOM   670  C C   . ALA A 1 83  ? 9.152   7.276   11.821  1.00 19.68 ? 83  ALA A C   1 
ATOM   671  O O   . ALA A 1 83  ? 9.945   8.199   11.619  1.00 21.32 ? 83  ALA A O   1 
ATOM   672  C CB  . ALA A 1 83  ? 9.133   6.902   14.260  1.00 19.39 ? 83  ALA A CB  1 
ATOM   673  N N   . THR A 1 84  ? 9.074   6.230   10.996  1.00 19.99 ? 84  THR A N   1 
ATOM   674  C CA  . THR A 1 84  ? 10.071  6.083   9.944   1.00 20.85 ? 84  THR A CA  1 
ATOM   675  C C   . THR A 1 84  ? 9.590   6.354   8.540   1.00 19.38 ? 84  THR A C   1 
ATOM   676  O O   . THR A 1 84  ? 10.374  6.776   7.681   1.00 20.06 ? 84  THR A O   1 
ATOM   677  C CB  . THR A 1 84  ? 10.790  4.722   10.018  1.00 23.12 ? 84  THR A CB  1 
ATOM   678  O OG1 . THR A 1 84  ? 9.895   3.682   9.748   1.00 27.72 ? 84  THR A OG1 1 
ATOM   679  C CG2 . THR A 1 84  ? 11.280  4.427   11.402  1.00 27.09 ? 84  THR A CG2 1 
ATOM   680  N N   . PHE A 1 85  ? 8.292   6.185   8.300   1.00 17.10 ? 85  PHE A N   1 
ATOM   681  C CA  . PHE A 1 85  ? 7.760   6.377   6.954   1.00 16.88 ? 85  PHE A CA  1 
ATOM   682  C C   . PHE A 1 85  ? 7.176   7.768   6.774   1.00 16.96 ? 85  PHE A C   1 
ATOM   683  O O   . PHE A 1 85  ? 6.492   8.277   7.658   1.00 16.77 ? 85  PHE A O   1 
ATOM   684  C CB  . PHE A 1 85  ? 6.645   5.336   6.697   1.00 17.62 ? 85  PHE A CB  1 
ATOM   685  C CG  . PHE A 1 85  ? 7.179   4.007   6.366   1.00 16.85 ? 85  PHE A CG  1 
ATOM   686  C CD1 . PHE A 1 85  ? 7.361   3.032   7.335   1.00 14.29 ? 85  PHE A CD1 1 
ATOM   687  C CD2 . PHE A 1 85  ? 7.555   3.732   5.061   1.00 16.92 ? 85  PHE A CD2 1 
ATOM   688  C CE1 . PHE A 1 85  ? 7.942   1.797   6.996   1.00 16.95 ? 85  PHE A CE1 1 
ATOM   689  C CE2 . PHE A 1 85  ? 8.127   2.562   4.729   1.00 15.83 ? 85  PHE A CE2 1 
ATOM   690  C CZ  . PHE A 1 85  ? 8.289   1.534   5.716   1.00 17.78 ? 85  PHE A CZ  1 
ATOM   691  N N   . ASP A 1 86  ? 7.378   8.347   5.615   1.00 16.30 ? 86  ASP A N   1 
ATOM   692  C CA  . ASP A 1 86  ? 6.790   9.623   5.323   1.00 15.70 ? 86  ASP A CA  1 
ATOM   693  C C   . ASP A 1 86  ? 5.289   9.543   5.121   1.00 14.47 ? 86  ASP A C   1 
ATOM   694  O O   . ASP A 1 86  ? 4.564   10.461  5.485   1.00 16.90 ? 86  ASP A O   1 
ATOM   695  C CB  . ASP A 1 86  ? 7.386   10.266  4.069   1.00 14.55 ? 86  ASP A CB  1 
ATOM   696  C CG  . ASP A 1 86  ? 8.872   10.533  4.194   1.00 21.93 ? 86  ASP A CG  1 
ATOM   697  O OD1 . ASP A 1 86  ? 9.288   11.236  5.154   1.00 23.23 ? 86  ASP A OD1 1 
ATOM   698  O OD2 . ASP A 1 86  ? 9.689   10.103  3.355   1.00 23.81 ? 86  ASP A OD2 1 
ATOM   699  N N   . TYR A 1 87  ? 4.832   8.466   4.468   1.00 16.06 ? 87  TYR A N   1 
ATOM   700  C CA  . TYR A 1 87  ? 3.390   8.283   4.148   1.00 14.39 ? 87  TYR A CA  1 
ATOM   701  C C   . TYR A 1 87  ? 2.991   6.892   4.544   1.00 13.85 ? 87  TYR A C   1 
ATOM   702  O O   . TYR A 1 87  ? 3.754   5.939   4.330   1.00 14.02 ? 87  TYR A O   1 
ATOM   703  C CB  . TYR A 1 87  ? 3.198   8.400   2.660   1.00 14.97 ? 87  TYR A CB  1 
ATOM   704  C CG  . TYR A 1 87  ? 3.502   9.766   2.112   1.00 17.70 ? 87  TYR A CG  1 
ATOM   705  C CD1 . TYR A 1 87  ? 2.495   10.711  2.077   1.00 19.50 ? 87  TYR A CD1 1 
ATOM   706  C CD2 . TYR A 1 87  ? 4.752   10.073  1.582   1.00 21.31 ? 87  TYR A CD2 1 
ATOM   707  C CE1 . TYR A 1 87  ? 2.707   11.984  1.528   1.00 24.88 ? 87  TYR A CE1 1 
ATOM   708  C CE2 . TYR A 1 87  ? 4.974   11.348  1.034   1.00 25.54 ? 87  TYR A CE2 1 
ATOM   709  C CZ  . TYR A 1 87  ? 3.962   12.290  1.033   1.00 24.60 ? 87  TYR A CZ  1 
ATOM   710  O OH  . TYR A 1 87  ? 4.173   13.543  0.471   1.00 30.93 ? 87  TYR A OH  1 
ATOM   711  N N   . ILE A 1 88  ? 1.787   6.797   5.082   1.00 13.86 ? 88  ILE A N   1 
ATOM   712  C CA  . ILE A 1 88  ? 1.107   5.520   5.365   1.00 13.71 ? 88  ILE A CA  1 
ATOM   713  C C   . ILE A 1 88  ? -0.233  5.635   4.649   1.00 13.90 ? 88  ILE A C   1 
ATOM   714  O O   . ILE A 1 88  ? -1.023  6.514   4.948   1.00 13.73 ? 88  ILE A O   1 
ATOM   715  C CB  . ILE A 1 88  ? 0.947   5.231   6.840   1.00 13.07 ? 88  ILE A CB  1 
ATOM   716  C CG1 . ILE A 1 88  ? 2.309   5.050   7.508   1.00 14.56 ? 88  ILE A CG1 1 
ATOM   717  C CG2 . ILE A 1 88  ? 0.069   3.977   7.003   1.00 13.47 ? 88  ILE A CG2 1 
ATOM   718  C CD1 . ILE A 1 88  ? 2.292   4.837   9.059   1.00 14.80 ? 88  ILE A CD1 1 
ATOM   719  N N   . LEU A 1 89  ? -0.409  4.804   3.617   1.00 13.75 ? 89  LEU A N   1 
ATOM   720  C CA  . LEU A 1 89  ? -1.535  4.934   2.710   1.00 12.93 ? 89  LEU A CA  1 
ATOM   721  C C   . LEU A 1 89  ? -2.349  3.669   2.860   1.00 12.43 ? 89  LEU A C   1 
ATOM   722  O O   . LEU A 1 89  ? -1.821  2.564   2.630   1.00 12.17 ? 89  LEU A O   1 
ATOM   723  C CB  . LEU A 1 89  ? -1.066  5.086   1.250   1.00 14.49 ? 89  LEU A CB  1 
ATOM   724  C CG  . LEU A 1 89  ? -0.156  6.280   0.947   1.00 16.63 ? 89  LEU A CG  1 
ATOM   725  C CD1 . LEU A 1 89  ? 0.161   6.334   -0.569  1.00 13.96 ? 89  LEU A CD1 1 
ATOM   726  C CD2 . LEU A 1 89  ? -0.767  7.566   1.419   1.00 16.09 ? 89  LEU A CD2 1 
ATOM   727  N N   . CYS A 1 90  ? -3.615  3.821   3.250   1.00 10.73 ? 90  CYS A N   1 
ATOM   728  C CA  . CYS A 1 90  ? -4.399  2.668   3.618   1.00 13.03 ? 90  CYS A CA  1 
ATOM   729  C C   . CYS A 1 90  ? -5.633  2.516   2.713   1.00 11.61 ? 90  CYS A C   1 
ATOM   730  O O   . CYS A 1 90  ? -5.812  3.353   1.814   1.00 11.74 ? 90  CYS A O   1 
ATOM   731  C CB  . CYS A 1 90  ? -4.684  2.674   5.056   1.00 13.64 ? 90  CYS A CB  1 
ATOM   732  S SG  . CYS A 1 90  ? -5.866  3.941   5.531   1.00 16.28 ? 90  CYS A SG  1 
ATOM   733  N N   . MET A 1 91  ? -6.349  1.400   2.852   1.00 12.67 ? 91  MET A N   1 
ATOM   734  C CA  . MET A 1 91  ? -7.346  1.029   1.887   1.00 12.12 ? 91  MET A CA  1 
ATOM   735  C C   . MET A 1 91  ? -8.742  1.487   2.162   1.00 11.00 ? 91  MET A C   1 
ATOM   736  O O   . MET A 1 91  ? -9.423  1.887   1.256   1.00 13.58 ? 91  MET A O   1 
ATOM   737  C CB  . MET A 1 91  ? -7.318  -0.495  1.703   1.00 11.71 ? 91  MET A CB  1 
ATOM   738  C CG  . MET A 1 91  ? -5.957  -1.035  1.293   1.00 13.46 ? 91  MET A CG  1 
ATOM   739  S SD  . MET A 1 91  ? -5.227  -0.232  -0.192  1.00 16.06 ? 91  MET A SD  1 
ATOM   740  C CE  . MET A 1 91  ? -3.640  -0.505  -0.017  1.00 19.07 ? 91  MET A CE  1 
ATOM   741  N N   . ASP A 1 92  ? -9.193  1.347   3.404   1.00 12.88 ? 92  ASP A N   1 
ATOM   742  C CA  . ASP A 1 92  ? -10.580 1.670   3.766   1.00 13.77 ? 92  ASP A CA  1 
ATOM   743  C C   . ASP A 1 92  ? -10.726 2.410   5.087   1.00 14.20 ? 92  ASP A C   1 
ATOM   744  O O   . ASP A 1 92  ? -9.791  2.690   5.757   1.00 14.28 ? 92  ASP A O   1 
ATOM   745  C CB  . ASP A 1 92  ? -11.473 0.474   3.618   1.00 13.01 ? 92  ASP A CB  1 
ATOM   746  C CG  . ASP A 1 92  ? -11.190 -0.660  4.608   1.00 14.58 ? 92  ASP A CG  1 
ATOM   747  O OD1 . ASP A 1 92  ? -10.824 -0.398  5.752   1.00 16.19 ? 92  ASP A OD1 1 
ATOM   748  O OD2 . ASP A 1 92  ? -11.347 -1.895  4.330   1.00 16.29 ? 92  ASP A OD2 1 
ATOM   749  N N   . GLU A 1 93  ? -11.952 2.781   5.382   1.00 15.74 ? 93  GLU A N   1 
ATOM   750  C CA  . GLU A 1 93  ? -12.289 3.593   6.540   1.00 17.20 ? 93  GLU A CA  1 
ATOM   751  C C   . GLU A 1 93  ? -11.886 2.927   7.868   1.00 16.09 ? 93  GLU A C   1 
ATOM   752  O O   . GLU A 1 93  ? -11.369 3.558   8.819   1.00 16.76 ? 93  GLU A O   1 
ATOM   753  C CB  A GLU A 1 93  ? -13.830 3.776   6.466   0.50 17.84 ? 93  GLU A CB  1 
ATOM   754  C CB  B GLU A 1 93  ? -13.777 3.955   6.507   0.50 18.46 ? 93  GLU A CB  1 
ATOM   755  C CG  A GLU A 1 93  ? -14.734 2.520   6.577   0.50 19.50 ? 93  GLU A CG  1 
ATOM   756  C CG  B GLU A 1 93  ? -14.047 4.944   5.390   0.50 19.71 ? 93  GLU A CG  1 
ATOM   757  C CD  A GLU A 1 93  ? -14.529 1.395   5.543   0.50 17.04 ? 93  GLU A CD  1 
ATOM   758  C CD  B GLU A 1 93  ? -15.515 5.127   5.060   0.50 23.80 ? 93  GLU A CD  1 
ATOM   759  O OE1 A GLU A 1 93  ? -14.572 1.756   4.312   0.50 9.93  ? 93  GLU A OE1 1 
ATOM   760  O OE1 B GLU A 1 93  ? -16.189 4.193   4.495   0.50 23.93 ? 93  GLU A OE1 1 
ATOM   761  O OE2 A GLU A 1 93  ? -14.236 0.218   6.031   0.50 14.68 ? 93  GLU A OE2 1 
ATOM   762  O OE2 B GLU A 1 93  ? -15.978 6.262   5.310   0.50 23.75 ? 93  GLU A OE2 1 
ATOM   763  N N   . SER A 1 94  ? -12.043 1.639   7.902   1.00 15.34 ? 94  SER A N   1 
ATOM   764  C CA  . SER A 1 94  ? -11.640 0.849   9.070   1.00 16.69 ? 94  SER A CA  1 
ATOM   765  C C   . SER A 1 94  ? -10.123 0.861   9.233   1.00 16.47 ? 94  SER A C   1 
ATOM   766  O O   . SER A 1 94  ? -9.619  0.963   10.371  1.00 16.80 ? 94  SER A O   1 
ATOM   767  C CB  . SER A 1 94  ? -12.171 -0.583  9.005   1.00 16.56 ? 94  SER A CB  1 
ATOM   768  O OG  . SER A 1 94  ? -11.479 -1.442  8.122   1.00 16.96 ? 94  SER A OG  1 
ATOM   769  N N   . ASN A 1 95  ? -9.384  0.742   8.136   1.00 16.22 ? 95  ASN A N   1 
ATOM   770  C CA  . ASN A 1 95  ? -7.925  0.795   8.246   1.00 15.73 ? 95  ASN A CA  1 
ATOM   771  C C   . ASN A 1 95  ? -7.540  2.177   8.780   1.00 15.56 ? 95  ASN A C   1 
ATOM   772  O O   . ASN A 1 95  ? -6.667  2.273   9.628   1.00 16.98 ? 95  ASN A O   1 
ATOM   773  C CB  . ASN A 1 95  ? -7.184  0.591   6.895   1.00 14.86 ? 95  ASN A CB  1 
ATOM   774  C CG  . ASN A 1 95  ? -7.518  -0.652  6.192   1.00 17.93 ? 95  ASN A CG  1 
ATOM   775  O OD1 . ASN A 1 95  ? -7.459  -0.675  4.976   1.00 18.75 ? 95  ASN A OD1 1 
ATOM   776  N ND2 . ASN A 1 95  ? -7.776  -1.725  6.894   1.00 16.59 ? 95  ASN A ND2 1 
ATOM   777  N N   . LEU A 1 96  ? -8.196  3.243   8.294   1.00 16.39 ? 96  LEU A N   1 
ATOM   778  C CA  . LEU A 1 96  ? -7.865  4.606   8.664   1.00 16.19 ? 96  LEU A CA  1 
ATOM   779  C C   . LEU A 1 96  ? -8.112  4.851   10.179  1.00 16.70 ? 96  LEU A C   1 
ATOM   780  O O   . LEU A 1 96  ? -7.282  5.381   10.863  1.00 15.41 ? 96  LEU A O   1 
ATOM   781  C CB  . LEU A 1 96  ? -8.575  5.567   7.762   1.00 16.64 ? 96  LEU A CB  1 
ATOM   782  C CG  . LEU A 1 96  ? -8.245  7.043   7.821   1.00 17.25 ? 96  LEU A CG  1 
ATOM   783  C CD1 . LEU A 1 96  ? -6.833  7.254   7.322   1.00 19.86 ? 96  LEU A CD1 1 
ATOM   784  C CD2 . LEU A 1 96  ? -9.247  7.852   6.995   1.00 18.82 ? 96  LEU A CD2 1 
ATOM   785  N N   . ARG A 1 97  ? -9.234  4.389   10.685  1.00 18.25 ? 97  ARG A N   1 
ATOM   786  C CA  . ARG A 1 97  ? -9.534  4.450   12.106  1.00 19.31 ? 97  ARG A CA  1 
ATOM   787  C C   . ARG A 1 97  ? -8.506  3.720   12.933  1.00 18.10 ? 97  ARG A C   1 
ATOM   788  O O   . ARG A 1 97  ? -8.051  4.186   13.979  1.00 16.27 ? 97  ARG A O   1 
ATOM   789  C CB  . ARG A 1 97  ? -10.847 3.731   12.394  1.00 21.50 ? 97  ARG A CB  1 
ATOM   790  C CG  . ARG A 1 97  ? -12.034 4.548   12.266  1.00 29.86 ? 97  ARG A CG  1 
ATOM   791  C CD  . ARG A 1 97  ? -13.271 3.793   12.749  1.00 34.50 ? 97  ARG A CD  1 
ATOM   792  N NE  . ARG A 1 97  ? -14.071 3.469   11.599  1.00 39.13 ? 97  ARG A NE  1 
ATOM   793  C CZ  . ARG A 1 97  ? -14.444 2.263   11.232  1.00 39.47 ? 97  ARG A CZ  1 
ATOM   794  N NH1 . ARG A 1 97  ? -14.142 1.172   11.943  1.00 42.13 ? 97  ARG A NH1 1 
ATOM   795  N NH2 . ARG A 1 97  ? -15.154 2.164   10.131  1.00 42.34 ? 97  ARG A NH2 1 
ATOM   796  N N   . ASP A 1 98  ? -8.168  2.521   12.492  1.00 17.28 ? 98  ASP A N   1 
ATOM   797  C CA  . ASP A 1 98  ? -7.208  1.725   13.244  1.00 16.83 ? 98  ASP A CA  1 
ATOM   798  C C   . ASP A 1 98  ? -5.829  2.373   13.242  1.00 15.44 ? 98  ASP A C   1 
ATOM   799  O O   . ASP A 1 98  ? -5.180  2.355   14.248  1.00 13.52 ? 98  ASP A O   1 
ATOM   800  C CB  . ASP A 1 98  ? -7.169  0.301   12.670  1.00 16.88 ? 98  ASP A CB  1 
ATOM   801  C CG  . ASP A 1 98  ? -8.342  -0.540  13.103  1.00 23.89 ? 98  ASP A CG  1 
ATOM   802  O OD1 . ASP A 1 98  ? -8.681  -1.548  12.392  1.00 21.00 ? 98  ASP A OD1 1 
ATOM   803  O OD2 . ASP A 1 98  ? -9.068  -0.192  14.077  1.00 31.31 ? 98  ASP A OD2 1 
ATOM   804  N N   . LEU A 1 99  ? -5.362  2.898   12.110  1.00 14.53 ? 99  LEU A N   1 
ATOM   805  C CA  . LEU A 1 99  ? -4.049  3.542   12.074  1.00 13.71 ? 99  LEU A CA  1 
ATOM   806  C C   . LEU A 1 99  ? -4.055  4.865   12.862  1.00 13.87 ? 99  LEU A C   1 
ATOM   807  O O   . LEU A 1 99  ? -3.085  5.170   13.529  1.00 16.40 ? 99  LEU A O   1 
ATOM   808  C CB  . LEU A 1 99  ? -3.652  3.792   10.638  1.00 12.58 ? 99  LEU A CB  1 
ATOM   809  C CG  . LEU A 1 99  ? -3.297  2.500   9.862   1.00 14.47 ? 99  LEU A CG  1 
ATOM   810  C CD1 . LEU A 1 99  ? -3.342  2.798   8.389   1.00 16.69 ? 99  LEU A CD1 1 
ATOM   811  C CD2 . LEU A 1 99  ? -1.915  2.032   10.288  1.00 18.21 ? 99  LEU A CD2 1 
ATOM   812  N N   . ASN A 1 100 ? -5.136  5.633   12.804  1.00 15.57 ? 100 ASN A N   1 
ATOM   813  C CA  . ASN A 1 100 ? -5.158  6.872   13.594  1.00 15.65 ? 100 ASN A CA  1 
ATOM   814  C C   . ASN A 1 100 ? -5.137  6.544   15.096  1.00 16.41 ? 100 ASN A C   1 
ATOM   815  O O   . ASN A 1 100 ? -4.568  7.265   15.896  1.00 18.45 ? 100 ASN A O   1 
ATOM   816  C CB  . ASN A 1 100 ? -6.357  7.724   13.192  1.00 16.25 ? 100 ASN A CB  1 
ATOM   817  C CG  . ASN A 1 100 ? -6.139  8.466   11.860  1.00 20.61 ? 100 ASN A CG  1 
ATOM   818  O OD1 . ASN A 1 100 ? -5.032  8.847   11.541  1.00 26.69 ? 100 ASN A OD1 1 
ATOM   819  N ND2 . ASN A 1 100 ? -7.192  8.683   11.137  1.00 24.50 ? 100 ASN A ND2 1 
ATOM   820  N N   . ARG A 1 101 ? -5.795  5.464   15.486  1.00 16.76 ? 101 ARG A N   1 
ATOM   821  C CA  . ARG A 1 101 ? -5.750  4.994   16.888  1.00 16.97 ? 101 ARG A CA  1 
ATOM   822  C C   . ARG A 1 101 ? -4.362  4.570   17.331  1.00 18.94 ? 101 ARG A C   1 
ATOM   823  O O   . ARG A 1 101 ? -3.886  4.977   18.403  1.00 19.01 ? 101 ARG A O   1 
ATOM   824  C CB  . ARG A 1 101 ? -6.690  3.868   17.068  1.00 17.51 ? 101 ARG A CB  1 
ATOM   825  C CG  . ARG A 1 101 ? -6.762  3.377   18.486  1.00 19.90 ? 101 ARG A CG  1 
ATOM   826  C CD  . ARG A 1 101 ? -7.597  2.151   18.645  1.00 20.10 ? 101 ARG A CD  1 
ATOM   827  N NE  . ARG A 1 101 ? -9.027  2.412   18.724  1.00 20.51 ? 101 ARG A NE  1 
ATOM   828  C CZ  . ARG A 1 101 ? -9.708  2.647   19.845  1.00 21.04 ? 101 ARG A CZ  1 
ATOM   829  N NH1 . ARG A 1 101 ? -11.058 2.804   19.811  1.00 19.39 ? 101 ARG A NH1 1 
ATOM   830  N NH2 . ARG A 1 101 ? -9.052  2.718   20.978  1.00 19.57 ? 101 ARG A NH2 1 
ATOM   831  N N   . LYS A 1 102 ? -3.723  3.747   16.506  1.00 19.59 ? 102 LYS A N   1 
ATOM   832  C CA  . LYS A 1 102 ? -2.345  3.319   16.768  1.00 19.97 ? 102 LYS A CA  1 
ATOM   833  C C   . LYS A 1 102 ? -1.392  4.514   16.813  1.00 20.75 ? 102 LYS A C   1 
ATOM   834  O O   . LYS A 1 102 ? -0.517  4.605   17.717  1.00 20.28 ? 102 LYS A O   1 
ATOM   835  C CB  . LYS A 1 102 ? -1.905  2.293   15.725  1.00 20.09 ? 102 LYS A CB  1 
ATOM   836  C CG  . LYS A 1 102 ? -2.605  0.970   15.905  1.00 23.22 ? 102 LYS A CG  1 
ATOM   837  C CD  . LYS A 1 102 ? -2.327  0.021   14.738  1.00 26.14 ? 102 LYS A CD  1 
ATOM   838  C CE  . LYS A 1 102 ? -2.838  -1.426  14.893  1.00 28.48 ? 102 LYS A CE  1 
ATOM   839  N NZ  . LYS A 1 102 ? -2.371  -2.142  16.090  1.00 29.55 ? 102 LYS A NZ  1 
ATOM   840  N N   . SER A 1 103 ? -1.552  5.449   15.886  1.00 19.10 ? 103 SER A N   1 
ATOM   841  C CA  . SER A 1 103 ? -0.694  6.628   15.904  1.00 20.69 ? 103 SER A CA  1 
ATOM   842  C C   . SER A 1 103 ? -0.845  7.475   17.208  1.00 21.44 ? 103 SER A C   1 
ATOM   843  O O   . SER A 1 103 ? 0.086   8.096   17.624  1.00 20.53 ? 103 SER A O   1 
ATOM   844  C CB  . SER A 1 103 ? -0.910  7.476   14.669  1.00 20.62 ? 103 SER A CB  1 
ATOM   845  O OG  . SER A 1 103 ? -2.102  8.216   14.686  1.00 24.86 ? 103 SER A OG  1 
ATOM   846  N N   . ASN A 1 104 ? -2.030  7.485   17.804  1.00 22.16 ? 104 ASN A N   1 
ATOM   847  C CA  . ASN A 1 104 ? -2.288  8.147   19.074  1.00 23.29 ? 104 ASN A CA  1 
ATOM   848  C C   . ASN A 1 104 ? -1.530  7.485   20.222  1.00 25.39 ? 104 ASN A C   1 
ATOM   849  O O   . ASN A 1 104 ? -1.259  8.136   21.236  1.00 24.68 ? 104 ASN A O   1 
ATOM   850  C CB  . ASN A 1 104 ? -3.795  8.092   19.389  1.00 24.69 ? 104 ASN A CB  1 
ATOM   851  C CG  . ASN A 1 104 ? -4.176  8.912   20.575  1.00 26.80 ? 104 ASN A CG  1 
ATOM   852  O OD1 . ASN A 1 104 ? -4.652  8.396   21.601  1.00 27.94 ? 104 ASN A OD1 1 
ATOM   853  N ND2 . ASN A 1 104 ? -3.990  10.198  20.447  1.00 27.82 ? 104 ASN A ND2 1 
ATOM   854  N N   . GLN A 1 105 ? -1.229  6.188   20.084  1.00 26.30 ? 105 GLN A N   1 
ATOM   855  C CA  . GLN A 1 105 ? -0.617  5.413   21.156  1.00 27.87 ? 105 GLN A CA  1 
ATOM   856  C C   . GLN A 1 105 ? 0.932   5.528   21.096  1.00 30.26 ? 105 GLN A C   1 
ATOM   857  O O   . GLN A 1 105 ? 1.612   5.020   21.989  1.00 33.04 ? 105 GLN A O   1 
ATOM   858  C CB  A GLN A 1 105 ? -0.950  3.889   21.028  0.50 27.47 ? 105 GLN A CB  1 
ATOM   859  C CB  B GLN A 1 105 ? -1.227  3.991   21.256  0.50 27.98 ? 105 GLN A CB  1 
ATOM   860  C CG  A GLN A 1 105 ? -2.430  3.473   21.214  0.50 26.34 ? 105 GLN A CG  1 
ATOM   861  C CG  B GLN A 1 105 ? -2.860  3.917   21.503  0.50 27.50 ? 105 GLN A CG  1 
ATOM   862  C CD  A GLN A 1 105 ? -2.724  1.968   21.023  0.50 23.66 ? 105 GLN A CD  1 
ATOM   863  C CD  B GLN A 1 105 ? -3.528  4.840   22.619  0.50 24.93 ? 105 GLN A CD  1 
ATOM   864  O OE1 A GLN A 1 105 ? -1.884  1.222   20.526  0.50 21.60 ? 105 GLN A OE1 1 
ATOM   865  O OE1 B GLN A 1 105 ? -2.937  5.069   23.721  0.50 21.14 ? 105 GLN A OE1 1 
ATOM   866  N NE2 A GLN A 1 105 ? -3.926  1.534   21.420  0.50 13.16 ? 105 GLN A NE2 1 
ATOM   867  N NE2 B GLN A 1 105 ? -4.806  5.329   22.335  0.50 13.32 ? 105 GLN A NE2 1 
ATOM   868  N N   . VAL A 1 106 ? 1.486   6.205   20.064  1.00 31.94 ? 106 VAL A N   1 
ATOM   869  C CA  . VAL A 1 106 ? 2.947   6.398   19.923  1.00 32.46 ? 106 VAL A CA  1 
ATOM   870  C C   . VAL A 1 106 ? 3.375   7.849   20.169  1.00 33.07 ? 106 VAL A C   1 
ATOM   871  O O   . VAL A 1 106 ? 2.600   8.751   19.990  1.00 34.39 ? 106 VAL A O   1 
ATOM   872  C CB  . VAL A 1 106 ? 3.499   5.960   18.525  1.00 32.35 ? 106 VAL A CB  1 
ATOM   873  C CG1 . VAL A 1 106 ? 3.097   4.548   18.190  1.00 31.40 ? 106 VAL A CG1 1 
ATOM   874  C CG2 . VAL A 1 106 ? 3.046   6.906   17.425  1.00 32.02 ? 106 VAL A CG2 1 
ATOM   875  N N   . LYS A 1 107 ? 4.627   8.048   20.567  1.00 34.50 ? 107 LYS A N   1 
ATOM   876  C CA  . LYS A 1 107 ? 5.163   9.389   20.817  1.00 35.03 ? 107 LYS A CA  1 
ATOM   877  C C   . LYS A 1 107 ? 5.633   10.108  19.549  1.00 33.76 ? 107 LYS A C   1 
ATOM   878  O O   . LYS A 1 107 ? 5.482   11.322  19.453  1.00 34.25 ? 107 LYS A O   1 
ATOM   879  C CB  . LYS A 1 107 ? 6.306   9.320   21.845  1.00 36.41 ? 107 LYS A CB  1 
ATOM   880  C CG  . LYS A 1 107 ? 7.100   10.616  22.052  1.00 38.85 ? 107 LYS A CG  1 
ATOM   881  C CD  . LYS A 1 107 ? 6.306   11.739  22.753  1.00 42.73 ? 107 LYS A CD  1 
ATOM   882  C CE  . LYS A 1 107 ? 6.613   13.190  22.206  1.00 42.84 ? 107 LYS A CE  1 
ATOM   883  N NZ  . LYS A 1 107 ? 7.753   13.908  22.884  1.00 43.09 ? 107 LYS A NZ  1 
ATOM   884  N N   . THR A 1 108 ? 6.179   9.366   18.578  1.00 31.78 ? 108 THR A N   1 
ATOM   885  C CA  . THR A 1 108 ? 6.724   9.969   17.341  1.00 29.85 ? 108 THR A CA  1 
ATOM   886  C C   . THR A 1 108 ? 5.930   9.454   16.143  1.00 28.27 ? 108 THR A C   1 
ATOM   887  O O   . THR A 1 108 ? 5.904   8.237   15.881  1.00 28.54 ? 108 THR A O   1 
ATOM   888  C CB  . THR A 1 108 ? 8.202   9.654   17.179  1.00 29.78 ? 108 THR A CB  1 
ATOM   889  O OG1 . THR A 1 108 ? 8.957   10.212  18.271  1.00 30.60 ? 108 THR A OG1 1 
ATOM   890  C CG2 . THR A 1 108 ? 8.791   10.352  15.968  1.00 30.55 ? 108 THR A CG2 1 
ATOM   891  N N   . CYS A 1 109 ? 5.228   10.363  15.473  1.00 26.56 ? 109 CYS A N   1 
ATOM   892  C CA  . CYS A 1 109 ? 4.456   10.027  14.281  1.00 25.29 ? 109 CYS A CA  1 
ATOM   893  C C   . CYS A 1 109 ? 4.836   11.039  13.218  1.00 24.21 ? 109 CYS A C   1 
ATOM   894  O O   . CYS A 1 109 ? 4.318   12.163  13.214  1.00 24.12 ? 109 CYS A O   1 
ATOM   895  C CB  . CYS A 1 109 ? 2.943   10.068  14.508  1.00 25.77 ? 109 CYS A CB  1 
ATOM   896  S SG  . CYS A 1 109 ? 2.043   9.442   13.062  1.00 26.32 ? 109 CYS A SG  1 
ATOM   897  N N   . LYS A 1 110 ? 5.806   10.662  12.384  1.00 21.92 ? 110 LYS A N   1 
ATOM   898  C CA  . LYS A 1 110 ? 6.199   11.442  11.236  1.00 20.47 ? 110 LYS A CA  1 
ATOM   899  C C   . LYS A 1 110 ? 5.198   11.210  10.112  1.00 18.54 ? 110 LYS A C   1 
ATOM   900  O O   . LYS A 1 110 ? 4.958   12.070  9.300   1.00 17.87 ? 110 LYS A O   1 
ATOM   901  C CB  . LYS A 1 110 ? 7.572   11.002  10.767  1.00 21.52 ? 110 LYS A CB  1 
ATOM   902  C CG  . LYS A 1 110 ? 8.058   11.627  9.489   1.00 24.14 ? 110 LYS A CG  1 
ATOM   903  C CD  . LYS A 1 110 ? 9.554   11.370  9.248   1.00 25.19 ? 110 LYS A CD  1 
ATOM   904  C CE  . LYS A 1 110 ? 9.781   10.011  8.591   1.00 28.48 ? 110 LYS A CE  1 
ATOM   905  N NZ  . LYS A 1 110 ? 11.044  9.912   7.788   1.00 30.56 ? 110 LYS A NZ  1 
ATOM   906  N N   . ALA A 1 111 ? 4.646   10.005  10.040  1.00 17.64 ? 111 ALA A N   1 
ATOM   907  C CA  . ALA A 1 111 ? 3.862   9.654   8.891   1.00 16.83 ? 111 ALA A CA  1 
ATOM   908  C C   . ALA A 1 111 ? 2.552   10.426  8.731   1.00 16.37 ? 111 ALA A C   1 
ATOM   909  O O   . ALA A 1 111 ? 1.756   10.626  9.679   1.00 17.75 ? 111 ALA A O   1 
ATOM   910  C CB  . ALA A 1 111 ? 3.591   8.147   8.959   1.00 17.06 ? 111 ALA A CB  1 
ATOM   911  N N   . LYS A 1 112 ? 2.309   10.877  7.516   1.00 15.99 ? 112 LYS A N   1 
ATOM   912  C CA  . LYS A 1 112 ? 1.042   11.373  7.122   1.00 17.30 ? 112 LYS A CA  1 
ATOM   913  C C   . LYS A 1 112 ? 0.188   10.149  6.777   1.00 16.03 ? 112 LYS A C   1 
ATOM   914  O O   . LYS A 1 112 ? 0.540   9.461   5.839   1.00 17.31 ? 112 LYS A O   1 
ATOM   915  C CB  . LYS A 1 112 ? 1.160   12.273  5.888   1.00 17.96 ? 112 LYS A CB  1 
ATOM   916  C CG  . LYS A 1 112 ? -0.163  13.033  5.659   1.00 20.64 ? 112 LYS A CG  1 
ATOM   917  C CD  . LYS A 1 112 ? -0.100  14.005  4.511   1.00 24.80 ? 112 LYS A CD  1 
ATOM   918  C CE  . LYS A 1 112 ? -1.251  15.017  4.596   1.00 23.29 ? 112 LYS A CE  1 
ATOM   919  N NZ  . LYS A 1 112 ? -2.541  14.296  4.509   1.00 23.84 ? 112 LYS A NZ  1 
ATOM   920  N N   . ILE A 1 113 ? -0.952  9.970   7.464   1.00 16.11 ? 113 ILE A N   1 
ATOM   921  C CA  . ILE A 1 113 ? -1.842  8.782   7.288   1.00 15.10 ? 113 ILE A CA  1 
ATOM   922  C C   . ILE A 1 113 ? -3.052  9.139   6.456   1.00 14.75 ? 113 ILE A C   1 
ATOM   923  O O   . ILE A 1 113 ? -3.841  10.001  6.811   1.00 14.12 ? 113 ILE A O   1 
ATOM   924  C CB  . ILE A 1 113 ? -2.281  8.222   8.673   1.00 15.00 ? 113 ILE A CB  1 
ATOM   925  C CG1 . ILE A 1 113 ? -1.081  7.830   9.525   1.00 16.27 ? 113 ILE A CG1 1 
ATOM   926  C CG2 . ILE A 1 113 ? -3.319  7.079   8.516   1.00 17.19 ? 113 ILE A CG2 1 
ATOM   927  C CD1 . ILE A 1 113 ? -1.441  7.626   10.988  1.00 19.91 ? 113 ILE A CD1 1 
ATOM   928  N N   . GLU A 1 114 ? -3.192  8.495   5.293   1.00 14.50 ? 114 GLU A N   1 
ATOM   929  C CA  . GLU A 1 114 ? -4.200  8.875   4.350   1.00 14.16 ? 114 GLU A CA  1 
ATOM   930  C C   . GLU A 1 114 ? -4.762  7.619   3.726   1.00 11.83 ? 114 GLU A C   1 
ATOM   931  O O   . GLU A 1 114 ? -4.101  6.574   3.680   1.00 13.33 ? 114 GLU A O   1 
ATOM   932  C CB  . GLU A 1 114 ? -3.570  9.707   3.200   1.00 15.50 ? 114 GLU A CB  1 
ATOM   933  C CG  . GLU A 1 114 ? -2.872  10.989  3.613   1.00 17.75 ? 114 GLU A CG  1 
ATOM   934  C CD  . GLU A 1 114 ? -2.227  11.666  2.424   1.00 20.14 ? 114 GLU A CD  1 
ATOM   935  O OE1 . GLU A 1 114 ? -1.308  11.084  1.769   1.00 20.44 ? 114 GLU A OE1 1 
ATOM   936  O OE2 . GLU A 1 114 ? -2.581  12.813  2.171   1.00 28.15 ? 114 GLU A OE2 1 
ATOM   937  N N   . LEU A 1 115 ? -6.017  7.737   3.254   1.00 11.75 ? 115 LEU A N   1 
ATOM   938  C CA  . LEU A 1 115 ? -6.511  6.789   2.236   1.00 12.19 ? 115 LEU A CA  1 
ATOM   939  C C   . LEU A 1 115 ? -5.741  6.875   0.922   1.00 11.31 ? 115 LEU A C   1 
ATOM   940  O O   . LEU A 1 115 ? -5.590  7.958   0.309   1.00 12.31 ? 115 LEU A O   1 
ATOM   941  C CB  . LEU A 1 115 ? -7.982  7.058   1.949   1.00 11.87 ? 115 LEU A CB  1 
ATOM   942  C CG  . LEU A 1 115 ? -8.866  6.732   3.172   1.00 13.77 ? 115 LEU A CG  1 
ATOM   943  C CD1 . LEU A 1 115 ? -10.211 7.382   2.975   1.00 18.40 ? 115 LEU A CD1 1 
ATOM   944  C CD2 . LEU A 1 115 ? -9.041  5.241   3.373   1.00 15.88 ? 115 LEU A CD2 1 
ATOM   945  N N   . LEU A 1 116 ? -5.322  5.723   0.412   1.00 12.85 ? 116 LEU A N   1 
ATOM   946  C CA  . LEU A 1 116 ? -4.692  5.669   -0.877  1.00 12.02 ? 116 LEU A CA  1 
ATOM   947  C C   . LEU A 1 116 ? -5.648  6.230   -1.967  1.00 11.94 ? 116 LEU A C   1 
ATOM   948  O O   . LEU A 1 116 ? -5.251  6.947   -2.903  1.00 11.73 ? 116 LEU A O   1 
ATOM   949  C CB  . LEU A 1 116 ? -4.293  4.202   -1.221  1.00 12.75 ? 116 LEU A CB  1 
ATOM   950  C CG  . LEU A 1 116 ? -3.611  4.013   -2.582  1.00 12.33 ? 116 LEU A CG  1 
ATOM   951  C CD1 . LEU A 1 116 ? -2.448  4.964   -2.895  1.00 12.51 ? 116 LEU A CD1 1 
ATOM   952  C CD2 . LEU A 1 116 ? -3.329  2.497   -2.808  1.00 12.66 ? 116 LEU A CD2 1 
ATOM   953  N N   . GLY A 1 117 ? -6.924  5.871   -1.857  1.00 12.51 ? 117 GLY A N   1 
ATOM   954  C CA  . GLY A 1 117 ? -7.985  6.334   -2.749  1.00 12.62 ? 117 GLY A CA  1 
ATOM   955  C C   . GLY A 1 117 ? -8.246  7.840   -2.717  1.00 13.27 ? 117 GLY A C   1 
ATOM   956  O O   . GLY A 1 117 ? -8.828  8.385   -3.656  1.00 15.60 ? 117 GLY A O   1 
ATOM   957  N N   . SER A 1 118 ? -7.760  8.535   -1.706  1.00 13.56 ? 118 SER A N   1 
ATOM   958  C CA  . SER A 1 118 ? -7.820  9.994   -1.739  1.00 14.61 ? 118 SER A CA  1 
ATOM   959  C C   . SER A 1 118 ? -7.020  10.590  -2.912  1.00 14.70 ? 118 SER A C   1 
ATOM   960  O O   . SER A 1 118 ? -7.220  11.774  -3.273  1.00 16.84 ? 118 SER A O   1 
ATOM   961  C CB  . SER A 1 118 ? -7.377  10.598  -0.394  1.00 15.89 ? 118 SER A CB  1 
ATOM   962  O OG  . SER A 1 118 ? -5.996  10.459  -0.245  1.00 17.56 ? 118 SER A OG  1 
ATOM   963  N N   . TYR A 1 119 ? -6.133  9.797   -3.535  1.00 14.07 ? 119 TYR A N   1 
ATOM   964  C CA  . TYR A 1 119 ? -5.320  10.201  -4.700  1.00 13.96 ? 119 TYR A CA  1 
ATOM   965  C C   . TYR A 1 119 ? -5.936  9.856   -6.042  1.00 14.36 ? 119 TYR A C   1 
ATOM   966  O O   . TYR A 1 119 ? -5.461  10.345  -7.074  1.00 14.90 ? 119 TYR A O   1 
ATOM   967  C CB  . TYR A 1 119 ? -3.928  9.586   -4.606  1.00 13.57 ? 119 TYR A CB  1 
ATOM   968  C CG  . TYR A 1 119 ? -3.130  10.233  -3.515  1.00 12.85 ? 119 TYR A CG  1 
ATOM   969  C CD1 . TYR A 1 119 ? -3.028  9.669   -2.289  1.00 12.92 ? 119 TYR A CD1 1 
ATOM   970  C CD2 . TYR A 1 119 ? -2.425  11.413  -3.752  1.00 13.41 ? 119 TYR A CD2 1 
ATOM   971  C CE1 . TYR A 1 119 ? -2.277  10.298  -1.231  1.00 16.44 ? 119 TYR A CE1 1 
ATOM   972  C CE2 . TYR A 1 119 ? -1.716  12.048  -2.777  1.00 16.78 ? 119 TYR A CE2 1 
ATOM   973  C CZ  . TYR A 1 119 ? -1.617  11.480  -1.495  1.00 15.49 ? 119 TYR A CZ  1 
ATOM   974  O OH  . TYR A 1 119 ? -0.888  12.106  -0.501  1.00 16.58 ? 119 TYR A OH  1 
ATOM   975  N N   . ASP A 1 120 ? -7.015  9.087   -6.031  1.00 13.14 ? 120 ASP A N   1 
ATOM   976  C CA  . ASP A 1 120 ? -7.655  8.605   -7.260  1.00 12.71 ? 120 ASP A CA  1 
ATOM   977  C C   . ASP A 1 120 ? -8.236  9.837   -8.006  1.00 14.24 ? 120 ASP A C   1 
ATOM   978  O O   . ASP A 1 120 ? -9.181  10.498  -7.506  1.00 13.56 ? 120 ASP A O   1 
ATOM   979  C CB  . ASP A 1 120 ? -8.763  7.653   -6.931  1.00 12.41 ? 120 ASP A CB  1 
ATOM   980  C CG  . ASP A 1 120 ? -9.346  6.945   -8.177  1.00 12.45 ? 120 ASP A CG  1 
ATOM   981  O OD1 . ASP A 1 120 ? -8.821  7.149   -9.316  1.00 15.00 ? 120 ASP A OD1 1 
ATOM   982  O OD2 . ASP A 1 120 ? -10.370 6.283   -8.081  1.00 14.93 ? 120 ASP A OD2 1 
ATOM   983  N N   . PRO A 1 121 ? -7.777  10.072  -9.211  1.00 14.48 ? 121 PRO A N   1 
ATOM   984  C CA  . PRO A 1 121 ? -8.453  11.099  -10.033 1.00 14.89 ? 121 PRO A CA  1 
ATOM   985  C C   . PRO A 1 121 ? -9.905  10.789  -10.317 1.00 15.10 ? 121 PRO A C   1 
ATOM   986  O O   . PRO A 1 121 ? -10.657 11.728  -10.448 1.00 16.64 ? 121 PRO A O   1 
ATOM   987  C CB  . PRO A 1 121 ? -7.629  11.141  -11.295 1.00 14.58 ? 121 PRO A CB  1 
ATOM   988  C CG  . PRO A 1 121 ? -6.338  10.503  -10.996 1.00 17.44 ? 121 PRO A CG  1 
ATOM   989  C CD  . PRO A 1 121 ? -6.624  9.457   -9.941  1.00 15.08 ? 121 PRO A CD  1 
ATOM   990  N N   . GLN A 1 122 ? -10.289 9.487   -10.313 1.00 14.45 ? 122 GLN A N   1 
ATOM   991  C CA  . GLN A 1 122 ? -11.656 9.039   -10.555 1.00 15.42 ? 122 GLN A CA  1 
ATOM   992  C C   . GLN A 1 122 ? -12.510 8.955   -9.280  1.00 15.47 ? 122 GLN A C   1 
ATOM   993  O O   . GLN A 1 122 ? -13.657 8.530   -9.353  1.00 15.00 ? 122 GLN A O   1 
ATOM   994  C CB  . GLN A 1 122 ? -11.649 7.713   -11.327 1.00 15.71 ? 122 GLN A CB  1 
ATOM   995  C CG  . GLN A 1 122 ? -10.867 7.751   -12.619 1.00 19.01 ? 122 GLN A CG  1 
ATOM   996  C CD  . GLN A 1 122 ? -11.409 8.804   -13.546 1.00 23.55 ? 122 GLN A CD  1 
ATOM   997  O OE1 . GLN A 1 122 ? -12.625 8.852   -13.723 1.00 29.33 ? 122 GLN A OE1 1 
ATOM   998  N NE2 . GLN A 1 122 ? -10.553 9.686   -14.069 1.00 28.77 ? 122 GLN A NE2 1 
ATOM   999  N N   . LYS A 1 123 ? -11.948 9.395   -8.142  1.00 15.76 ? 123 LYS A N   1 
ATOM   1000 C CA  . LYS A 1 123 ? -12.680 9.659   -6.914  1.00 17.30 ? 123 LYS A CA  1 
ATOM   1001 C C   . LYS A 1 123 ? -13.268 8.407   -6.218  1.00 16.65 ? 123 LYS A C   1 
ATOM   1002 O O   . LYS A 1 123 ? -14.266 8.480   -5.449  1.00 17.23 ? 123 LYS A O   1 
ATOM   1003 C CB  A LYS A 1 123 ? -13.739 10.727  -7.184  0.50 17.72 ? 123 LYS A CB  1 
ATOM   1004 C CB  B LYS A 1 123 ? -13.803 10.669  -7.174  0.50 18.10 ? 123 LYS A CB  1 
ATOM   1005 C CG  A LYS A 1 123 ? -13.152 12.022  -7.692  0.50 20.36 ? 123 LYS A CG  1 
ATOM   1006 C CG  B LYS A 1 123 ? -13.334 11.982  -7.749  0.50 21.26 ? 123 LYS A CG  1 
ATOM   1007 C CD  A LYS A 1 123 ? -14.247 13.045  -7.988  0.50 24.55 ? 123 LYS A CD  1 
ATOM   1008 C CD  B LYS A 1 123 ? -12.280 12.633  -6.852  0.50 26.21 ? 123 LYS A CD  1 
ATOM   1009 C CE  A LYS A 1 123 ? -13.693 14.461  -8.067  0.50 27.03 ? 123 LYS A CE  1 
ATOM   1010 C CE  B LYS A 1 123 ? -11.903 14.072  -7.252  0.50 29.75 ? 123 LYS A CE  1 
ATOM   1011 N NZ  A LYS A 1 123 ? -14.824 15.389  -8.039  0.50 32.05 ? 123 LYS A NZ  1 
ATOM   1012 N NZ  B LYS A 1 123 ? -10.692 14.536  -6.500  0.50 28.24 ? 123 LYS A NZ  1 
ATOM   1013 N N   . GLN A 1 124 ? -12.685 7.246   -6.514  1.00 15.11 ? 124 GLN A N   1 
ATOM   1014 C CA  . GLN A 1 124 ? -13.056 6.003   -5.814  1.00 15.15 ? 124 GLN A CA  1 
ATOM   1015 C C   . GLN A 1 124 ? -12.287 5.874   -4.491  1.00 16.01 ? 124 GLN A C   1 
ATOM   1016 O O   . GLN A 1 124 ? -11.177 5.341   -4.425  1.00 16.15 ? 124 GLN A O   1 
ATOM   1017 C CB  . GLN A 1 124 ? -12.925 4.799   -6.734  1.00 15.63 ? 124 GLN A CB  1 
ATOM   1018 C CG  . GLN A 1 124 ? -13.547 4.993   -8.092  1.00 17.26 ? 124 GLN A CG  1 
ATOM   1019 C CD  . GLN A 1 124 ? -15.027 5.205   -7.998  1.00 17.47 ? 124 GLN A CD  1 
ATOM   1020 O OE1 . GLN A 1 124 ? -15.774 4.289   -7.595  1.00 17.80 ? 124 GLN A OE1 1 
ATOM   1021 N NE2 . GLN A 1 124 ? -15.456 6.412   -8.266  1.00 22.77 ? 124 GLN A NE2 1 
ATOM   1022 N N   . LEU A 1 125 ? -12.858 6.433   -3.437  1.00 16.77 ? 125 LEU A N   1 
ATOM   1023 C CA  . LEU A 1 125 ? -12.111 6.715   -2.252  1.00 17.10 ? 125 LEU A CA  1 
ATOM   1024 C C   . LEU A 1 125 ? -11.724 5.466   -1.483  1.00 15.63 ? 125 LEU A C   1 
ATOM   1025 O O   . LEU A 1 125 ? -10.659 5.448   -0.848  1.00 15.85 ? 125 LEU A O   1 
ATOM   1026 C CB  A LEU A 1 125 ? -12.922 7.690   -1.393  0.50 18.05 ? 125 LEU A CB  1 
ATOM   1027 C CB  B LEU A 1 125 ? -12.894 7.667   -1.349  0.50 17.45 ? 125 LEU A CB  1 
ATOM   1028 C CG  A LEU A 1 125 ? -12.434 8.200   -0.052  0.50 21.60 ? 125 LEU A CG  1 
ATOM   1029 C CG  B LEU A 1 125 ? -12.227 8.191   -0.092  0.50 19.41 ? 125 LEU A CG  1 
ATOM   1030 C CD1 A LEU A 1 125 ? -12.999 9.620   0.226   0.50 23.27 ? 125 LEU A CD1 1 
ATOM   1031 C CD1 B LEU A 1 125 ? -11.220 9.291   -0.397  0.50 20.71 ? 125 LEU A CD1 1 
ATOM   1032 C CD2 A LEU A 1 125 ? -12.858 7.248   1.050   0.50 24.77 ? 125 LEU A CD2 1 
ATOM   1033 C CD2 B LEU A 1 125 ? -13.313 8.709   0.877   0.50 19.04 ? 125 LEU A CD2 1 
ATOM   1034 N N   . ILE A 1 126 ? -12.518 4.409   -1.608  1.00 15.00 ? 126 ILE A N   1 
ATOM   1035 C CA  . ILE A 1 126 ? -12.349 3.195   -0.821  1.00 14.46 ? 126 ILE A CA  1 
ATOM   1036 C C   . ILE A 1 126 ? -11.882 2.057   -1.734  1.00 14.12 ? 126 ILE A C   1 
ATOM   1037 O O   . ILE A 1 126 ? -12.413 1.865   -2.835  1.00 15.22 ? 126 ILE A O   1 
ATOM   1038 C CB  . ILE A 1 126 ? -13.670 2.780   -0.101  1.00 16.08 ? 126 ILE A CB  1 
ATOM   1039 C CG1 . ILE A 1 126 ? -14.189 3.922   0.770   1.00 17.25 ? 126 ILE A CG1 1 
ATOM   1040 C CG2 . ILE A 1 126 ? -13.464 1.485   0.705   1.00 16.25 ? 126 ILE A CG2 1 
ATOM   1041 C CD1 . ILE A 1 126 ? -13.344 4.263   1.951   1.00 16.97 ? 126 ILE A CD1 1 
ATOM   1042 N N   . ILE A 1 127 ? -10.843 1.356   -1.303  1.00 13.59 ? 127 ILE A N   1 
ATOM   1043 C CA  . ILE A 1 127 ? -10.395 0.141   -1.987  1.00 13.28 ? 127 ILE A CA  1 
ATOM   1044 C C   . ILE A 1 127 ? -10.864 -1.030  -1.174  1.00 14.16 ? 127 ILE A C   1 
ATOM   1045 O O   . ILE A 1 127 ? -10.334 -1.321  -0.105  1.00 14.73 ? 127 ILE A O   1 
ATOM   1046 C CB  . ILE A 1 127 ? -8.853  0.208   -2.151  1.00 13.26 ? 127 ILE A CB  1 
ATOM   1047 C CG1 . ILE A 1 127 ? -8.444  1.452   -2.979  1.00 14.29 ? 127 ILE A CG1 1 
ATOM   1048 C CG2 . ILE A 1 127 ? -8.304  -1.130  -2.747  1.00 13.33 ? 127 ILE A CG2 1 
ATOM   1049 C CD1 . ILE A 1 127 ? -6.974  1.667   -2.966  1.00 14.64 ? 127 ILE A CD1 1 
ATOM   1050 N N   . GLU A 1 128 ? -11.912 -1.691  -1.661  1.00 15.46 ? 128 GLU A N   1 
ATOM   1051 C CA  . GLU A 1 128 ? -12.662 -2.587  -0.840  1.00 15.67 ? 128 GLU A CA  1 
ATOM   1052 C C   . GLU A 1 128 ? -11.940 -3.945  -0.768  1.00 15.34 ? 128 GLU A C   1 
ATOM   1053 O O   . GLU A 1 128 ? -11.317 -4.424  -1.722  1.00 14.79 ? 128 GLU A O   1 
ATOM   1054 C CB  . GLU A 1 128 ? -14.074 -2.776  -1.425  1.00 16.69 ? 128 GLU A CB  1 
ATOM   1055 C CG  . GLU A 1 128 ? -14.994 -1.543  -1.422  1.00 19.57 ? 128 GLU A CG  1 
ATOM   1056 C CD  . GLU A 1 128 ? -15.572 -1.184  -0.028  1.00 26.03 ? 128 GLU A CD  1 
ATOM   1057 O OE1 . GLU A 1 128 ? -15.237 -1.832  1.016   1.00 30.90 ? 128 GLU A OE1 1 
ATOM   1058 O OE2 . GLU A 1 128 ? -16.346 -0.203  0.059   1.00 29.56 ? 128 GLU A OE2 1 
ATOM   1059 N N   . ASP A 1 129 ? -12.063 -4.581  0.393   1.00 15.53 ? 129 ASP A N   1 
ATOM   1060 C CA  . ASP A 1 129 ? -11.494 -5.909  0.638   1.00 15.87 ? 129 ASP A CA  1 
ATOM   1061 C C   . ASP A 1 129 ? -12.002 -6.979  -0.375  1.00 15.51 ? 129 ASP A C   1 
ATOM   1062 O O   . ASP A 1 129 ? -13.233 -7.290  -0.378  1.00 15.13 ? 129 ASP A O   1 
ATOM   1063 C CB  . ASP A 1 129 ? -11.898 -6.287  2.065   1.00 15.65 ? 129 ASP A CB  1 
ATOM   1064 C CG  . ASP A 1 129 ? -11.355 -7.597  2.512   1.00 15.50 ? 129 ASP A CG  1 
ATOM   1065 O OD1 . ASP A 1 129 ? -10.660 -8.297  1.749   1.00 20.44 ? 129 ASP A OD1 1 
ATOM   1066 O OD2 . ASP A 1 129 ? -11.577 -7.959  3.706   1.00 22.82 ? 129 ASP A OD2 1 
ATOM   1067 N N   . PRO A 1 130 ? -11.123 -7.543  -1.199  1.00 16.23 ? 130 PRO A N   1 
ATOM   1068 C CA  . PRO A 1 130 ? -11.508 -8.565  -2.196  1.00 15.78 ? 130 PRO A CA  1 
ATOM   1069 C C   . PRO A 1 130 ? -11.459 -10.012 -1.649  1.00 16.48 ? 130 PRO A C   1 
ATOM   1070 O O   . PRO A 1 130 ? -11.715 -10.942 -2.395  1.00 18.14 ? 130 PRO A O   1 
ATOM   1071 C CB  . PRO A 1 130 ? -10.442 -8.359  -3.263  1.00 16.70 ? 130 PRO A CB  1 
ATOM   1072 C CG  . PRO A 1 130 ? -9.236  -8.028  -2.433  1.00 16.95 ? 130 PRO A CG  1 
ATOM   1073 C CD  . PRO A 1 130 ? -9.677  -7.268  -1.301  1.00 16.47 ? 130 PRO A CD  1 
ATOM   1074 N N   . TYR A 1 131 ? -11.102 -10.205 -0.395  1.00 16.33 ? 131 TYR A N   1 
ATOM   1075 C CA  . TYR A 1 131 ? -10.738 -11.523 0.101   1.00 18.39 ? 131 TYR A CA  1 
ATOM   1076 C C   . TYR A 1 131 ? -11.818 -12.590 -0.117  1.00 18.54 ? 131 TYR A C   1 
ATOM   1077 O O   . TYR A 1 131 ? -11.514 -13.776 -0.452  1.00 18.44 ? 131 TYR A O   1 
ATOM   1078 C CB  . TYR A 1 131 ? -10.336 -11.435 1.578   1.00 18.05 ? 131 TYR A CB  1 
ATOM   1079 C CG  . TYR A 1 131 ? -9.877  -12.756 2.115   1.00 19.83 ? 131 TYR A CG  1 
ATOM   1080 C CD1 . TYR A 1 131 ? -8.641  -13.262 1.804   1.00 18.89 ? 131 TYR A CD1 1 
ATOM   1081 C CD2 . TYR A 1 131 ? -10.730 -13.499 2.909   1.00 22.32 ? 131 TYR A CD2 1 
ATOM   1082 C CE1 . TYR A 1 131 ? -8.238  -14.552 2.292   1.00 21.25 ? 131 TYR A CE1 1 
ATOM   1083 C CE2 . TYR A 1 131 ? -10.364 -14.744 3.412   1.00 24.26 ? 131 TYR A CE2 1 
ATOM   1084 C CZ  . TYR A 1 131 ? -9.132  -15.261 3.094   1.00 23.01 ? 131 TYR A CZ  1 
ATOM   1085 O OH  . TYR A 1 131 ? -8.788  -16.508 3.611   1.00 28.60 ? 131 TYR A OH  1 
ATOM   1086 N N   . TYR A 1 132 ? -13.058 -12.190 0.086   1.00 18.71 ? 132 TYR A N   1 
ATOM   1087 C CA  . TYR A 1 132 ? -14.183 -13.084 -0.163  1.00 20.00 ? 132 TYR A CA  1 
ATOM   1088 C C   . TYR A 1 132 ? -14.742 -12.980 -1.588  1.00 21.49 ? 132 TYR A C   1 
ATOM   1089 O O   . TYR A 1 132 ? -15.783 -13.563 -1.884  1.00 22.34 ? 132 TYR A O   1 
ATOM   1090 C CB  . TYR A 1 132 ? -15.270 -12.822 0.846   1.00 19.15 ? 132 TYR A CB  1 
ATOM   1091 C CG  . TYR A 1 132 ? -14.805 -13.158 2.256   1.00 22.54 ? 132 TYR A CG  1 
ATOM   1092 C CD1 . TYR A 1 132 ? -14.389 -14.453 2.572   1.00 22.94 ? 132 TYR A CD1 1 
ATOM   1093 C CD2 . TYR A 1 132 ? -14.743 -12.194 3.240   1.00 23.99 ? 132 TYR A CD2 1 
ATOM   1094 C CE1 . TYR A 1 132 ? -13.945 -14.774 3.841   1.00 25.59 ? 132 TYR A CE1 1 
ATOM   1095 C CE2 . TYR A 1 132 ? -14.289 -12.507 4.512   1.00 23.17 ? 132 TYR A CE2 1 
ATOM   1096 C CZ  . TYR A 1 132 ? -13.889 -13.800 4.800   1.00 26.46 ? 132 TYR A CZ  1 
ATOM   1097 O OH  . TYR A 1 132 ? -13.456 -14.161 6.060   1.00 26.59 ? 132 TYR A OH  1 
ATOM   1098 N N   . GLY A 1 133 ? -14.064 -12.269 -2.472  1.00 21.34 ? 133 GLY A N   1 
ATOM   1099 C CA  . GLY A 1 133 ? -14.571 -12.088 -3.816  1.00 22.37 ? 133 GLY A CA  1 
ATOM   1100 C C   . GLY A 1 133 ? -13.932 -13.007 -4.794  1.00 21.92 ? 133 GLY A C   1 
ATOM   1101 O O   . GLY A 1 133 ? -13.432 -14.049 -4.423  1.00 24.90 ? 133 GLY A O   1 
ATOM   1102 N N   . ASN A 1 134 ? -13.904 -12.628 -6.064  1.00 23.46 ? 134 ASN A N   1 
ATOM   1103 C CA  . ASN A 1 134 ? -13.297 -13.458 -7.074  1.00 24.75 ? 134 ASN A CA  1 
ATOM   1104 C C   . ASN A 1 134 ? -12.220 -12.690 -7.836  1.00 24.25 ? 134 ASN A C   1 
ATOM   1105 O O   . ASN A 1 134 ? -11.862 -11.563 -7.452  1.00 24.04 ? 134 ASN A O   1 
ATOM   1106 C CB  . ASN A 1 134 ? -14.376 -14.020 -7.989  1.00 25.52 ? 134 ASN A CB  1 
ATOM   1107 C CG  . ASN A 1 134 ? -15.106 -12.960 -8.774  1.00 27.19 ? 134 ASN A CG  1 
ATOM   1108 O OD1 . ASN A 1 134 ? -14.663 -11.799 -8.918  1.00 30.58 ? 134 ASN A OD1 1 
ATOM   1109 N ND2 . ASN A 1 134 ? -16.261 -13.341 -9.287  1.00 32.21 ? 134 ASN A ND2 1 
ATOM   1110 N N   . ASP A 1 135 ? -11.678 -13.290 -8.883  1.00 24.72 ? 135 ASP A N   1 
ATOM   1111 C CA  . ASP A 1 135 ? -10.549 -12.679 -9.604  1.00 24.50 ? 135 ASP A CA  1 
ATOM   1112 C C   . ASP A 1 135 ? -10.886 -11.272 -10.137 1.00 24.35 ? 135 ASP A C   1 
ATOM   1113 O O   . ASP A 1 135 ? -10.038 -10.401 -10.172 1.00 22.47 ? 135 ASP A O   1 
ATOM   1114 C CB  . ASP A 1 135 ? -10.011 -13.599 -10.732 1.00 25.18 ? 135 ASP A CB  1 
ATOM   1115 C CG  . ASP A 1 135 ? -9.271  -14.858 -10.208 1.00 25.96 ? 135 ASP A CG  1 
ATOM   1116 O OD1 . ASP A 1 135 ? -8.736  -14.888 -9.072  1.00 25.91 ? 135 ASP A OD1 1 
ATOM   1117 O OD2 . ASP A 1 135 ? -9.142  -15.895 -10.900 1.00 29.90 ? 135 ASP A OD2 1 
ATOM   1118 N N   . SER A 1 136 ? -12.122 -11.016 -10.497 1.00 22.83 ? 136 SER A N   1 
ATOM   1119 C CA  . SER A 1 136 ? -12.496 -9.709  -11.002 1.00 23.24 ? 136 SER A CA  1 
ATOM   1120 C C   . SER A 1 136 ? -12.420 -8.608  -9.925  1.00 20.98 ? 136 SER A C   1 
ATOM   1121 O O   . SER A 1 136 ? -12.159 -7.440  -10.240 1.00 21.78 ? 136 SER A O   1 
ATOM   1122 C CB  . SER A 1 136 ? -13.889 -9.781  -11.672 1.00 24.10 ? 136 SER A CB  1 
ATOM   1123 O OG  . SER A 1 136 ? -14.934 -9.708  -10.729 1.00 28.86 ? 136 SER A OG  1 
ATOM   1124 N N   . ASP A 1 137 ? -12.604 -8.993  -8.665  1.00 19.51 ? 137 ASP A N   1 
ATOM   1125 C CA  . ASP A 1 137 ? -12.489 -8.046  -7.523  1.00 20.12 ? 137 ASP A CA  1 
ATOM   1126 C C   . ASP A 1 137 ? -11.025 -7.669  -7.339  1.00 17.06 ? 137 ASP A C   1 
ATOM   1127 O O   . ASP A 1 137 ? -10.701 -6.479  -7.010  1.00 16.68 ? 137 ASP A O   1 
ATOM   1128 C CB  . ASP A 1 137 ? -13.067 -8.663  -6.249  1.00 19.09 ? 137 ASP A CB  1 
ATOM   1129 C CG  . ASP A 1 137 ? -14.562 -8.783  -6.288  1.00 24.09 ? 137 ASP A CG  1 
ATOM   1130 O OD1 . ASP A 1 137 ? -15.255 -7.777  -6.643  1.00 24.69 ? 137 ASP A OD1 1 
ATOM   1131 O OD2 . ASP A 1 137 ? -15.144 -9.850  -5.932  1.00 24.94 ? 137 ASP A OD2 1 
ATOM   1132 N N   . PHE A 1 138 ? -10.131 -8.637  -7.511  1.00 17.22 ? 138 PHE A N   1 
ATOM   1133 C CA  . PHE A 1 138 ? -8.691  -8.372  -7.391  1.00 17.34 ? 138 PHE A CA  1 
ATOM   1134 C C   . PHE A 1 138 ? -8.280  -7.472  -8.557  1.00 17.62 ? 138 PHE A C   1 
ATOM   1135 O O   . PHE A 1 138 ? -7.459  -6.614  -8.374  1.00 16.69 ? 138 PHE A O   1 
ATOM   1136 C CB  . PHE A 1 138 ? -7.838  -9.624  -7.369  1.00 18.52 ? 138 PHE A CB  1 
ATOM   1137 C CG  . PHE A 1 138 ? -7.879  -10.369 -6.045  1.00 18.49 ? 138 PHE A CG  1 
ATOM   1138 C CD1 . PHE A 1 138 ? -8.982  -11.100 -5.682  1.00 18.50 ? 138 PHE A CD1 1 
ATOM   1139 C CD2 . PHE A 1 138 ? -6.787  -10.347 -5.185  1.00 17.49 ? 138 PHE A CD2 1 
ATOM   1140 C CE1 . PHE A 1 138 ? -9.037  -11.755 -4.450  1.00 17.79 ? 138 PHE A CE1 1 
ATOM   1141 C CE2 . PHE A 1 138 ? -6.844  -10.967 -3.969  1.00 17.07 ? 138 PHE A CE2 1 
ATOM   1142 C CZ  . PHE A 1 138 ? -7.953  -11.710 -3.606  1.00 16.04 ? 138 PHE A CZ  1 
ATOM   1143 N N   . GLU A 1 139 ? -8.802  -7.727  -9.753  1.00 17.26 ? 139 GLU A N   1 
ATOM   1144 C CA  . GLU A 1 139 ? -8.548  -6.826  -10.870 1.00 16.65 ? 139 GLU A CA  1 
ATOM   1145 C C   . GLU A 1 139 ? -9.024  -5.377  -10.617 1.00 16.60 ? 139 GLU A C   1 
ATOM   1146 O O   . GLU A 1 139 ? -8.326  -4.423  -10.969 1.00 14.72 ? 139 GLU A O   1 
ATOM   1147 C CB  . GLU A 1 139 ? -9.126  -7.430  -12.159 1.00 16.81 ? 139 GLU A CB  1 
ATOM   1148 C CG  . GLU A 1 139 ? -8.900  -6.624  -13.441 1.00 17.21 ? 139 GLU A CG  1 
ATOM   1149 C CD  . GLU A 1 139 ? -7.438  -6.403  -13.848 1.00 18.60 ? 139 GLU A CD  1 
ATOM   1150 O OE1 . GLU A 1 139 ? -6.517  -7.071  -13.354 1.00 20.77 ? 139 GLU A OE1 1 
ATOM   1151 O OE2 . GLU A 1 139 ? -7.233  -5.515  -14.724 1.00 21.97 ? 139 GLU A OE2 1 
ATOM   1152 N N   . THR A 1 140 ? -10.228 -5.195  -10.082 1.00 16.69 ? 140 THR A N   1 
ATOM   1153 C CA  . THR A 1 140 ? -10.676 -3.864  -9.688  1.00 16.35 ? 140 THR A CA  1 
ATOM   1154 C C   . THR A 1 140 ? -9.703  -3.190  -8.702  1.00 15.83 ? 140 THR A C   1 
ATOM   1155 O O   . THR A 1 140 ? -9.323  -2.012  -8.866  1.00 13.06 ? 140 THR A O   1 
ATOM   1156 C CB  . THR A 1 140 ? -12.086 -3.966  -9.074  1.00 17.29 ? 140 THR A CB  1 
ATOM   1157 O OG1 . THR A 1 140 ? -12.975 -4.454  -10.087 1.00 19.57 ? 140 THR A OG1 1 
ATOM   1158 C CG2 . THR A 1 140 ? -12.615 -2.609  -8.654  1.00 17.04 ? 140 THR A CG2 1 
ATOM   1159 N N   . VAL A 1 141 ? -9.253  -3.938  -7.713  1.00 14.75 ? 141 VAL A N   1 
ATOM   1160 C CA  . VAL A 1 141 ? -8.295  -3.403  -6.745  1.00 14.10 ? 141 VAL A CA  1 
ATOM   1161 C C   . VAL A 1 141 ? -6.998  -3.019  -7.493  1.00 12.58 ? 141 VAL A C   1 
ATOM   1162 O O   . VAL A 1 141 ? -6.469  -1.938  -7.258  1.00 12.74 ? 141 VAL A O   1 
ATOM   1163 C CB  . VAL A 1 141 ? -7.995  -4.411  -5.655  1.00 14.98 ? 141 VAL A CB  1 
ATOM   1164 C CG1 . VAL A 1 141 ? -6.733  -4.059  -4.890  1.00 14.11 ? 141 VAL A CG1 1 
ATOM   1165 C CG2 . VAL A 1 141 ? -9.212  -4.582  -4.804  1.00 17.71 ? 141 VAL A CG2 1 
ATOM   1166 N N   . TYR A 1 142 ? -6.546  -3.858  -8.401  1.00 11.97 ? 142 TYR A N   1 
ATOM   1167 C CA  . TYR A 1 142 ? -5.315  -3.594  -9.170  1.00 12.56 ? 142 TYR A CA  1 
ATOM   1168 C C   . TYR A 1 142 ? -5.441  -2.264  -9.891  1.00 12.95 ? 142 TYR A C   1 
ATOM   1169 O O   . TYR A 1 142 ? -4.597  -1.412  -9.734  1.00 13.24 ? 142 TYR A O   1 
ATOM   1170 C CB  . TYR A 1 142 ? -4.990  -4.759  -10.140 1.00 13.73 ? 142 TYR A CB  1 
ATOM   1171 C CG  . TYR A 1 142 ? -3.819  -4.453  -10.989 1.00 12.58 ? 142 TYR A CG  1 
ATOM   1172 C CD1 . TYR A 1 142 ? -2.513  -4.677  -10.540 1.00 13.98 ? 142 TYR A CD1 1 
ATOM   1173 C CD2 . TYR A 1 142 ? -3.972  -3.784  -12.218 1.00 13.74 ? 142 TYR A CD2 1 
ATOM   1174 C CE1 . TYR A 1 142 ? -1.456  -4.311  -11.308 1.00 15.32 ? 142 TYR A CE1 1 
ATOM   1175 C CE2 . TYR A 1 142 ? -2.937  -3.456  -12.969 1.00 16.31 ? 142 TYR A CE2 1 
ATOM   1176 C CZ  . TYR A 1 142 ? -1.662  -3.652  -12.529 1.00 15.87 ? 142 TYR A CZ  1 
ATOM   1177 O OH  . TYR A 1 142 ? -0.622  -3.264  -13.314 1.00 16.49 ? 142 TYR A OH  1 
ATOM   1178 N N   . GLN A 1 143 ? -6.548  -2.088  -10.612 1.00 13.53 ? 143 GLN A N   1 
ATOM   1179 C CA  . GLN A 1 143 ? -6.745  -0.890  -11.429 1.00 13.39 ? 143 GLN A CA  1 
ATOM   1180 C C   . GLN A 1 143 ? -6.892  0.329   -10.552 1.00 13.26 ? 143 GLN A C   1 
ATOM   1181 O O   . GLN A 1 143 ? -6.333  1.392   -10.890 1.00 13.38 ? 143 GLN A O   1 
ATOM   1182 C CB  . GLN A 1 143 ? -7.920  -1.033  -12.350 1.00 14.24 ? 143 GLN A CB  1 
ATOM   1183 C CG  . GLN A 1 143 ? -7.713  -2.161  -13.470 1.00 15.29 ? 143 GLN A CG  1 
ATOM   1184 C CD  . GLN A 1 143 ? -6.486  -1.960  -14.446 1.00 18.00 ? 143 GLN A CD  1 
ATOM   1185 O OE1 . GLN A 1 143 ? -5.947  -0.856  -14.572 1.00 22.14 ? 143 GLN A OE1 1 
ATOM   1186 N NE2 . GLN A 1 143 ? -6.064  -3.037  -15.130 1.00 20.65 ? 143 GLN A NE2 1 
ATOM   1187 N N   . GLN A 1 144 ? -7.578  0.215   -9.431  1.00 12.49 ? 144 GLN A N   1 
ATOM   1188 C CA  . GLN A 1 144 ? -7.596  1.332   -8.486  1.00 13.71 ? 144 GLN A CA  1 
ATOM   1189 C C   . GLN A 1 144 ? -6.192  1.695   -8.003  1.00 13.19 ? 144 GLN A C   1 
ATOM   1190 O O   . GLN A 1 144 ? -5.846  2.882   -7.915  1.00 13.49 ? 144 GLN A O   1 
ATOM   1191 C CB  . GLN A 1 144 ? -8.428  1.045   -7.255  1.00 14.68 ? 144 GLN A CB  1 
ATOM   1192 C CG  . GLN A 1 144 ? -9.885  1.056   -7.426  1.00 19.64 ? 144 GLN A CG  1 
ATOM   1193 C CD  . GLN A 1 144 ? -10.592 0.912   -6.071  1.00 18.64 ? 144 GLN A CD  1 
ATOM   1194 O OE1 . GLN A 1 144 ? -10.959 1.910   -5.426  1.00 19.21 ? 144 GLN A OE1 1 
ATOM   1195 N NE2 . GLN A 1 144 ? -10.759 -0.303  -5.653  1.00 21.01 ? 144 GLN A NE2 1 
ATOM   1196 N N   . CYS A 1 145 ? -5.384  0.699   -7.618  1.00 12.27 ? 145 CYS A N   1 
ATOM   1197 C CA  . CYS A 1 145 ? -4.055  0.935   -7.145  1.00 12.81 ? 145 CYS A CA  1 
ATOM   1198 C C   . CYS A 1 145 ? -3.186  1.636   -8.204  1.00 12.88 ? 145 CYS A C   1 
ATOM   1199 O O   . CYS A 1 145 ? -2.479  2.542   -7.881  1.00 12.76 ? 145 CYS A O   1 
ATOM   1200 C CB  . CYS A 1 145 ? -3.378  -0.338  -6.698  1.00 12.43 ? 145 CYS A CB  1 
ATOM   1201 S SG  . CYS A 1 145 ? -4.040  -0.990  -5.153  1.00 15.91 ? 145 CYS A SG  1 
ATOM   1202 N N   . VAL A 1 146 ? -3.311  1.248   -9.472  1.00 12.36 ? 146 VAL A N   1 
ATOM   1203 C CA  . VAL A 1 146 ? -2.574  1.881   -10.553 1.00 13.64 ? 146 VAL A CA  1 
ATOM   1204 C C   . VAL A 1 146 ? -2.929  3.405   -10.588 1.00 11.72 ? 146 VAL A C   1 
ATOM   1205 O O   . VAL A 1 146 ? -2.041  4.284   -10.569 1.00 13.23 ? 146 VAL A O   1 
ATOM   1206 C CB  . VAL A 1 146 ? -2.831  1.196   -11.888 1.00 14.27 ? 146 VAL A CB  1 
ATOM   1207 C CG1 . VAL A 1 146 ? -2.303  2.004   -13.065 1.00 15.61 ? 146 VAL A CG1 1 
ATOM   1208 C CG2 . VAL A 1 146 ? -2.219  -0.193  -11.894 1.00 15.91 ? 146 VAL A CG2 1 
ATOM   1209 N N   . ARG A 1 147 ? -4.229  3.711   -10.575 1.00 12.76 ? 147 ARG A N   1 
ATOM   1210 C CA  . ARG A 1 147 ? -4.604  5.114   -10.654 1.00 12.10 ? 147 ARG A CA  1 
ATOM   1211 C C   . ARG A 1 147 ? -4.103  5.919   -9.500  1.00 12.46 ? 147 ARG A C   1 
ATOM   1212 O O   . ARG A 1 147 ? -3.574  7.028   -9.677  1.00 13.92 ? 147 ARG A O   1 
ATOM   1213 C CB  . ARG A 1 147 ? -6.116  5.276   -10.770 1.00 12.36 ? 147 ARG A CB  1 
ATOM   1214 C CG  . ARG A 1 147 ? -6.780  4.603   -12.000 1.00 13.02 ? 147 ARG A CG  1 
ATOM   1215 C CD  . ARG A 1 147 ? -8.191  5.132   -12.272 1.00 14.72 ? 147 ARG A CD  1 
ATOM   1216 N NE  . ARG A 1 147 ? -9.097  4.976   -11.155 1.00 15.19 ? 147 ARG A NE  1 
ATOM   1217 C CZ  . ARG A 1 147 ? -9.753  3.847   -10.839 1.00 15.34 ? 147 ARG A CZ  1 
ATOM   1218 N NH1 . ARG A 1 147 ? -9.670  2.747   -11.639 1.00 18.28 ? 147 ARG A NH1 1 
ATOM   1219 N NH2 . ARG A 1 147 ? -10.525 3.834   -9.772  1.00 17.19 ? 147 ARG A NH2 1 
ATOM   1220 N N   . CYS A 1 148 ? -4.230  5.358   -8.287  1.00 11.51 ? 148 CYS A N   1 
ATOM   1221 C CA  . CYS A 1 148 ? -3.953  6.100   -7.076  1.00 11.77 ? 148 CYS A CA  1 
ATOM   1222 C C   . CYS A 1 148 ? -2.428  6.249   -6.958  1.00 11.32 ? 148 CYS A C   1 
ATOM   1223 O O   . CYS A 1 148 ? -1.909  7.317   -6.604  1.00 12.39 ? 148 CYS A O   1 
ATOM   1224 C CB  . CYS A 1 148 ? -4.455  5.297   -5.900  1.00 11.09 ? 148 CYS A CB  1 
ATOM   1225 S SG  . CYS A 1 148 ? -6.228  5.255   -5.730  1.00 13.87 ? 148 CYS A SG  1 
ATOM   1226 N N   . CYS A 1 149 ? -1.716  5.189   -7.242  1.00 13.17 ? 149 CYS A N   1 
ATOM   1227 C CA  . CYS A 1 149 ? -0.254  5.180   -7.131  1.00 13.17 ? 149 CYS A CA  1 
ATOM   1228 C C   . CYS A 1 149 ? 0.379   6.187   -8.088  1.00 13.92 ? 149 CYS A C   1 
ATOM   1229 O O   . CYS A 1 149 ? 1.324   6.839   -7.738  1.00 14.09 ? 149 CYS A O   1 
ATOM   1230 C CB  . CYS A 1 149 ? 0.319   3.798   -7.344  1.00 14.52 ? 149 CYS A CB  1 
ATOM   1231 S SG  . CYS A 1 149 ? 0.124   2.711   -5.913  1.00 16.18 ? 149 CYS A SG  1 
ATOM   1232 N N   . ARG A 1 150 ? -0.159  6.244   -9.304  1.00 13.01 ? 150 ARG A N   1 
ATOM   1233 C CA  . ARG A 1 150 ? 0.313   7.175   -10.301 1.00 14.00 ? 150 ARG A CA  1 
ATOM   1234 C C   . ARG A 1 150 ? 0.117   8.588   -9.841  1.00 14.39 ? 150 ARG A C   1 
ATOM   1235 O O   . ARG A 1 150 ? 1.019   9.392   -9.950  1.00 15.44 ? 150 ARG A O   1 
ATOM   1236 C CB  . ARG A 1 150 ? -0.376  6.965   -11.641 1.00 14.75 ? 150 ARG A CB  1 
ATOM   1237 C CG  . ARG A 1 150 ? 0.188   5.831   -12.454 1.00 17.18 ? 150 ARG A CG  1 
ATOM   1238 C CD  . ARG A 1 150 ? -0.535  5.671   -13.742 1.00 21.48 ? 150 ARG A CD  1 
ATOM   1239 N NE  . ARG A 1 150 ? -0.228  4.428   -14.417 1.00 25.76 ? 150 ARG A NE  1 
ATOM   1240 C CZ  . ARG A 1 150 ? -0.877  4.039   -15.524 1.00 31.68 ? 150 ARG A CZ  1 
ATOM   1241 N NH1 . ARG A 1 150 ? -1.853  4.780   -16.027 1.00 34.10 ? 150 ARG A NH1 1 
ATOM   1242 N NH2 . ARG A 1 150 ? -0.559  2.913   -16.127 1.00 32.64 ? 150 ARG A NH2 1 
ATOM   1243 N N   . ALA A 1 151 ? -1.070  8.914   -9.375  1.00 13.52 ? 151 ALA A N   1 
ATOM   1244 C CA  . ALA A 1 151 ? -1.330  10.266  -8.883  1.00 13.68 ? 151 ALA A CA  1 
ATOM   1245 C C   . ALA A 1 151 ? -0.512  10.644  -7.653  1.00 14.68 ? 151 ALA A C   1 
ATOM   1246 O O   . ALA A 1 151 ? -0.086  11.775  -7.508  1.00 14.96 ? 151 ALA A O   1 
ATOM   1247 C CB  . ALA A 1 151 ? -2.796  10.448  -8.648  1.00 14.32 ? 151 ALA A CB  1 
ATOM   1248 N N   . PHE A 1 152 ? -0.326  9.696   -6.739  1.00 13.85 ? 152 PHE A N   1 
ATOM   1249 C CA  . PHE A 1 152 ? 0.423   9.945   -5.523  1.00 14.51 ? 152 PHE A CA  1 
ATOM   1250 C C   . PHE A 1 152 ? 1.881   10.324  -5.887  1.00 14.13 ? 152 PHE A C   1 
ATOM   1251 O O   . PHE A 1 152 ? 2.457   11.242  -5.325  1.00 14.81 ? 152 PHE A O   1 
ATOM   1252 C CB  . PHE A 1 152 ? 0.386   8.686   -4.627  1.00 13.60 ? 152 PHE A CB  1 
ATOM   1253 C CG  . PHE A 1 152 ? 1.404   8.693   -3.497  1.00 12.48 ? 152 PHE A CG  1 
ATOM   1254 C CD1 . PHE A 1 152 ? 1.318   9.611   -2.466  1.00 15.67 ? 152 PHE A CD1 1 
ATOM   1255 C CD2 . PHE A 1 152 ? 2.445   7.759   -3.491  1.00 14.49 ? 152 PHE A CD2 1 
ATOM   1256 C CE1 . PHE A 1 152 ? 2.264   9.597   -1.424  1.00 16.47 ? 152 PHE A CE1 1 
ATOM   1257 C CE2 . PHE A 1 152 ? 3.397   7.750   -2.509  1.00 17.70 ? 152 PHE A CE2 1 
ATOM   1258 C CZ  . PHE A 1 152 ? 3.291   8.699   -1.447  1.00 18.40 ? 152 PHE A CZ  1 
ATOM   1259 N N   . LEU A 1 153 ? 2.420   9.632   -6.877  1.00 14.27 ? 153 LEU A N   1 
ATOM   1260 C CA  . LEU A 1 153 ? 3.823   9.769   -7.250  1.00 16.48 ? 153 LEU A CA  1 
ATOM   1261 C C   . LEU A 1 153 ? 3.988   11.215  -7.741  1.00 17.30 ? 153 LEU A C   1 
ATOM   1262 O O   . LEU A 1 153 ? 4.947   11.898  -7.398  1.00 18.84 ? 153 LEU A O   1 
ATOM   1263 C CB  . LEU A 1 153 ? 4.235   8.791   -8.306  1.00 16.62 ? 153 LEU A CB  1 
ATOM   1264 C CG  . LEU A 1 153 ? 5.678   8.930   -8.765  1.00 19.89 ? 153 LEU A CG  1 
ATOM   1265 C CD1 . LEU A 1 153 ? 6.600   8.684   -7.587  1.00 20.62 ? 153 LEU A CD1 1 
ATOM   1266 C CD2 . LEU A 1 153 ? 5.888   7.969   -9.871  1.00 21.76 ? 153 LEU A CD2 1 
ATOM   1267 N N   . GLU A 1 154 ? 3.009   11.693  -8.477  1.00 16.93 ? 154 GLU A N   1 
ATOM   1268 C CA  . GLU A 1 154 ? 3.163   13.028  -9.081  1.00 19.09 ? 154 GLU A CA  1 
ATOM   1269 C C   . GLU A 1 154 ? 2.884   14.148  -8.083  1.00 21.71 ? 154 GLU A C   1 
ATOM   1270 O O   . GLU A 1 154 ? 3.158   15.311  -8.373  1.00 24.33 ? 154 GLU A O   1 
ATOM   1271 C CB  . GLU A 1 154 ? 2.270   13.141  -10.320 1.00 18.43 ? 154 GLU A CB  1 
ATOM   1272 C CG  . GLU A 1 154 ? 2.527   12.173  -11.457 1.00 18.75 ? 154 GLU A CG  1 
ATOM   1273 C CD  . GLU A 1 154 ? 3.963   12.027  -11.914 1.00 19.70 ? 154 GLU A CD  1 
ATOM   1274 O OE1 . GLU A 1 154 ? 4.828   12.896  -11.682 1.00 24.53 ? 154 GLU A OE1 1 
ATOM   1275 O OE2 . GLU A 1 154 ? 4.274   10.974  -12.477 1.00 22.93 ? 154 GLU A OE2 1 
ATOM   1276 N N   . LYS A 1 155 ? 2.304   13.838  -6.930  1.00 24.57 ? 155 LYS A N   1 
ATOM   1277 C CA  . LYS A 1 155 ? 1.982   14.844  -5.912  1.00 27.60 ? 155 LYS A CA  1 
ATOM   1278 C C   . LYS A 1 155 ? 2.961   14.840  -4.738  1.00 31.64 ? 155 LYS A C   1 
ATOM   1279 O O   . LYS A 1 155 ? 3.107   15.848  -4.043  1.00 33.41 ? 155 LYS A O   1 
ATOM   1280 C CB  . LYS A 1 155 ? 0.552   14.601  -5.380  1.00 28.02 ? 155 LYS A CB  1 
ATOM   1281 C CG  . LYS A 1 155 ? -0.508  15.379  -6.161  1.00 31.30 ? 155 LYS A CG  1 
ATOM   1282 C CD  . LYS A 1 155 ? -1.923  14.915  -5.853  1.00 34.12 ? 155 LYS A CD  1 
ATOM   1283 C CE  . LYS A 1 155 ? -2.956  15.771  -6.609  1.00 34.70 ? 155 LYS A CE  1 
ATOM   1284 N NZ  . LYS A 1 155 ? -3.966  16.386  -5.686  1.00 37.90 ? 155 LYS A NZ  1 
ATOM   1285 N N   . ALA A 1 156 ? 3.630   13.722  -4.505  1.00 34.81 ? 156 ALA A N   1 
ATOM   1286 C CA  . ALA A 1 156 ? 4.400   13.545  -3.277  1.00 38.07 ? 156 ALA A CA  1 
ATOM   1287 C C   . ALA A 1 156 ? 5.768   14.133  -3.457  1.00 41.03 ? 156 ALA A C   1 
ATOM   1288 O O   . ALA A 1 156 ? 6.473   13.759  -4.370  1.00 42.22 ? 156 ALA A O   1 
ATOM   1289 C CB  . ALA A 1 156 ? 4.523   12.099  -2.936  1.00 37.41 ? 156 ALA A CB  1 
ATOM   1290 N N   . HIS A 1 157 ? 6.134   15.059  -2.579  1.00 45.32 ? 157 HIS A N   1 
ATOM   1291 C CA  . HIS A 1 157 ? 7.526   15.482  -2.464  1.00 48.06 ? 157 HIS A CA  1 
ATOM   1292 C C   . HIS A 1 157 ? 7.839   15.736  -0.995  1.00 48.96 ? 157 HIS A C   1 
ATOM   1293 O O   . HIS A 1 157 ? 7.184   16.556  -0.364  1.00 50.65 ? 157 HIS A O   1 
ATOM   1294 C CB  . HIS A 1 157 ? 7.814   16.720  -3.347  1.00 49.26 ? 157 HIS A CB  1 
ATOM   1295 C CG  . HIS A 1 157 ? 6.665   17.681  -3.462  1.00 51.41 ? 157 HIS A CG  1 
ATOM   1296 N ND1 . HIS A 1 157 ? 5.472   17.362  -4.076  1.00 54.82 ? 157 HIS A ND1 1 
ATOM   1297 C CD2 . HIS A 1 157 ? 6.538   18.961  -3.040  1.00 53.86 ? 157 HIS A CD2 1 
ATOM   1298 C CE1 . HIS A 1 157 ? 4.655   18.401  -4.016  1.00 54.59 ? 157 HIS A CE1 1 
ATOM   1299 N NE2 . HIS A 1 157 ? 5.279   19.383  -3.394  1.00 54.15 ? 157 HIS A NE2 1 
ATOM   1300 O OXT . HIS A 1 157 ? 8.721   15.117  -0.390  1.00 49.44 ? 157 HIS A OXT 1 
HETATM 1301 S S   . SO4 B 2 .   ? -6.331  -7.677  2.700   1.00 17.80 ? 201 SO4 A S   1 
HETATM 1302 O O1  . SO4 B 2 .   ? -7.245  -8.833  2.462   1.00 20.30 ? 201 SO4 A O1  1 
HETATM 1303 O O2  . SO4 B 2 .   ? -6.495  -6.815  1.538   1.00 14.93 ? 201 SO4 A O2  1 
HETATM 1304 O O3  . SO4 B 2 .   ? -6.735  -6.871  3.944   1.00 16.40 ? 201 SO4 A O3  1 
HETATM 1305 O O4  . SO4 B 2 .   ? -5.015  -8.294  2.902   1.00 14.18 ? 201 SO4 A O4  1 
HETATM 1306 C C1  . GOL C 3 .   ? 0.707   0.284   -14.747 1.00 34.01 ? 202 GOL A C1  1 
HETATM 1307 O O1  . GOL C 3 .   ? 1.017   1.300   -15.640 1.00 40.48 ? 202 GOL A O1  1 
HETATM 1308 C C2  . GOL C 3 .   ? 1.901   0.065   -13.844 1.00 35.42 ? 202 GOL A C2  1 
HETATM 1309 O O2  . GOL C 3 .   ? 1.661   -1.163  -13.196 1.00 35.89 ? 202 GOL A O2  1 
HETATM 1310 C C3  . GOL C 3 .   ? 2.051   1.192   -12.834 1.00 35.02 ? 202 GOL A C3  1 
HETATM 1311 O O3  . GOL C 3 .   ? 2.185   2.427   -13.527 1.00 30.60 ? 202 GOL A O3  1 
HETATM 1312 O O   . HOH D 4 .   ? 4.856   -8.717  12.065  1.00 16.76 ? 203 HOH A O   1 
HETATM 1313 O O   . HOH D 4 .   ? -8.366  4.002   -0.259  1.00 13.85 ? 204 HOH A O   1 
HETATM 1314 O O   . HOH D 4 .   ? -3.654  8.404   -11.986 1.00 18.58 ? 205 HOH A O   1 
HETATM 1315 O O   . HOH D 4 .   ? 4.210   -6.543  -2.653  1.00 17.66 ? 206 HOH A O   1 
HETATM 1316 O O   . HOH D 4 .   ? 1.926   -10.887 1.929   1.00 15.24 ? 207 HOH A O   1 
HETATM 1317 O O   . HOH D 4 .   ? -7.228  10.403  3.462   1.00 20.80 ? 208 HOH A O   1 
HETATM 1318 O O   . HOH D 4 .   ? 8.317   -6.075  4.656   1.00 18.25 ? 209 HOH A O   1 
HETATM 1319 O O   . HOH D 4 .   ? -12.874 -1.325  -4.403  1.00 17.39 ? 210 HOH A O   1 
HETATM 1320 O O   . HOH D 4 .   ? -14.218 -9.530  0.791   1.00 22.54 ? 211 HOH A O   1 
HETATM 1321 O O   . HOH D 4 .   ? -9.494  -4.131  -15.734 1.00 29.05 ? 212 HOH A O   1 
HETATM 1322 O O   . HOH D 4 .   ? -10.389 10.331  -4.563  1.00 21.85 ? 213 HOH A O   1 
HETATM 1323 O O   . HOH D 4 .   ? -6.521  -13.147 -9.530  1.00 24.19 ? 214 HOH A O   1 
HETATM 1324 O O   . HOH D 4 .   ? -13.312 -2.850  2.628   1.00 20.89 ? 215 HOH A O   1 
HETATM 1325 O O   . HOH D 4 .   ? -4.509  -8.658  15.117  1.00 29.68 ? 216 HOH A O   1 
HETATM 1326 O O   . HOH D 4 .   ? -10.773 0.001   -10.665 1.00 20.02 ? 217 HOH A O   1 
HETATM 1327 O O   . HOH D 4 .   ? -10.198 -3.846  5.692   1.00 20.61 ? 218 HOH A O   1 
HETATM 1328 O O   . HOH D 4 .   ? 6.908   -11.034 8.458   1.00 25.28 ? 219 HOH A O   1 
HETATM 1329 O O   . HOH D 4 .   ? -12.841 -5.776  -3.720  1.00 23.35 ? 220 HOH A O   1 
HETATM 1330 O O   . HOH D 4 .   ? 4.237   3.073   -15.642 1.00 33.91 ? 221 HOH A O   1 
HETATM 1331 O O   . HOH D 4 .   ? -3.384  -0.271  -16.003 1.00 30.18 ? 222 HOH A O   1 
HETATM 1332 O O   . HOH D 4 .   ? 6.331   -13.632 -1.040  1.00 26.85 ? 223 HOH A O   1 
HETATM 1333 O O   . HOH D 4 .   ? -14.305 9.997   -15.381 1.00 21.47 ? 224 HOH A O   1 
HETATM 1334 O O   . HOH D 4 .   ? 7.038   -10.188 11.208  1.00 22.26 ? 225 HOH A O   1 
HETATM 1335 O O   . HOH D 4 .   ? -8.753  -2.075  9.600   1.00 16.80 ? 226 HOH A O   1 
HETATM 1336 O O   . HOH D 4 .   ? -6.728  -12.983 6.373   1.00 22.42 ? 227 HOH A O   1 
HETATM 1337 O O   . HOH D 4 .   ? -11.257 -3.609  -13.489 1.00 26.50 ? 228 HOH A O   1 
HETATM 1338 O O   . HOH D 4 .   ? -3.515  13.009  6.940   1.00 28.86 ? 229 HOH A O   1 
HETATM 1339 O O   . HOH D 4 .   ? -11.597 -1.266  -12.873 1.00 30.48 ? 230 HOH A O   1 
HETATM 1340 O O   . HOH D 4 .   ? -9.262  4.277   -6.039  1.00 19.98 ? 231 HOH A O   1 
HETATM 1341 O O   . HOH D 4 .   ? -9.733  14.212  -10.452 1.00 30.84 ? 232 HOH A O   1 
HETATM 1342 O O   . HOH D 4 .   ? -5.581  10.470  9.032   1.00 30.01 ? 233 HOH A O   1 
HETATM 1343 O O   . HOH D 4 .   ? -14.652 3.697   -3.593  1.00 30.56 ? 234 HOH A O   1 
HETATM 1344 O O   . HOH D 4 .   ? -15.326 1.409   -3.717  1.00 27.77 ? 235 HOH A O   1 
HETATM 1345 O O   . HOH D 4 .   ? -9.815  2.464   15.872  1.00 30.59 ? 236 HOH A O   1 
HETATM 1346 O O   . HOH D 4 .   ? -1.658  -10.114 8.939   1.00 21.96 ? 237 HOH A O   1 
HETATM 1347 O O   . HOH D 4 .   ? 9.766   10.917  -6.565  1.00 30.60 ? 238 HOH A O   1 
HETATM 1348 O O   . HOH D 4 .   ? -5.360  12.899  -7.744  1.00 35.86 ? 239 HOH A O   1 
HETATM 1349 O O   . HOH D 4 .   ? -8.556  2.394   -14.261 1.00 22.83 ? 240 HOH A O   1 
HETATM 1350 O O   . HOH D 4 .   ? -0.805  11.247  10.311  1.00 26.15 ? 241 HOH A O   1 
HETATM 1351 O O   . HOH D 4 .   ? 7.589   -6.350  -10.627 1.00 23.46 ? 242 HOH A O   1 
HETATM 1352 O O   . HOH D 4 .   ? -7.318  -10.789 -11.056 1.00 25.74 ? 243 HOH A O   1 
HETATM 1353 O O   . HOH D 4 .   ? -16.265 5.182   -2.464  1.00 43.51 ? 244 HOH A O   1 
HETATM 1354 O O   . HOH D 4 .   ? 2.753   8.798   -12.144 1.00 22.78 ? 245 HOH A O   1 
HETATM 1355 O O   . HOH D 4 .   ? -7.062  -17.592 -0.819  1.00 29.97 ? 246 HOH A O   1 
HETATM 1356 O O   . HOH D 4 .   ? 4.130   -4.193  -15.548 1.00 28.81 ? 247 HOH A O   1 
HETATM 1357 O O   . HOH D 4 .   ? -14.982 -2.289  6.477   1.00 28.86 ? 248 HOH A O   1 
HETATM 1358 O O   . HOH D 4 .   ? -12.683 -6.256  -12.579 1.00 28.36 ? 249 HOH A O   1 
HETATM 1359 O O   . HOH D 4 .   ? 7.700   12.227  -11.616 1.00 39.25 ? 250 HOH A O   1 
HETATM 1360 O O   . HOH D 4 .   ? 8.035   -5.793  1.054   1.00 26.92 ? 251 HOH A O   1 
HETATM 1361 O O   . HOH D 4 .   ? 6.304   -5.920  11.665  1.00 28.39 ? 252 HOH A O   1 
HETATM 1362 O O   . HOH D 4 .   ? 6.888   5.862   16.694  1.00 22.22 ? 253 HOH A O   1 
HETATM 1363 O O   . HOH D 4 .   ? 5.919   14.499  9.372   1.00 25.65 ? 254 HOH A O   1 
HETATM 1364 O O   . HOH D 4 .   ? 10.907  -2.384  2.350   1.00 24.70 ? 255 HOH A O   1 
HETATM 1365 O O   . HOH D 4 .   ? -17.481 5.002   2.148   1.00 27.47 ? 256 HOH A O   1 
HETATM 1366 O O   . HOH D 4 .   ? 15.016  3.106   -11.016 1.00 29.22 ? 257 HOH A O   1 
HETATM 1367 O O   . HOH D 4 .   ? -0.862  -17.335 -8.198  1.00 32.04 ? 258 HOH A O   1 
HETATM 1368 O O   . HOH D 4 .   ? -6.043  -9.838  -13.335 1.00 26.82 ? 259 HOH A O   1 
HETATM 1369 O O   . HOH D 4 .   ? 8.059   13.211  6.166   1.00 28.81 ? 260 HOH A O   1 
HETATM 1370 O O   . HOH D 4 .   ? 12.371  1.196   -4.479  1.00 26.02 ? 261 HOH A O   1 
HETATM 1371 O O   . HOH D 4 .   ? -1.220  13.722  -9.278  1.00 34.19 ? 262 HOH A O   1 
HETATM 1372 O O   . HOH D 4 .   ? 9.792   -2.536  15.458  1.00 31.35 ? 263 HOH A O   1 
HETATM 1373 O O   . HOH D 4 .   ? -14.511 5.913   10.737  1.00 41.57 ? 264 HOH A O   1 
HETATM 1374 O O   . HOH D 4 .   ? -14.589 1.280   -7.616  1.00 32.41 ? 265 HOH A O   1 
HETATM 1375 O O   . HOH D 4 .   ? 1.467   -16.920 -2.401  1.00 29.22 ? 266 HOH A O   1 
HETATM 1376 O O   . HOH D 4 .   ? -16.963 1.188   -1.739  1.00 26.52 ? 267 HOH A O   1 
HETATM 1377 O O   . HOH D 4 .   ? -15.580 -5.891  0.392   1.00 32.33 ? 268 HOH A O   1 
HETATM 1378 O O   . HOH D 4 .   ? -17.509 3.904   -0.737  1.00 31.47 ? 269 HOH A O   1 
HETATM 1379 O O   . HOH D 4 .   ? 5.329   -2.031  17.919  1.00 36.94 ? 270 HOH A O   1 
HETATM 1380 O O   . HOH D 4 .   ? -15.080 -4.959  -7.313  1.00 33.24 ? 271 HOH A O   1 
HETATM 1381 O O   . HOH D 4 .   ? -13.825 17.697  -9.150  1.00 37.37 ? 272 HOH A O   1 
HETATM 1382 O O   . HOH D 4 .   ? -11.792 -16.515 0.434   1.00 36.05 ? 273 HOH A O   1 
HETATM 1383 O O   . HOH D 4 .   ? 7.023   -4.248  -8.833  1.00 18.41 ? 274 HOH A O   1 
HETATM 1384 O O   . HOH D 4 .   ? 5.193   -12.803 -7.587  1.00 24.24 ? 275 HOH A O   1 
HETATM 1385 O O   . HOH D 4 .   ? 3.060   -11.893 -9.009  1.00 25.49 ? 276 HOH A O   1 
HETATM 1386 O O   . HOH D 4 .   ? 7.506   -5.874  -6.643  1.00 24.35 ? 277 HOH A O   1 
HETATM 1387 O O   . HOH D 4 .   ? -12.652 1.736   -9.533  1.00 27.48 ? 278 HOH A O   1 
HETATM 1388 O O   . HOH D 4 .   ? 6.806   -5.450  -4.030  1.00 22.89 ? 279 HOH A O   1 
HETATM 1389 O O   . HOH D 4 .   ? 9.497   -3.244  -9.908  1.00 29.89 ? 280 HOH A O   1 
HETATM 1390 O O   . HOH D 4 .   ? 4.366   -12.172 -15.378 1.00 39.43 ? 281 HOH A O   1 
HETATM 1391 O O   . HOH D 4 .   ? 5.152   -13.943 -3.385  1.00 32.47 ? 282 HOH A O   1 
HETATM 1392 O O   . HOH D 4 .   ? 4.852   -1.282  -16.438 1.00 32.20 ? 283 HOH A O   1 
HETATM 1393 O O   . HOH D 4 .   ? 0.440   -19.003 2.187   1.00 37.65 ? 284 HOH A O   1 
HETATM 1394 O O   . HOH D 4 .   ? 3.242   -18.188 2.412   1.00 38.76 ? 285 HOH A O   1 
HETATM 1395 O O   . HOH D 4 .   ? 7.220   -7.852  -16.838 1.00 36.69 ? 286 HOH A O   1 
HETATM 1396 O O   . HOH D 4 .   ? -8.084  -13.270 14.506  1.00 36.44 ? 287 HOH A O   1 
HETATM 1397 O O   . HOH D 4 .   ? 2.480   13.660  14.937  1.00 35.61 ? 288 HOH A O   1 
HETATM 1398 O O   . HOH D 4 .   ? -8.542  14.722  -13.113 1.00 37.78 ? 289 HOH A O   1 
HETATM 1399 O O   . HOH D 4 .   ? -6.009  1.723   -13.714 1.00 21.95 ? 290 HOH A O   1 
HETATM 1400 O O   . HOH D 4 .   ? -4.997  3.449   -15.247 1.00 35.32 ? 291 HOH A O   1 
HETATM 1401 O O   . HOH D 4 .   ? 14.903  14.823  -11.310 1.00 31.85 ? 292 HOH A O   1 
HETATM 1402 O O   . HOH D 4 .   ? -8.598  13.699  -2.122  1.00 37.68 ? 293 HOH A O   1 
HETATM 1403 O O   . HOH D 4 .   ? 8.514   12.834  -9.357  1.00 41.98 ? 294 HOH A O   1 
HETATM 1404 O O   . HOH D 4 .   ? -0.653  -14.750 -15.288 1.00 39.17 ? 295 HOH A O   1 
HETATM 1405 O O   . HOH D 4 .   ? -6.055  -15.400 6.190   1.00 35.27 ? 296 HOH A O   1 
HETATM 1406 O O   . HOH D 4 .   ? 13.679  12.478  -11.677 1.00 32.15 ? 297 HOH A O   1 
HETATM 1407 O O   . HOH D 4 .   ? -11.946 -16.452 -5.427  1.00 40.22 ? 298 HOH A O   1 
HETATM 1408 O O   . HOH D 4 .   ? -8.000  10.725  9.211   1.00 41.01 ? 299 HOH A O   1 
HETATM 1409 O O   . HOH D 4 .   ? -13.695 6.619   -14.580 1.00 40.55 ? 300 HOH A O   1 
HETATM 1410 O O   . HOH D 4 .   ? -12.215 -7.804  -14.847 1.00 36.64 ? 301 HOH A O   1 
HETATM 1411 O O   . HOH D 4 .   ? -13.727 -13.521 -11.713 1.00 34.88 ? 302 HOH A O   1 
HETATM 1412 O O   . HOH D 4 .   ? -4.698  -19.395 0.118   1.00 35.10 ? 303 HOH A O   1 
HETATM 1413 O O   . HOH D 4 .   ? 22.674  14.486  -9.874  1.00 34.87 ? 304 HOH A O   1 
HETATM 1414 O O   . HOH D 4 .   ? -17.392 -10.597 -5.978  1.00 38.48 ? 305 HOH A O   1 
HETATM 1415 O O   . HOH D 4 .   ? 8.016   -3.506  -18.443 1.00 38.10 ? 306 HOH A O   1 
HETATM 1416 O O   . HOH D 4 .   ? -1.633  -15.877 1.801   1.00 39.95 ? 307 HOH A O   1 
HETATM 1417 O O   . HOH D 4 .   ? 5.229   12.780  6.670   1.00 28.43 ? 308 HOH A O   1 
HETATM 1418 O O   . HOH D 4 .   ? 17.243  11.139  -8.708  1.00 44.49 ? 309 HOH A O   1 
HETATM 1419 O O   . HOH D 4 .   ? 16.257  11.351  -11.049 1.00 38.06 ? 310 HOH A O   1 
HETATM 1420 O O   . HOH D 4 .   ? -5.963  12.231  2.392   1.00 45.96 ? 311 HOH A O   1 
HETATM 1421 O O   . HOH D 4 .   ? -18.651 -12.900 -1.069  1.00 42.40 ? 312 HOH A O   1 
HETATM 1422 O O   . HOH D 4 .   ? 0.592   -17.100 -10.958 1.00 37.86 ? 313 HOH A O   1 
HETATM 1423 O O   . HOH D 4 .   ? -4.188  12.762  20.475  1.00 35.58 ? 314 HOH A O   1 
HETATM 1424 O O   . HOH D 4 .   ? 9.404   -1.871  12.602  1.00 30.56 ? 315 HOH A O   1 
HETATM 1425 O O   . HOH D 4 .   ? 17.338  7.631   -8.954  1.00 45.59 ? 316 HOH A O   1 
HETATM 1426 O O   . HOH D 4 .   ? -2.956  10.101  12.990  1.00 39.57 ? 317 HOH A O   1 
HETATM 1427 O O   . HOH D 4 .   ? 14.298  2.359   10.291  1.00 45.45 ? 318 HOH A O   1 
HETATM 1428 O O   . HOH D 4 .   ? -1.032  -1.553  -15.279 1.00 27.82 ? 319 HOH A O   1 
HETATM 1429 O O   . HOH D 4 .   ? 8.583   -8.625  3.035   1.00 25.87 ? 320 HOH A O   1 
HETATM 1430 O O   . HOH D 4 .   ? 5.054   -4.911  -17.789 1.00 33.24 ? 321 HOH A O   1 
HETATM 1431 O O   . HOH D 4 .   ? 2.618   -1.970  -15.180 1.00 37.04 ? 322 HOH A O   1 
HETATM 1432 O O   . HOH D 4 .   ? 20.330  15.167  -14.045 1.00 37.20 ? 323 HOH A O   1 
HETATM 1433 O O   . HOH D 4 .   ? 5.153   -7.370  -18.843 1.00 37.40 ? 324 HOH A O   1 
HETATM 1434 O O   . HOH D 4 .   ? 2.547   -7.830  -18.455 1.00 37.68 ? 325 HOH A O   1 
HETATM 1435 O O   . HOH D 4 .   ? -15.469 -6.445  -3.028  1.00 41.80 ? 326 HOH A O   1 
HETATM 1436 O O   . HOH D 4 .   ? -14.742 -1.757  -10.982 1.00 35.28 ? 327 HOH A O   1 
HETATM 1437 O O   . HOH D 4 .   ? 10.533  -13.414 -0.198  1.00 37.49 ? 328 HOH A O   1 
HETATM 1438 O O   . HOH D 4 .   ? -7.662  8.741   -14.113 1.00 41.93 ? 329 HOH A O   1 
HETATM 1439 O O   . HOH D 4 .   ? -16.781 -9.732  -0.883  1.00 44.61 ? 330 HOH A O   1 
HETATM 1440 O O   . HOH D 4 .   ? 11.165  10.187  12.886  1.00 36.28 ? 331 HOH A O   1 
HETATM 1441 O O   . HOH D 4 .   ? -3.927  -4.594  15.504  1.00 41.47 ? 332 HOH A O   1 
HETATM 1442 O O   . HOH D 4 .   ? -17.009 0.624   3.190   1.00 41.67 ? 333 HOH A O   1 
HETATM 1443 O O   . HOH D 4 .   ? -16.362 -8.859  -3.036  1.00 47.50 ? 334 HOH A O   1 
HETATM 1444 O O   . HOH D 4 .   ? -12.076 -16.046 -10.053 1.00 42.44 ? 335 HOH A O   1 
HETATM 1445 O O   . HOH D 4 .   ? 7.507   -12.690 12.158  1.00 43.90 ? 336 HOH A O   1 
HETATM 1446 O O   . HOH D 4 .   ? 9.718   12.621  13.261  1.00 40.67 ? 337 HOH A O   1 
HETATM 1447 O O   . HOH D 4 .   ? 15.354  2.284   -2.219  1.00 38.48 ? 338 HOH A O   1 
HETATM 1448 O O   . HOH D 4 .   ? 17.803  16.489  -4.417  1.00 45.63 ? 339 HOH A O   1 
HETATM 1449 O O   . HOH D 4 .   ? -13.226 -3.804  -5.541  1.00 42.56 ? 340 HOH A O   1 
HETATM 1450 O O   . HOH D 4 .   ? -11.233 16.672  -9.617  1.00 44.87 ? 341 HOH A O   1 
# 
loop_
_pdbx_poly_seq_scheme.asym_id 
_pdbx_poly_seq_scheme.entity_id 
_pdbx_poly_seq_scheme.seq_id 
_pdbx_poly_seq_scheme.mon_id 
_pdbx_poly_seq_scheme.ndb_seq_num 
_pdbx_poly_seq_scheme.pdb_seq_num 
_pdbx_poly_seq_scheme.auth_seq_num 
_pdbx_poly_seq_scheme.pdb_mon_id 
_pdbx_poly_seq_scheme.auth_mon_id 
_pdbx_poly_seq_scheme.pdb_strand_id 
_pdbx_poly_seq_scheme.pdb_ins_code 
_pdbx_poly_seq_scheme.hetero 
A 1 1   ALA 1   1   1   ALA ALA A . n 
A 1 2   GLU 2   2   2   GLU GLU A . n 
A 1 3   GLN 3   3   3   GLN GLN A . n 
A 1 4   ALA 4   4   4   ALA ALA A . n 
A 1 5   THR 5   5   5   THR THR A . n 
A 1 6   LYS 6   6   6   LYS LYS A . n 
A 1 7   SER 7   7   7   SER SER A . n 
A 1 8   VAL 8   8   8   VAL VAL A . n 
A 1 9   LEU 9   9   9   LEU LEU A . n 
A 1 10  PHE 10  10  10  PHE PHE A . n 
A 1 11  VAL 11  11  11  VAL VAL A . n 
A 1 12  CYS 12  12  12  CYS CYS A . n 
A 1 13  LEU 13  13  13  LEU LEU A . n 
A 1 14  GLY 14  14  14  GLY GLY A . n 
A 1 15  ASN 15  15  15  ASN ASN A . n 
A 1 16  ILE 16  16  16  ILE ILE A . n 
A 1 17  CYS 17  17  17  CYS CYS A . n 
A 1 18  ARG 18  18  18  ARG ARG A . n 
A 1 19  SER 19  19  19  SER SER A . n 
A 1 20  PRO 20  20  20  PRO PRO A . n 
A 1 21  ILE 21  21  21  ILE ILE A . n 
A 1 22  ALA 22  22  22  ALA ALA A . n 
A 1 23  GLU 23  23  23  GLU GLU A . n 
A 1 24  ALA 24  24  24  ALA ALA A . n 
A 1 25  VAL 25  25  25  VAL VAL A . n 
A 1 26  PHE 26  26  26  PHE PHE A . n 
A 1 27  ARG 27  27  27  ARG ARG A . n 
A 1 28  LYS 28  28  28  LYS LYS A . n 
A 1 29  LEU 29  29  29  LEU LEU A . n 
A 1 30  VAL 30  30  30  VAL VAL A . n 
A 1 31  THR 31  31  31  THR THR A . n 
A 1 32  ASP 32  32  32  ASP ASP A . n 
A 1 33  GLN 33  33  33  GLN GLN A . n 
A 1 34  ASN 34  34  34  ASN ASN A . n 
A 1 35  ILE 35  35  35  ILE ILE A . n 
A 1 36  SER 36  36  36  SER SER A . n 
A 1 37  GLU 37  37  37  GLU GLU A . n 
A 1 38  ASN 38  38  38  ASN ASN A . n 
A 1 39  TRP 39  39  39  TRP TRP A . n 
A 1 40  VAL 40  40  40  VAL VAL A . n 
A 1 41  ILE 41  41  41  ILE ILE A . n 
A 1 42  ASP 42  42  42  ASP ASP A . n 
A 1 43  SER 43  43  43  SER SER A . n 
A 1 44  GLY 44  44  44  GLY GLY A . n 
A 1 45  ALA 45  45  45  ALA ALA A . n 
A 1 46  VAL 46  46  46  VAL VAL A . n 
A 1 47  SER 47  47  47  SER SER A . n 
A 1 48  ASP 48  48  48  ASP ASP A . n 
A 1 49  TRP 49  49  49  TRP TRP A . n 
A 1 50  ASN 50  50  50  ASN ASN A . n 
A 1 51  VAL 51  51  51  VAL VAL A . n 
A 1 52  GLY 52  52  52  GLY GLY A . n 
A 1 53  ARG 53  53  53  ARG ARG A . n 
A 1 54  SER 54  54  54  SER SER A . n 
A 1 55  PRO 55  55  55  PRO PRO A . n 
A 1 56  ASP 56  56  56  ASP ASP A . n 
A 1 57  PRO 57  57  57  PRO PRO A . n 
A 1 58  ARG 58  58  58  ARG ARG A . n 
A 1 59  ALA 59  59  59  ALA ALA A . n 
A 1 60  VAL 60  60  60  VAL VAL A . n 
A 1 61  SER 61  61  61  SER SER A . n 
A 1 62  CYS 62  62  62  CYS CYS A . n 
A 1 63  LEU 63  63  63  LEU LEU A . n 
A 1 64  ARG 64  64  64  ARG ARG A . n 
A 1 65  ASN 65  65  65  ASN ASN A . n 
A 1 66  HIS 66  66  66  HIS HIS A . n 
A 1 67  GLY 67  67  67  GLY GLY A . n 
A 1 68  ILE 68  68  68  ILE ILE A . n 
A 1 69  HIS 69  69  69  HIS HIS A . n 
A 1 70  THR 70  70  70  THR THR A . n 
A 1 71  ALA 71  71  71  ALA ALA A . n 
A 1 72  HIS 72  72  72  HIS HIS A . n 
A 1 73  LYS 73  73  73  LYS LYS A . n 
A 1 74  ALA 74  74  74  ALA ALA A . n 
A 1 75  ARG 75  75  75  ARG ARG A . n 
A 1 76  GLN 76  76  76  GLN GLN A . n 
A 1 77  ILE 77  77  77  ILE ILE A . n 
A 1 78  THR 78  78  78  THR THR A . n 
A 1 79  LYS 79  79  79  LYS LYS A . n 
A 1 80  GLU 80  80  80  GLU GLU A . n 
A 1 81  ASP 81  81  81  ASP ASP A . n 
A 1 82  PHE 82  82  82  PHE PHE A . n 
A 1 83  ALA 83  83  83  ALA ALA A . n 
A 1 84  THR 84  84  84  THR THR A . n 
A 1 85  PHE 85  85  85  PHE PHE A . n 
A 1 86  ASP 86  86  86  ASP ASP A . n 
A 1 87  TYR 87  87  87  TYR TYR A . n 
A 1 88  ILE 88  88  88  ILE ILE A . n 
A 1 89  LEU 89  89  89  LEU LEU A . n 
A 1 90  CYS 90  90  90  CYS CYS A . n 
A 1 91  MET 91  91  91  MET MET A . n 
A 1 92  ASP 92  92  92  ASP ASP A . n 
A 1 93  GLU 93  93  93  GLU GLU A . n 
A 1 94  SER 94  94  94  SER SER A . n 
A 1 95  ASN 95  95  95  ASN ASN A . n 
A 1 96  LEU 96  96  96  LEU LEU A . n 
A 1 97  ARG 97  97  97  ARG ARG A . n 
A 1 98  ASP 98  98  98  ASP ASP A . n 
A 1 99  LEU 99  99  99  LEU LEU A . n 
A 1 100 ASN 100 100 100 ASN ASN A . n 
A 1 101 ARG 101 101 101 ARG ARG A . n 
A 1 102 LYS 102 102 102 LYS LYS A . n 
A 1 103 SER 103 103 103 SER SER A . n 
A 1 104 ASN 104 104 104 ASN ASN A . n 
A 1 105 GLN 105 105 105 GLN GLN A . n 
A 1 106 VAL 106 106 106 VAL VAL A . n 
A 1 107 LYS 107 107 107 LYS LYS A . n 
A 1 108 THR 108 108 108 THR THR A . n 
A 1 109 CYS 109 109 109 CYS CYS A . n 
A 1 110 LYS 110 110 110 LYS LYS A . n 
A 1 111 ALA 111 111 111 ALA ALA A . n 
A 1 112 LYS 112 112 112 LYS LYS A . n 
A 1 113 ILE 113 113 113 ILE ILE A . n 
A 1 114 GLU 114 114 114 GLU GLU A . n 
A 1 115 LEU 115 115 115 LEU LEU A . n 
A 1 116 LEU 116 116 116 LEU LEU A . n 
A 1 117 GLY 117 117 117 GLY GLY A . n 
A 1 118 SER 118 118 118 SER SER A . n 
A 1 119 TYR 119 119 119 TYR TYR A . n 
A 1 120 ASP 120 120 120 ASP ASP A . n 
A 1 121 PRO 121 121 121 PRO PRO A . n 
A 1 122 GLN 122 122 122 GLN GLN A . n 
A 1 123 LYS 123 123 123 LYS LYS A . n 
A 1 124 GLN 124 124 124 GLN GLN A . n 
A 1 125 LEU 125 125 125 LEU LEU A . n 
A 1 126 ILE 126 126 126 ILE ILE A . n 
A 1 127 ILE 127 127 127 ILE ILE A . n 
A 1 128 GLU 128 128 128 GLU GLU A . n 
A 1 129 ASP 129 129 129 ASP ASP A . n 
A 1 130 PRO 130 130 130 PRO PRO A . n 
A 1 131 TYR 131 131 131 TYR TYR A . n 
A 1 132 TYR 132 132 132 TYR TYR A . n 
A 1 133 GLY 133 133 133 GLY GLY A . n 
A 1 134 ASN 134 134 134 ASN ASN A . n 
A 1 135 ASP 135 135 135 ASP ASP A . n 
A 1 136 SER 136 136 136 SER SER A . n 
A 1 137 ASP 137 137 137 ASP ASP A . n 
A 1 138 PHE 138 138 138 PHE PHE A . n 
A 1 139 GLU 139 139 139 GLU GLU A . n 
A 1 140 THR 140 140 140 THR THR A . n 
A 1 141 VAL 141 141 141 VAL VAL A . n 
A 1 142 TYR 142 142 142 TYR TYR A . n 
A 1 143 GLN 143 143 143 GLN GLN A . n 
A 1 144 GLN 144 144 144 GLN GLN A . n 
A 1 145 CYS 145 145 145 CYS CYS A . n 
A 1 146 VAL 146 146 146 VAL VAL A . n 
A 1 147 ARG 147 147 147 ARG ARG A . n 
A 1 148 CYS 148 148 148 CYS CYS A . n 
A 1 149 CYS 149 149 149 CYS CYS A . n 
A 1 150 ARG 150 150 150 ARG ARG A . n 
A 1 151 ALA 151 151 151 ALA ALA A . n 
A 1 152 PHE 152 152 152 PHE PHE A . n 
A 1 153 LEU 153 153 153 LEU LEU A . n 
A 1 154 GLU 154 154 154 GLU GLU A . n 
A 1 155 LYS 155 155 155 LYS LYS A . n 
A 1 156 ALA 156 156 156 ALA ALA A . n 
A 1 157 HIS 157 157 157 HIS HIS A . n 
# 
loop_
_pdbx_nonpoly_scheme.asym_id 
_pdbx_nonpoly_scheme.entity_id 
_pdbx_nonpoly_scheme.mon_id 
_pdbx_nonpoly_scheme.ndb_seq_num 
_pdbx_nonpoly_scheme.pdb_seq_num 
_pdbx_nonpoly_scheme.auth_seq_num 
_pdbx_nonpoly_scheme.pdb_mon_id 
_pdbx_nonpoly_scheme.auth_mon_id 
_pdbx_nonpoly_scheme.pdb_strand_id 
_pdbx_nonpoly_scheme.pdb_ins_code 
B 2 SO4 1   201 201 SO4 SO4 A . 
C 3 GOL 1   202 202 GOL GOL A . 
D 4 HOH 1   203 1   HOH HOH A . 
D 4 HOH 2   204 2   HOH HOH A . 
D 4 HOH 3   205 3   HOH HOH A . 
D 4 HOH 4   206 4   HOH HOH A . 
D 4 HOH 5   207 5   HOH HOH A . 
D 4 HOH 6   208 6   HOH HOH A . 
D 4 HOH 7   209 7   HOH HOH A . 
D 4 HOH 8   210 8   HOH HOH A . 
D 4 HOH 9   211 9   HOH HOH A . 
D 4 HOH 10  212 10  HOH HOH A . 
D 4 HOH 11  213 11  HOH HOH A . 
D 4 HOH 12  214 12  HOH HOH A . 
D 4 HOH 13  215 13  HOH HOH A . 
D 4 HOH 14  216 14  HOH HOH A . 
D 4 HOH 15  217 15  HOH HOH A . 
D 4 HOH 16  218 16  HOH HOH A . 
D 4 HOH 17  219 17  HOH HOH A . 
D 4 HOH 18  220 18  HOH HOH A . 
D 4 HOH 19  221 19  HOH HOH A . 
D 4 HOH 20  222 20  HOH HOH A . 
D 4 HOH 21  223 21  HOH HOH A . 
D 4 HOH 22  224 22  HOH HOH A . 
D 4 HOH 23  225 23  HOH HOH A . 
D 4 HOH 24  226 24  HOH HOH A . 
D 4 HOH 25  227 25  HOH HOH A . 
D 4 HOH 26  228 26  HOH HOH A . 
D 4 HOH 27  229 27  HOH HOH A . 
D 4 HOH 28  230 28  HOH HOH A . 
D 4 HOH 29  231 29  HOH HOH A . 
D 4 HOH 30  232 30  HOH HOH A . 
D 4 HOH 31  233 31  HOH HOH A . 
D 4 HOH 32  234 32  HOH HOH A . 
D 4 HOH 33  235 33  HOH HOH A . 
D 4 HOH 34  236 34  HOH HOH A . 
D 4 HOH 35  237 35  HOH HOH A . 
D 4 HOH 36  238 36  HOH HOH A . 
D 4 HOH 37  239 37  HOH HOH A . 
D 4 HOH 38  240 38  HOH HOH A . 
D 4 HOH 39  241 39  HOH HOH A . 
D 4 HOH 40  242 40  HOH HOH A . 
D 4 HOH 41  243 41  HOH HOH A . 
D 4 HOH 42  244 42  HOH HOH A . 
D 4 HOH 43  245 43  HOH HOH A . 
D 4 HOH 44  246 44  HOH HOH A . 
D 4 HOH 45  247 45  HOH HOH A . 
D 4 HOH 46  248 46  HOH HOH A . 
D 4 HOH 47  249 47  HOH HOH A . 
D 4 HOH 48  250 48  HOH HOH A . 
D 4 HOH 49  251 49  HOH HOH A . 
D 4 HOH 50  252 50  HOH HOH A . 
D 4 HOH 51  253 51  HOH HOH A . 
D 4 HOH 52  254 52  HOH HOH A . 
D 4 HOH 53  255 53  HOH HOH A . 
D 4 HOH 54  256 54  HOH HOH A . 
D 4 HOH 55  257 55  HOH HOH A . 
D 4 HOH 56  258 56  HOH HOH A . 
D 4 HOH 57  259 57  HOH HOH A . 
D 4 HOH 58  260 58  HOH HOH A . 
D 4 HOH 59  261 59  HOH HOH A . 
D 4 HOH 60  262 60  HOH HOH A . 
D 4 HOH 61  263 61  HOH HOH A . 
D 4 HOH 62  264 62  HOH HOH A . 
D 4 HOH 63  265 63  HOH HOH A . 
D 4 HOH 64  266 64  HOH HOH A . 
D 4 HOH 65  267 65  HOH HOH A . 
D 4 HOH 66  268 66  HOH HOH A . 
D 4 HOH 67  269 67  HOH HOH A . 
D 4 HOH 68  270 68  HOH HOH A . 
D 4 HOH 69  271 69  HOH HOH A . 
D 4 HOH 70  272 70  HOH HOH A . 
D 4 HOH 71  273 71  HOH HOH A . 
D 4 HOH 72  274 72  HOH HOH A . 
D 4 HOH 73  275 73  HOH HOH A . 
D 4 HOH 74  276 74  HOH HOH A . 
D 4 HOH 75  277 75  HOH HOH A . 
D 4 HOH 76  278 76  HOH HOH A . 
D 4 HOH 77  279 77  HOH HOH A . 
D 4 HOH 78  280 78  HOH HOH A . 
D 4 HOH 79  281 79  HOH HOH A . 
D 4 HOH 80  282 80  HOH HOH A . 
D 4 HOH 81  283 81  HOH HOH A . 
D 4 HOH 82  284 82  HOH HOH A . 
D 4 HOH 83  285 83  HOH HOH A . 
D 4 HOH 84  286 84  HOH HOH A . 
D 4 HOH 85  287 85  HOH HOH A . 
D 4 HOH 86  288 86  HOH HOH A . 
D 4 HOH 87  289 87  HOH HOH A . 
D 4 HOH 88  290 88  HOH HOH A . 
D 4 HOH 89  291 89  HOH HOH A . 
D 4 HOH 90  292 90  HOH HOH A . 
D 4 HOH 91  293 91  HOH HOH A . 
D 4 HOH 92  294 92  HOH HOH A . 
D 4 HOH 93  295 93  HOH HOH A . 
D 4 HOH 94  296 94  HOH HOH A . 
D 4 HOH 95  297 95  HOH HOH A . 
D 4 HOH 96  298 96  HOH HOH A . 
D 4 HOH 97  299 97  HOH HOH A . 
D 4 HOH 98  300 98  HOH HOH A . 
D 4 HOH 99  301 99  HOH HOH A . 
D 4 HOH 100 302 100 HOH HOH A . 
D 4 HOH 101 303 101 HOH HOH A . 
D 4 HOH 102 304 102 HOH HOH A . 
D 4 HOH 103 305 103 HOH HOH A . 
D 4 HOH 104 306 104 HOH HOH A . 
D 4 HOH 105 307 105 HOH HOH A . 
D 4 HOH 106 308 106 HOH HOH A . 
D 4 HOH 107 309 107 HOH HOH A . 
D 4 HOH 108 310 108 HOH HOH A . 
D 4 HOH 109 311 109 HOH HOH A . 
D 4 HOH 110 312 110 HOH HOH A . 
D 4 HOH 111 313 111 HOH HOH A . 
D 4 HOH 112 314 112 HOH HOH A . 
D 4 HOH 113 315 113 HOH HOH A . 
D 4 HOH 114 316 114 HOH HOH A . 
D 4 HOH 115 317 115 HOH HOH A . 
D 4 HOH 116 318 116 HOH HOH A . 
D 4 HOH 117 319 117 HOH HOH A . 
D 4 HOH 118 320 118 HOH HOH A . 
D 4 HOH 119 321 119 HOH HOH A . 
D 4 HOH 120 322 120 HOH HOH A . 
D 4 HOH 121 323 121 HOH HOH A . 
D 4 HOH 122 324 122 HOH HOH A . 
D 4 HOH 123 325 123 HOH HOH A . 
D 4 HOH 124 326 124 HOH HOH A . 
D 4 HOH 125 327 125 HOH HOH A . 
D 4 HOH 126 328 126 HOH HOH A . 
D 4 HOH 127 329 127 HOH HOH A . 
D 4 HOH 128 330 128 HOH HOH A . 
D 4 HOH 129 331 129 HOH HOH A . 
D 4 HOH 130 332 130 HOH HOH A . 
D 4 HOH 131 333 131 HOH HOH A . 
D 4 HOH 132 334 132 HOH HOH A . 
D 4 HOH 133 335 133 HOH HOH A . 
D 4 HOH 134 336 134 HOH HOH A . 
D 4 HOH 135 337 135 HOH HOH A . 
D 4 HOH 136 338 136 HOH HOH A . 
D 4 HOH 137 339 137 HOH HOH A . 
D 4 HOH 138 340 138 HOH HOH A . 
D 4 HOH 139 341 139 HOH HOH A . 
# 
_pdbx_struct_assembly.id                   1 
_pdbx_struct_assembly.details              author_defined_assembly 
_pdbx_struct_assembly.method_details       ? 
_pdbx_struct_assembly.oligomeric_details   monomeric 
_pdbx_struct_assembly.oligomeric_count     1 
# 
_pdbx_struct_assembly_gen.assembly_id       1 
_pdbx_struct_assembly_gen.oper_expression   1 
_pdbx_struct_assembly_gen.asym_id_list      A,B,C,D 
# 
_pdbx_struct_oper_list.id                   1 
_pdbx_struct_oper_list.type                 'identity operation' 
_pdbx_struct_oper_list.name                 1_555 
_pdbx_struct_oper_list.symmetry_operation   x,y,z 
_pdbx_struct_oper_list.matrix[1][1]         1.0000000000 
_pdbx_struct_oper_list.matrix[1][2]         0.0000000000 
_pdbx_struct_oper_list.matrix[1][3]         0.0000000000 
_pdbx_struct_oper_list.vector[1]            0.0000000000 
_pdbx_struct_oper_list.matrix[2][1]         0.0000000000 
_pdbx_struct_oper_list.matrix[2][2]         1.0000000000 
_pdbx_struct_oper_list.matrix[2][3]         0.0000000000 
_pdbx_struct_oper_list.vector[2]            0.0000000000 
_pdbx_struct_oper_list.matrix[3][1]         0.0000000000 
_pdbx_struct_oper_list.matrix[3][2]         0.0000000000 
_pdbx_struct_oper_list.matrix[3][3]         1.0000000000 
_pdbx_struct_oper_list.vector[3]            0.0000000000 
# 
loop_
_pdbx_audit_revision_history.ordinal 
_pdbx_audit_revision_history.data_content_type 
_pdbx_audit_revision_history.major_revision 
_pdbx_audit_revision_history.minor_revision 
_pdbx_audit_revision_history.revision_date 
1 'Structure model' 1 0 2005-11-01 
2 'Structure model' 1 1 2008-04-30 
3 'Structure model' 1 2 2011-07-13 
4 'Structure model' 1 3 2023-08-23 
# 
_pdbx_audit_revision_details.ordinal             1 
_pdbx_audit_revision_details.revision_ordinal    1 
_pdbx_audit_revision_details.data_content_type   'Structure model' 
_pdbx_audit_revision_details.provider            repository 
_pdbx_audit_revision_details.type                'Initial release' 
_pdbx_audit_revision_details.description         ? 
_pdbx_audit_revision_details.details             ? 
# 
loop_
_pdbx_audit_revision_group.ordinal 
_pdbx_audit_revision_group.revision_ordinal 
_pdbx_audit_revision_group.data_content_type 
_pdbx_audit_revision_group.group 
1 2 'Structure model' 'Version format compliance' 
2 3 'Structure model' 'Non-polymer description'   
3 3 'Structure model' 'Version format compliance' 
4 4 'Structure model' 'Data collection'           
5 4 'Structure model' 'Database references'       
6 4 'Structure model' 'Derived calculations'      
7 4 'Structure model' 'Refinement description'    
# 
loop_
_pdbx_audit_revision_category.ordinal 
_pdbx_audit_revision_category.revision_ordinal 
_pdbx_audit_revision_category.data_content_type 
_pdbx_audit_revision_category.category 
1 4 'Structure model' chem_comp_atom                
2 4 'Structure model' chem_comp_bond                
3 4 'Structure model' database_2                    
4 4 'Structure model' pdbx_initial_refinement_model 
5 4 'Structure model' struct_site                   
# 
loop_
_pdbx_audit_revision_item.ordinal 
_pdbx_audit_revision_item.revision_ordinal 
_pdbx_audit_revision_item.data_content_type 
_pdbx_audit_revision_item.item 
1 4 'Structure model' '_database_2.pdbx_DOI'                
2 4 'Structure model' '_database_2.pdbx_database_accession' 
3 4 'Structure model' '_struct_site.pdbx_auth_asym_id'      
4 4 'Structure model' '_struct_site.pdbx_auth_comp_id'      
5 4 'Structure model' '_struct_site.pdbx_auth_seq_id'       
# 
loop_
_software.name 
_software.classification 
_software.version 
_software.citation_id 
_software.pdbx_ordinal 
REFMAC    refinement       5.1.24 ? 1 
HKL-2000  'data reduction' .      ? 2 
SCALEPACK 'data scaling'   .      ? 3 
MOLREP    phasing          .      ? 4 
# 
loop_
_pdbx_validate_rmsd_angle.id 
_pdbx_validate_rmsd_angle.PDB_model_num 
_pdbx_validate_rmsd_angle.auth_atom_id_1 
_pdbx_validate_rmsd_angle.auth_asym_id_1 
_pdbx_validate_rmsd_angle.auth_comp_id_1 
_pdbx_validate_rmsd_angle.auth_seq_id_1 
_pdbx_validate_rmsd_angle.PDB_ins_code_1 
_pdbx_validate_rmsd_angle.label_alt_id_1 
_pdbx_validate_rmsd_angle.auth_atom_id_2 
_pdbx_validate_rmsd_angle.auth_asym_id_2 
_pdbx_validate_rmsd_angle.auth_comp_id_2 
_pdbx_validate_rmsd_angle.auth_seq_id_2 
_pdbx_validate_rmsd_angle.PDB_ins_code_2 
_pdbx_validate_rmsd_angle.label_alt_id_2 
_pdbx_validate_rmsd_angle.auth_atom_id_3 
_pdbx_validate_rmsd_angle.auth_asym_id_3 
_pdbx_validate_rmsd_angle.auth_comp_id_3 
_pdbx_validate_rmsd_angle.auth_seq_id_3 
_pdbx_validate_rmsd_angle.PDB_ins_code_3 
_pdbx_validate_rmsd_angle.label_alt_id_3 
_pdbx_validate_rmsd_angle.angle_value 
_pdbx_validate_rmsd_angle.angle_target_value 
_pdbx_validate_rmsd_angle.angle_deviation 
_pdbx_validate_rmsd_angle.angle_standard_deviation 
_pdbx_validate_rmsd_angle.linker_flag 
1 1 CA A LEU 29 ? ? CB A LEU 29 ? B CG  A LEU 29 ? B 131.85 115.30 16.55 2.30 N 
2 1 NE A ARG 97 ? ? CZ A ARG 97 ? ? NH2 A ARG 97 ? ? 117.15 120.30 -3.15 0.50 N 
# 
_pdbx_validate_torsion.id              1 
_pdbx_validate_torsion.PDB_model_num   1 
_pdbx_validate_torsion.auth_comp_id    CYS 
_pdbx_validate_torsion.auth_asym_id    A 
_pdbx_validate_torsion.auth_seq_id     17 
_pdbx_validate_torsion.PDB_ins_code    ? 
_pdbx_validate_torsion.label_alt_id    ? 
_pdbx_validate_torsion.phi             -112.05 
_pdbx_validate_torsion.psi             -77.76 
# 
_pdbx_validate_peptide_omega.id               1 
_pdbx_validate_peptide_omega.PDB_model_num    1 
_pdbx_validate_peptide_omega.auth_comp_id_1   ALA 
_pdbx_validate_peptide_omega.auth_asym_id_1   A 
_pdbx_validate_peptide_omega.auth_seq_id_1    1 
_pdbx_validate_peptide_omega.PDB_ins_code_1   ? 
_pdbx_validate_peptide_omega.label_alt_id_1   ? 
_pdbx_validate_peptide_omega.auth_comp_id_2   GLU 
_pdbx_validate_peptide_omega.auth_asym_id_2   A 
_pdbx_validate_peptide_omega.auth_seq_id_2    2 
_pdbx_validate_peptide_omega.PDB_ins_code_2   ? 
_pdbx_validate_peptide_omega.label_alt_id_2   ? 
_pdbx_validate_peptide_omega.omega            -144.68 
# 
loop_
_chem_comp_atom.comp_id 
_chem_comp_atom.atom_id 
_chem_comp_atom.type_symbol 
_chem_comp_atom.pdbx_aromatic_flag 
_chem_comp_atom.pdbx_stereo_config 
_chem_comp_atom.pdbx_ordinal 
ALA N    N N N 1   
ALA CA   C N S 2   
ALA C    C N N 3   
ALA O    O N N 4   
ALA CB   C N N 5   
ALA OXT  O N N 6   
ALA H    H N N 7   
ALA H2   H N N 8   
ALA HA   H N N 9   
ALA HB1  H N N 10  
ALA HB2  H N N 11  
ALA HB3  H N N 12  
ALA HXT  H N N 13  
ARG N    N N N 14  
ARG CA   C N S 15  
ARG C    C N N 16  
ARG O    O N N 17  
ARG CB   C N N 18  
ARG CG   C N N 19  
ARG CD   C N N 20  
ARG NE   N N N 21  
ARG CZ   C N N 22  
ARG NH1  N N N 23  
ARG NH2  N N N 24  
ARG OXT  O N N 25  
ARG H    H N N 26  
ARG H2   H N N 27  
ARG HA   H N N 28  
ARG HB2  H N N 29  
ARG HB3  H N N 30  
ARG HG2  H N N 31  
ARG HG3  H N N 32  
ARG HD2  H N N 33  
ARG HD3  H N N 34  
ARG HE   H N N 35  
ARG HH11 H N N 36  
ARG HH12 H N N 37  
ARG HH21 H N N 38  
ARG HH22 H N N 39  
ARG HXT  H N N 40  
ASN N    N N N 41  
ASN CA   C N S 42  
ASN C    C N N 43  
ASN O    O N N 44  
ASN CB   C N N 45  
ASN CG   C N N 46  
ASN OD1  O N N 47  
ASN ND2  N N N 48  
ASN OXT  O N N 49  
ASN H    H N N 50  
ASN H2   H N N 51  
ASN HA   H N N 52  
ASN HB2  H N N 53  
ASN HB3  H N N 54  
ASN HD21 H N N 55  
ASN HD22 H N N 56  
ASN HXT  H N N 57  
ASP N    N N N 58  
ASP CA   C N S 59  
ASP C    C N N 60  
ASP O    O N N 61  
ASP CB   C N N 62  
ASP CG   C N N 63  
ASP OD1  O N N 64  
ASP OD2  O N N 65  
ASP OXT  O N N 66  
ASP H    H N N 67  
ASP H2   H N N 68  
ASP HA   H N N 69  
ASP HB2  H N N 70  
ASP HB3  H N N 71  
ASP HD2  H N N 72  
ASP HXT  H N N 73  
CYS N    N N N 74  
CYS CA   C N R 75  
CYS C    C N N 76  
CYS O    O N N 77  
CYS CB   C N N 78  
CYS SG   S N N 79  
CYS OXT  O N N 80  
CYS H    H N N 81  
CYS H2   H N N 82  
CYS HA   H N N 83  
CYS HB2  H N N 84  
CYS HB3  H N N 85  
CYS HG   H N N 86  
CYS HXT  H N N 87  
GLN N    N N N 88  
GLN CA   C N S 89  
GLN C    C N N 90  
GLN O    O N N 91  
GLN CB   C N N 92  
GLN CG   C N N 93  
GLN CD   C N N 94  
GLN OE1  O N N 95  
GLN NE2  N N N 96  
GLN OXT  O N N 97  
GLN H    H N N 98  
GLN H2   H N N 99  
GLN HA   H N N 100 
GLN HB2  H N N 101 
GLN HB3  H N N 102 
GLN HG2  H N N 103 
GLN HG3  H N N 104 
GLN HE21 H N N 105 
GLN HE22 H N N 106 
GLN HXT  H N N 107 
GLU N    N N N 108 
GLU CA   C N S 109 
GLU C    C N N 110 
GLU O    O N N 111 
GLU CB   C N N 112 
GLU CG   C N N 113 
GLU CD   C N N 114 
GLU OE1  O N N 115 
GLU OE2  O N N 116 
GLU OXT  O N N 117 
GLU H    H N N 118 
GLU H2   H N N 119 
GLU HA   H N N 120 
GLU HB2  H N N 121 
GLU HB3  H N N 122 
GLU HG2  H N N 123 
GLU HG3  H N N 124 
GLU HE2  H N N 125 
GLU HXT  H N N 126 
GLY N    N N N 127 
GLY CA   C N N 128 
GLY C    C N N 129 
GLY O    O N N 130 
GLY OXT  O N N 131 
GLY H    H N N 132 
GLY H2   H N N 133 
GLY HA2  H N N 134 
GLY HA3  H N N 135 
GLY HXT  H N N 136 
GOL C1   C N N 137 
GOL O1   O N N 138 
GOL C2   C N N 139 
GOL O2   O N N 140 
GOL C3   C N N 141 
GOL O3   O N N 142 
GOL H11  H N N 143 
GOL H12  H N N 144 
GOL HO1  H N N 145 
GOL H2   H N N 146 
GOL HO2  H N N 147 
GOL H31  H N N 148 
GOL H32  H N N 149 
GOL HO3  H N N 150 
HIS N    N N N 151 
HIS CA   C N S 152 
HIS C    C N N 153 
HIS O    O N N 154 
HIS CB   C N N 155 
HIS CG   C Y N 156 
HIS ND1  N Y N 157 
HIS CD2  C Y N 158 
HIS CE1  C Y N 159 
HIS NE2  N Y N 160 
HIS OXT  O N N 161 
HIS H    H N N 162 
HIS H2   H N N 163 
HIS HA   H N N 164 
HIS HB2  H N N 165 
HIS HB3  H N N 166 
HIS HD1  H N N 167 
HIS HD2  H N N 168 
HIS HE1  H N N 169 
HIS HE2  H N N 170 
HIS HXT  H N N 171 
HOH O    O N N 172 
HOH H1   H N N 173 
HOH H2   H N N 174 
ILE N    N N N 175 
ILE CA   C N S 176 
ILE C    C N N 177 
ILE O    O N N 178 
ILE CB   C N S 179 
ILE CG1  C N N 180 
ILE CG2  C N N 181 
ILE CD1  C N N 182 
ILE OXT  O N N 183 
ILE H    H N N 184 
ILE H2   H N N 185 
ILE HA   H N N 186 
ILE HB   H N N 187 
ILE HG12 H N N 188 
ILE HG13 H N N 189 
ILE HG21 H N N 190 
ILE HG22 H N N 191 
ILE HG23 H N N 192 
ILE HD11 H N N 193 
ILE HD12 H N N 194 
ILE HD13 H N N 195 
ILE HXT  H N N 196 
LEU N    N N N 197 
LEU CA   C N S 198 
LEU C    C N N 199 
LEU O    O N N 200 
LEU CB   C N N 201 
LEU CG   C N N 202 
LEU CD1  C N N 203 
LEU CD2  C N N 204 
LEU OXT  O N N 205 
LEU H    H N N 206 
LEU H2   H N N 207 
LEU HA   H N N 208 
LEU HB2  H N N 209 
LEU HB3  H N N 210 
LEU HG   H N N 211 
LEU HD11 H N N 212 
LEU HD12 H N N 213 
LEU HD13 H N N 214 
LEU HD21 H N N 215 
LEU HD22 H N N 216 
LEU HD23 H N N 217 
LEU HXT  H N N 218 
LYS N    N N N 219 
LYS CA   C N S 220 
LYS C    C N N 221 
LYS O    O N N 222 
LYS CB   C N N 223 
LYS CG   C N N 224 
LYS CD   C N N 225 
LYS CE   C N N 226 
LYS NZ   N N N 227 
LYS OXT  O N N 228 
LYS H    H N N 229 
LYS H2   H N N 230 
LYS HA   H N N 231 
LYS HB2  H N N 232 
LYS HB3  H N N 233 
LYS HG2  H N N 234 
LYS HG3  H N N 235 
LYS HD2  H N N 236 
LYS HD3  H N N 237 
LYS HE2  H N N 238 
LYS HE3  H N N 239 
LYS HZ1  H N N 240 
LYS HZ2  H N N 241 
LYS HZ3  H N N 242 
LYS HXT  H N N 243 
MET N    N N N 244 
MET CA   C N S 245 
MET C    C N N 246 
MET O    O N N 247 
MET CB   C N N 248 
MET CG   C N N 249 
MET SD   S N N 250 
MET CE   C N N 251 
MET OXT  O N N 252 
MET H    H N N 253 
MET H2   H N N 254 
MET HA   H N N 255 
MET HB2  H N N 256 
MET HB3  H N N 257 
MET HG2  H N N 258 
MET HG3  H N N 259 
MET HE1  H N N 260 
MET HE2  H N N 261 
MET HE3  H N N 262 
MET HXT  H N N 263 
PHE N    N N N 264 
PHE CA   C N S 265 
PHE C    C N N 266 
PHE O    O N N 267 
PHE CB   C N N 268 
PHE CG   C Y N 269 
PHE CD1  C Y N 270 
PHE CD2  C Y N 271 
PHE CE1  C Y N 272 
PHE CE2  C Y N 273 
PHE CZ   C Y N 274 
PHE OXT  O N N 275 
PHE H    H N N 276 
PHE H2   H N N 277 
PHE HA   H N N 278 
PHE HB2  H N N 279 
PHE HB3  H N N 280 
PHE HD1  H N N 281 
PHE HD2  H N N 282 
PHE HE1  H N N 283 
PHE HE2  H N N 284 
PHE HZ   H N N 285 
PHE HXT  H N N 286 
PRO N    N N N 287 
PRO CA   C N S 288 
PRO C    C N N 289 
PRO O    O N N 290 
PRO CB   C N N 291 
PRO CG   C N N 292 
PRO CD   C N N 293 
PRO OXT  O N N 294 
PRO H    H N N 295 
PRO HA   H N N 296 
PRO HB2  H N N 297 
PRO HB3  H N N 298 
PRO HG2  H N N 299 
PRO HG3  H N N 300 
PRO HD2  H N N 301 
PRO HD3  H N N 302 
PRO HXT  H N N 303 
SER N    N N N 304 
SER CA   C N S 305 
SER C    C N N 306 
SER O    O N N 307 
SER CB   C N N 308 
SER OG   O N N 309 
SER OXT  O N N 310 
SER H    H N N 311 
SER H2   H N N 312 
SER HA   H N N 313 
SER HB2  H N N 314 
SER HB3  H N N 315 
SER HG   H N N 316 
SER HXT  H N N 317 
SO4 S    S N N 318 
SO4 O1   O N N 319 
SO4 O2   O N N 320 
SO4 O3   O N N 321 
SO4 O4   O N N 322 
THR N    N N N 323 
THR CA   C N S 324 
THR C    C N N 325 
THR O    O N N 326 
THR CB   C N R 327 
THR OG1  O N N 328 
THR CG2  C N N 329 
THR OXT  O N N 330 
THR H    H N N 331 
THR H2   H N N 332 
THR HA   H N N 333 
THR HB   H N N 334 
THR HG1  H N N 335 
THR HG21 H N N 336 
THR HG22 H N N 337 
THR HG23 H N N 338 
THR HXT  H N N 339 
TRP N    N N N 340 
TRP CA   C N S 341 
TRP C    C N N 342 
TRP O    O N N 343 
TRP CB   C N N 344 
TRP CG   C Y N 345 
TRP CD1  C Y N 346 
TRP CD2  C Y N 347 
TRP NE1  N Y N 348 
TRP CE2  C Y N 349 
TRP CE3  C Y N 350 
TRP CZ2  C Y N 351 
TRP CZ3  C Y N 352 
TRP CH2  C Y N 353 
TRP OXT  O N N 354 
TRP H    H N N 355 
TRP H2   H N N 356 
TRP HA   H N N 357 
TRP HB2  H N N 358 
TRP HB3  H N N 359 
TRP HD1  H N N 360 
TRP HE1  H N N 361 
TRP HE3  H N N 362 
TRP HZ2  H N N 363 
TRP HZ3  H N N 364 
TRP HH2  H N N 365 
TRP HXT  H N N 366 
TYR N    N N N 367 
TYR CA   C N S 368 
TYR C    C N N 369 
TYR O    O N N 370 
TYR CB   C N N 371 
TYR CG   C Y N 372 
TYR CD1  C Y N 373 
TYR CD2  C Y N 374 
TYR CE1  C Y N 375 
TYR CE2  C Y N 376 
TYR CZ   C Y N 377 
TYR OH   O N N 378 
TYR OXT  O N N 379 
TYR H    H N N 380 
TYR H2   H N N 381 
TYR HA   H N N 382 
TYR HB2  H N N 383 
TYR HB3  H N N 384 
TYR HD1  H N N 385 
TYR HD2  H N N 386 
TYR HE1  H N N 387 
TYR HE2  H N N 388 
TYR HH   H N N 389 
TYR HXT  H N N 390 
VAL N    N N N 391 
VAL CA   C N S 392 
VAL C    C N N 393 
VAL O    O N N 394 
VAL CB   C N N 395 
VAL CG1  C N N 396 
VAL CG2  C N N 397 
VAL OXT  O N N 398 
VAL H    H N N 399 
VAL H2   H N N 400 
VAL HA   H N N 401 
VAL HB   H N N 402 
VAL HG11 H N N 403 
VAL HG12 H N N 404 
VAL HG13 H N N 405 
VAL HG21 H N N 406 
VAL HG22 H N N 407 
VAL HG23 H N N 408 
VAL HXT  H N N 409 
# 
loop_
_chem_comp_bond.comp_id 
_chem_comp_bond.atom_id_1 
_chem_comp_bond.atom_id_2 
_chem_comp_bond.value_order 
_chem_comp_bond.pdbx_aromatic_flag 
_chem_comp_bond.pdbx_stereo_config 
_chem_comp_bond.pdbx_ordinal 
ALA N   CA   sing N N 1   
ALA N   H    sing N N 2   
ALA N   H2   sing N N 3   
ALA CA  C    sing N N 4   
ALA CA  CB   sing N N 5   
ALA CA  HA   sing N N 6   
ALA C   O    doub N N 7   
ALA C   OXT  sing N N 8   
ALA CB  HB1  sing N N 9   
ALA CB  HB2  sing N N 10  
ALA CB  HB3  sing N N 11  
ALA OXT HXT  sing N N 12  
ARG N   CA   sing N N 13  
ARG N   H    sing N N 14  
ARG N   H2   sing N N 15  
ARG CA  C    sing N N 16  
ARG CA  CB   sing N N 17  
ARG CA  HA   sing N N 18  
ARG C   O    doub N N 19  
ARG C   OXT  sing N N 20  
ARG CB  CG   sing N N 21  
ARG CB  HB2  sing N N 22  
ARG CB  HB3  sing N N 23  
ARG CG  CD   sing N N 24  
ARG CG  HG2  sing N N 25  
ARG CG  HG3  sing N N 26  
ARG CD  NE   sing N N 27  
ARG CD  HD2  sing N N 28  
ARG CD  HD3  sing N N 29  
ARG NE  CZ   sing N N 30  
ARG NE  HE   sing N N 31  
ARG CZ  NH1  sing N N 32  
ARG CZ  NH2  doub N N 33  
ARG NH1 HH11 sing N N 34  
ARG NH1 HH12 sing N N 35  
ARG NH2 HH21 sing N N 36  
ARG NH2 HH22 sing N N 37  
ARG OXT HXT  sing N N 38  
ASN N   CA   sing N N 39  
ASN N   H    sing N N 40  
ASN N   H2   sing N N 41  
ASN CA  C    sing N N 42  
ASN CA  CB   sing N N 43  
ASN CA  HA   sing N N 44  
ASN C   O    doub N N 45  
ASN C   OXT  sing N N 46  
ASN CB  CG   sing N N 47  
ASN CB  HB2  sing N N 48  
ASN CB  HB3  sing N N 49  
ASN CG  OD1  doub N N 50  
ASN CG  ND2  sing N N 51  
ASN ND2 HD21 sing N N 52  
ASN ND2 HD22 sing N N 53  
ASN OXT HXT  sing N N 54  
ASP N   CA   sing N N 55  
ASP N   H    sing N N 56  
ASP N   H2   sing N N 57  
ASP CA  C    sing N N 58  
ASP CA  CB   sing N N 59  
ASP CA  HA   sing N N 60  
ASP C   O    doub N N 61  
ASP C   OXT  sing N N 62  
ASP CB  CG   sing N N 63  
ASP CB  HB2  sing N N 64  
ASP CB  HB3  sing N N 65  
ASP CG  OD1  doub N N 66  
ASP CG  OD2  sing N N 67  
ASP OD2 HD2  sing N N 68  
ASP OXT HXT  sing N N 69  
CYS N   CA   sing N N 70  
CYS N   H    sing N N 71  
CYS N   H2   sing N N 72  
CYS CA  C    sing N N 73  
CYS CA  CB   sing N N 74  
CYS CA  HA   sing N N 75  
CYS C   O    doub N N 76  
CYS C   OXT  sing N N 77  
CYS CB  SG   sing N N 78  
CYS CB  HB2  sing N N 79  
CYS CB  HB3  sing N N 80  
CYS SG  HG   sing N N 81  
CYS OXT HXT  sing N N 82  
GLN N   CA   sing N N 83  
GLN N   H    sing N N 84  
GLN N   H2   sing N N 85  
GLN CA  C    sing N N 86  
GLN CA  CB   sing N N 87  
GLN CA  HA   sing N N 88  
GLN C   O    doub N N 89  
GLN C   OXT  sing N N 90  
GLN CB  CG   sing N N 91  
GLN CB  HB2  sing N N 92  
GLN CB  HB3  sing N N 93  
GLN CG  CD   sing N N 94  
GLN CG  HG2  sing N N 95  
GLN CG  HG3  sing N N 96  
GLN CD  OE1  doub N N 97  
GLN CD  NE2  sing N N 98  
GLN NE2 HE21 sing N N 99  
GLN NE2 HE22 sing N N 100 
GLN OXT HXT  sing N N 101 
GLU N   CA   sing N N 102 
GLU N   H    sing N N 103 
GLU N   H2   sing N N 104 
GLU CA  C    sing N N 105 
GLU CA  CB   sing N N 106 
GLU CA  HA   sing N N 107 
GLU C   O    doub N N 108 
GLU C   OXT  sing N N 109 
GLU CB  CG   sing N N 110 
GLU CB  HB2  sing N N 111 
GLU CB  HB3  sing N N 112 
GLU CG  CD   sing N N 113 
GLU CG  HG2  sing N N 114 
GLU CG  HG3  sing N N 115 
GLU CD  OE1  doub N N 116 
GLU CD  OE2  sing N N 117 
GLU OE2 HE2  sing N N 118 
GLU OXT HXT  sing N N 119 
GLY N   CA   sing N N 120 
GLY N   H    sing N N 121 
GLY N   H2   sing N N 122 
GLY CA  C    sing N N 123 
GLY CA  HA2  sing N N 124 
GLY CA  HA3  sing N N 125 
GLY C   O    doub N N 126 
GLY C   OXT  sing N N 127 
GLY OXT HXT  sing N N 128 
GOL C1  O1   sing N N 129 
GOL C1  C2   sing N N 130 
GOL C1  H11  sing N N 131 
GOL C1  H12  sing N N 132 
GOL O1  HO1  sing N N 133 
GOL C2  O2   sing N N 134 
GOL C2  C3   sing N N 135 
GOL C2  H2   sing N N 136 
GOL O2  HO2  sing N N 137 
GOL C3  O3   sing N N 138 
GOL C3  H31  sing N N 139 
GOL C3  H32  sing N N 140 
GOL O3  HO3  sing N N 141 
HIS N   CA   sing N N 142 
HIS N   H    sing N N 143 
HIS N   H2   sing N N 144 
HIS CA  C    sing N N 145 
HIS CA  CB   sing N N 146 
HIS CA  HA   sing N N 147 
HIS C   O    doub N N 148 
HIS C   OXT  sing N N 149 
HIS CB  CG   sing N N 150 
HIS CB  HB2  sing N N 151 
HIS CB  HB3  sing N N 152 
HIS CG  ND1  sing Y N 153 
HIS CG  CD2  doub Y N 154 
HIS ND1 CE1  doub Y N 155 
HIS ND1 HD1  sing N N 156 
HIS CD2 NE2  sing Y N 157 
HIS CD2 HD2  sing N N 158 
HIS CE1 NE2  sing Y N 159 
HIS CE1 HE1  sing N N 160 
HIS NE2 HE2  sing N N 161 
HIS OXT HXT  sing N N 162 
HOH O   H1   sing N N 163 
HOH O   H2   sing N N 164 
ILE N   CA   sing N N 165 
ILE N   H    sing N N 166 
ILE N   H2   sing N N 167 
ILE CA  C    sing N N 168 
ILE CA  CB   sing N N 169 
ILE CA  HA   sing N N 170 
ILE C   O    doub N N 171 
ILE C   OXT  sing N N 172 
ILE CB  CG1  sing N N 173 
ILE CB  CG2  sing N N 174 
ILE CB  HB   sing N N 175 
ILE CG1 CD1  sing N N 176 
ILE CG1 HG12 sing N N 177 
ILE CG1 HG13 sing N N 178 
ILE CG2 HG21 sing N N 179 
ILE CG2 HG22 sing N N 180 
ILE CG2 HG23 sing N N 181 
ILE CD1 HD11 sing N N 182 
ILE CD1 HD12 sing N N 183 
ILE CD1 HD13 sing N N 184 
ILE OXT HXT  sing N N 185 
LEU N   CA   sing N N 186 
LEU N   H    sing N N 187 
LEU N   H2   sing N N 188 
LEU CA  C    sing N N 189 
LEU CA  CB   sing N N 190 
LEU CA  HA   sing N N 191 
LEU C   O    doub N N 192 
LEU C   OXT  sing N N 193 
LEU CB  CG   sing N N 194 
LEU CB  HB2  sing N N 195 
LEU CB  HB3  sing N N 196 
LEU CG  CD1  sing N N 197 
LEU CG  CD2  sing N N 198 
LEU CG  HG   sing N N 199 
LEU CD1 HD11 sing N N 200 
LEU CD1 HD12 sing N N 201 
LEU CD1 HD13 sing N N 202 
LEU CD2 HD21 sing N N 203 
LEU CD2 HD22 sing N N 204 
LEU CD2 HD23 sing N N 205 
LEU OXT HXT  sing N N 206 
LYS N   CA   sing N N 207 
LYS N   H    sing N N 208 
LYS N   H2   sing N N 209 
LYS CA  C    sing N N 210 
LYS CA  CB   sing N N 211 
LYS CA  HA   sing N N 212 
LYS C   O    doub N N 213 
LYS C   OXT  sing N N 214 
LYS CB  CG   sing N N 215 
LYS CB  HB2  sing N N 216 
LYS CB  HB3  sing N N 217 
LYS CG  CD   sing N N 218 
LYS CG  HG2  sing N N 219 
LYS CG  HG3  sing N N 220 
LYS CD  CE   sing N N 221 
LYS CD  HD2  sing N N 222 
LYS CD  HD3  sing N N 223 
LYS CE  NZ   sing N N 224 
LYS CE  HE2  sing N N 225 
LYS CE  HE3  sing N N 226 
LYS NZ  HZ1  sing N N 227 
LYS NZ  HZ2  sing N N 228 
LYS NZ  HZ3  sing N N 229 
LYS OXT HXT  sing N N 230 
MET N   CA   sing N N 231 
MET N   H    sing N N 232 
MET N   H2   sing N N 233 
MET CA  C    sing N N 234 
MET CA  CB   sing N N 235 
MET CA  HA   sing N N 236 
MET C   O    doub N N 237 
MET C   OXT  sing N N 238 
MET CB  CG   sing N N 239 
MET CB  HB2  sing N N 240 
MET CB  HB3  sing N N 241 
MET CG  SD   sing N N 242 
MET CG  HG2  sing N N 243 
MET CG  HG3  sing N N 244 
MET SD  CE   sing N N 245 
MET CE  HE1  sing N N 246 
MET CE  HE2  sing N N 247 
MET CE  HE3  sing N N 248 
MET OXT HXT  sing N N 249 
PHE N   CA   sing N N 250 
PHE N   H    sing N N 251 
PHE N   H2   sing N N 252 
PHE CA  C    sing N N 253 
PHE CA  CB   sing N N 254 
PHE CA  HA   sing N N 255 
PHE C   O    doub N N 256 
PHE C   OXT  sing N N 257 
PHE CB  CG   sing N N 258 
PHE CB  HB2  sing N N 259 
PHE CB  HB3  sing N N 260 
PHE CG  CD1  doub Y N 261 
PHE CG  CD2  sing Y N 262 
PHE CD1 CE1  sing Y N 263 
PHE CD1 HD1  sing N N 264 
PHE CD2 CE2  doub Y N 265 
PHE CD2 HD2  sing N N 266 
PHE CE1 CZ   doub Y N 267 
PHE CE1 HE1  sing N N 268 
PHE CE2 CZ   sing Y N 269 
PHE CE2 HE2  sing N N 270 
PHE CZ  HZ   sing N N 271 
PHE OXT HXT  sing N N 272 
PRO N   CA   sing N N 273 
PRO N   CD   sing N N 274 
PRO N   H    sing N N 275 
PRO CA  C    sing N N 276 
PRO CA  CB   sing N N 277 
PRO CA  HA   sing N N 278 
PRO C   O    doub N N 279 
PRO C   OXT  sing N N 280 
PRO CB  CG   sing N N 281 
PRO CB  HB2  sing N N 282 
PRO CB  HB3  sing N N 283 
PRO CG  CD   sing N N 284 
PRO CG  HG2  sing N N 285 
PRO CG  HG3  sing N N 286 
PRO CD  HD2  sing N N 287 
PRO CD  HD3  sing N N 288 
PRO OXT HXT  sing N N 289 
SER N   CA   sing N N 290 
SER N   H    sing N N 291 
SER N   H2   sing N N 292 
SER CA  C    sing N N 293 
SER CA  CB   sing N N 294 
SER CA  HA   sing N N 295 
SER C   O    doub N N 296 
SER C   OXT  sing N N 297 
SER CB  OG   sing N N 298 
SER CB  HB2  sing N N 299 
SER CB  HB3  sing N N 300 
SER OG  HG   sing N N 301 
SER OXT HXT  sing N N 302 
SO4 S   O1   doub N N 303 
SO4 S   O2   doub N N 304 
SO4 S   O3   sing N N 305 
SO4 S   O4   sing N N 306 
THR N   CA   sing N N 307 
THR N   H    sing N N 308 
THR N   H2   sing N N 309 
THR CA  C    sing N N 310 
THR CA  CB   sing N N 311 
THR CA  HA   sing N N 312 
THR C   O    doub N N 313 
THR C   OXT  sing N N 314 
THR CB  OG1  sing N N 315 
THR CB  CG2  sing N N 316 
THR CB  HB   sing N N 317 
THR OG1 HG1  sing N N 318 
THR CG2 HG21 sing N N 319 
THR CG2 HG22 sing N N 320 
THR CG2 HG23 sing N N 321 
THR OXT HXT  sing N N 322 
TRP N   CA   sing N N 323 
TRP N   H    sing N N 324 
TRP N   H2   sing N N 325 
TRP CA  C    sing N N 326 
TRP CA  CB   sing N N 327 
TRP CA  HA   sing N N 328 
TRP C   O    doub N N 329 
TRP C   OXT  sing N N 330 
TRP CB  CG   sing N N 331 
TRP CB  HB2  sing N N 332 
TRP CB  HB3  sing N N 333 
TRP CG  CD1  doub Y N 334 
TRP CG  CD2  sing Y N 335 
TRP CD1 NE1  sing Y N 336 
TRP CD1 HD1  sing N N 337 
TRP CD2 CE2  doub Y N 338 
TRP CD2 CE3  sing Y N 339 
TRP NE1 CE2  sing Y N 340 
TRP NE1 HE1  sing N N 341 
TRP CE2 CZ2  sing Y N 342 
TRP CE3 CZ3  doub Y N 343 
TRP CE3 HE3  sing N N 344 
TRP CZ2 CH2  doub Y N 345 
TRP CZ2 HZ2  sing N N 346 
TRP CZ3 CH2  sing Y N 347 
TRP CZ3 HZ3  sing N N 348 
TRP CH2 HH2  sing N N 349 
TRP OXT HXT  sing N N 350 
TYR N   CA   sing N N 351 
TYR N   H    sing N N 352 
TYR N   H2   sing N N 353 
TYR CA  C    sing N N 354 
TYR CA  CB   sing N N 355 
TYR CA  HA   sing N N 356 
TYR C   O    doub N N 357 
TYR C   OXT  sing N N 358 
TYR CB  CG   sing N N 359 
TYR CB  HB2  sing N N 360 
TYR CB  HB3  sing N N 361 
TYR CG  CD1  doub Y N 362 
TYR CG  CD2  sing Y N 363 
TYR CD1 CE1  sing Y N 364 
TYR CD1 HD1  sing N N 365 
TYR CD2 CE2  doub Y N 366 
TYR CD2 HD2  sing N N 367 
TYR CE1 CZ   doub Y N 368 
TYR CE1 HE1  sing N N 369 
TYR CE2 CZ   sing Y N 370 
TYR CE2 HE2  sing N N 371 
TYR CZ  OH   sing N N 372 
TYR OH  HH   sing N N 373 
TYR OXT HXT  sing N N 374 
VAL N   CA   sing N N 375 
VAL N   H    sing N N 376 
VAL N   H2   sing N N 377 
VAL CA  C    sing N N 378 
VAL CA  CB   sing N N 379 
VAL CA  HA   sing N N 380 
VAL C   O    doub N N 381 
VAL C   OXT  sing N N 382 
VAL CB  CG1  sing N N 383 
VAL CB  CG2  sing N N 384 
VAL CB  HB   sing N N 385 
VAL CG1 HG11 sing N N 386 
VAL CG1 HG12 sing N N 387 
VAL CG1 HG13 sing N N 388 
VAL CG2 HG21 sing N N 389 
VAL CG2 HG22 sing N N 390 
VAL CG2 HG23 sing N N 391 
VAL OXT HXT  sing N N 392 
# 
loop_
_pdbx_entity_nonpoly.entity_id 
_pdbx_entity_nonpoly.name 
_pdbx_entity_nonpoly.comp_id 
2 'SULFATE ION' SO4 
3 GLYCEROL      GOL 
4 water         HOH 
# 
_pdbx_initial_refinement_model.id               1 
_pdbx_initial_refinement_model.entity_id_list   ? 
_pdbx_initial_refinement_model.type             'experimental model' 
_pdbx_initial_refinement_model.source_name      PDB 
_pdbx_initial_refinement_model.accession_code   5PNT 
_pdbx_initial_refinement_model.details          'pdb entry 5pnt' 
# 
